data_3EY2
# 
_entry.id   3EY2 
# 
_audit_conform.dict_name       mmcif_pdbx.dic 
_audit_conform.dict_version    5.378 
_audit_conform.dict_location   http://mmcif.pdb.org/dictionaries/ascii/mmcif_pdbx.dic 
# 
loop_
_database_2.database_id 
_database_2.database_code 
_database_2.pdbx_database_accession 
_database_2.pdbx_DOI 
PDB   3EY2         pdb_00003ey2 10.2210/pdb3ey2/pdb 
NDB   AD0074       ?            ?                   
RCSB  RCSB049910   ?            ?                   
WWPDB D_1000049910 ?            ?                   
# 
loop_
_pdbx_database_related.db_name 
_pdbx_database_related.db_id 
_pdbx_database_related.details 
_pdbx_database_related.content_type 
PDB 3EY2 . unspecified 
PDB 3EY3 . unspecified 
# 
_pdbx_database_status.status_code                     REL 
_pdbx_database_status.entry_id                        3EY2 
_pdbx_database_status.recvd_initial_deposition_date   2008-10-17 
_pdbx_database_status.deposit_site                    RCSB 
_pdbx_database_status.process_site                    RCSB 
_pdbx_database_status.status_code_sf                  REL 
_pdbx_database_status.status_code_mr                  ? 
_pdbx_database_status.SG_entry                        ? 
_pdbx_database_status.pdb_format_compatible           Y 
_pdbx_database_status.status_code_cs                  ? 
_pdbx_database_status.methods_development_category    ? 
_pdbx_database_status.status_code_nmr_data            ? 
# 
loop_
_audit_author.name 
_audit_author.pdbx_ordinal 
'Egli, M.'     1 
'Pallan, P.S.' 2 
# 
_citation.id                        primary 
_citation.title                     
;A conformational transition in the structure of a 2'-thiomethyl-modified DNA visualized at high resolution.
;
_citation.journal_abbrev            'Chem.Commun.(Camb.)' 
_citation.journal_volume            15 
_citation.page_first                2017 
_citation.page_last                 2019 
_citation.year                      2009 
_citation.journal_id_ASTM           ? 
_citation.country                   UK 
_citation.journal_id_ISSN           1359-7345 
_citation.journal_id_CSD            ? 
_citation.book_publisher            ? 
_citation.pdbx_database_id_PubMed   19333476 
_citation.pdbx_database_id_DOI      10.1039/b822781k 
# 
loop_
_citation_author.citation_id 
_citation_author.name 
_citation_author.ordinal 
_citation_author.identifier_ORCID 
primary 'Pallan, P.S.'  1 ? 
primary 'Prakash, T.P.' 2 ? 
primary 'Li, F.'        3 ? 
primary 'Eoff, R.L.'    4 ? 
primary 'Manoharan, M.' 5 ? 
primary 'Egli, M.'      6 ? 
# 
_cell.entry_id           3EY2 
_cell.length_a           24.690 
_cell.length_b           42.920 
_cell.length_c           46.120 
_cell.angle_alpha        90.00 
_cell.angle_beta         90.00 
_cell.angle_gamma        90.00 
_cell.Z_PDB              8 
_cell.pdbx_unique_axis   ? 
_cell.length_a_esd       ? 
_cell.length_b_esd       ? 
_cell.length_c_esd       ? 
_cell.angle_alpha_esd    ? 
_cell.angle_beta_esd     ? 
_cell.angle_gamma_esd    ? 
# 
_symmetry.entry_id                         3EY2 
_symmetry.space_group_name_H-M             'P 21 21 21' 
_symmetry.pdbx_full_space_group_name_H-M   ? 
_symmetry.cell_setting                     ? 
_symmetry.Int_Tables_number                19 
_symmetry.space_group_name_Hall            ? 
# 
loop_
_entity.id 
_entity.type 
_entity.src_method 
_entity.pdbx_description 
_entity.formula_weight 
_entity.pdbx_number_of_molecules 
_entity.pdbx_ec 
_entity.pdbx_mutation 
_entity.pdbx_fragment 
_entity.details 
1 polymer     syn "5'-D(*GP*CP*GP*TP*AP*(USM)P*AP*CP*GP*C)-3'" 3077.070 2   ? ? ? ? 
2 non-polymer syn N-methylpropane-1,3-diamine                  88.151   1   ? ? ? ? 
3 water       nat water                                        18.015   133 ? ? ? ? 
# 
_entity_poly.entity_id                      1 
_entity_poly.type                           polydeoxyribonucleotide 
_entity_poly.nstd_linkage                   no 
_entity_poly.nstd_monomer                   yes 
_entity_poly.pdbx_seq_one_letter_code       '(DG)(DC)(DG)(DT)(DA)(USM)(DA)(DC)(DG)(DC)' 
_entity_poly.pdbx_seq_one_letter_code_can   GCGTAUACGC 
_entity_poly.pdbx_strand_id                 A,B 
_entity_poly.pdbx_target_identifier         ? 
# 
loop_
_entity_poly_seq.entity_id 
_entity_poly_seq.num 
_entity_poly_seq.mon_id 
_entity_poly_seq.hetero 
1 1  DG  n 
1 2  DC  n 
1 3  DG  n 
1 4  DT  n 
1 5  DA  n 
1 6  USM n 
1 7  DA  n 
1 8  DC  n 
1 9  DG  n 
1 10 DC  n 
# 
_pdbx_entity_src_syn.entity_id              1 
_pdbx_entity_src_syn.pdbx_src_id            1 
_pdbx_entity_src_syn.pdbx_alt_source_flag   sample 
_pdbx_entity_src_syn.pdbx_beg_seq_num       ? 
_pdbx_entity_src_syn.pdbx_end_seq_num       ? 
_pdbx_entity_src_syn.organism_scientific    ? 
_pdbx_entity_src_syn.organism_common_name   ? 
_pdbx_entity_src_syn.ncbi_taxonomy_id       ? 
_pdbx_entity_src_syn.details                'Chemically synthesized modified DNA (oligonucleotide)' 
# 
_struct_ref.id                         1 
_struct_ref.db_name                    PDB 
_struct_ref.db_code                    3EY2 
_struct_ref.pdbx_db_accession          3EY2 
_struct_ref.entity_id                  1 
_struct_ref.pdbx_align_begin           1 
_struct_ref.pdbx_seq_one_letter_code   GCGTAUACGC 
_struct_ref.pdbx_db_isoform            ? 
# 
loop_
_struct_ref_seq.align_id 
_struct_ref_seq.ref_id 
_struct_ref_seq.pdbx_PDB_id_code 
_struct_ref_seq.pdbx_strand_id 
_struct_ref_seq.seq_align_beg 
_struct_ref_seq.pdbx_seq_align_beg_ins_code 
_struct_ref_seq.seq_align_end 
_struct_ref_seq.pdbx_seq_align_end_ins_code 
_struct_ref_seq.pdbx_db_accession 
_struct_ref_seq.db_align_beg 
_struct_ref_seq.pdbx_db_align_beg_ins_code 
_struct_ref_seq.db_align_end 
_struct_ref_seq.pdbx_db_align_end_ins_code 
_struct_ref_seq.pdbx_auth_seq_align_beg 
_struct_ref_seq.pdbx_auth_seq_align_end 
1 1 3EY2 A 1 ? 10 ? 3EY2 101 ? 110 ? 101 110 
2 1 3EY2 B 1 ? 10 ? 3EY2 201 ? 210 ? 201 210 
# 
loop_
_chem_comp.id 
_chem_comp.type 
_chem_comp.mon_nstd_flag 
_chem_comp.name 
_chem_comp.pdbx_synonyms 
_chem_comp.formula 
_chem_comp.formula_weight 
DA  'DNA linking' y "2'-DEOXYADENOSINE-5'-MONOPHOSPHATE"                   ? 'C10 H14 N5 O6 P'   331.222 
DC  'DNA linking' y "2'-DEOXYCYTIDINE-5'-MONOPHOSPHATE"                    ? 'C9 H14 N3 O7 P'    307.197 
DG  'DNA linking' y "2'-DEOXYGUANOSINE-5'-MONOPHOSPHATE"                   ? 'C10 H14 N5 O7 P'   347.221 
DT  'DNA linking' y "THYMIDINE-5'-MONOPHOSPHATE"                           ? 'C10 H15 N2 O8 P'   322.208 
HOH non-polymer   . WATER                                                  ? 'H2 O'              18.015  
N3D non-polymer   . N-methylpropane-1,3-diamine                            ? 'C4 H12 N2'         88.151  
USM 'DNA linking' n 
;2'-S-methyl-2'-thiouridine 5'-(dihydrogen phosphate)
;
? 'C10 H15 N2 O8 P S' 354.273 
# 
_exptl.entry_id          3EY2 
_exptl.method            'X-RAY DIFFRACTION' 
_exptl.crystals_number   1 
# 
_exptl_crystal.id                    1 
_exptl_crystal.density_meas          ? 
_exptl_crystal.density_Matthews      1.99 
_exptl_crystal.density_percent_sol   38.05 
_exptl_crystal.description           ? 
_exptl_crystal.F_000                 ? 
_exptl_crystal.preparation           ? 
# 
_exptl_crystal_grow.crystal_id      1 
_exptl_crystal_grow.method          'VAPOR DIFFUSION, HANGING DROP' 
_exptl_crystal_grow.temp            291 
_exptl_crystal_grow.temp_details    ? 
_exptl_crystal_grow.pH              7.0 
_exptl_crystal_grow.pdbx_details    
;5% MPD, 20 mM Sodium Cacodylate (pH 7.0), 6 mM Spermine tetra-HCl, 40 mM Potassium Chloride, VAPOR DIFFUSION, HANGING DROP, temperature 291K
;
_exptl_crystal_grow.pdbx_pH_range   ? 
# 
loop_
_exptl_crystal_grow_comp.crystal_id 
_exptl_crystal_grow_comp.id 
_exptl_crystal_grow_comp.sol_id 
_exptl_crystal_grow_comp.name 
_exptl_crystal_grow_comp.volume 
_exptl_crystal_grow_comp.conc 
_exptl_crystal_grow_comp.details 
1 1 1 MPD                  ? ? ? 
1 2 1 'Sodium Cacodylate'  ? ? ? 
1 3 1 'Spermine tetra-HCl' ? ? ? 
1 4 1 'Potassium Chloride' ? ? ? 
1 5 2 MPD                  ? ? ? 
1 6 2 'Sodium Cacodylate'  ? ? ? 
1 7 2 'Spermine tetra-HCl' ? ? ? 
1 8 2 'Potassium Chloride' ? ? ? 
# 
_diffrn.id                     1 
_diffrn.ambient_temp           120 
_diffrn.ambient_temp_details   ? 
_diffrn.crystal_id             1 
# 
_diffrn_detector.diffrn_id              1 
_diffrn_detector.detector               CCD 
_diffrn_detector.type                   'MARMOSAIC 225 mm CCD' 
_diffrn_detector.pdbx_collection_date   2006-03-06 
_diffrn_detector.details                ? 
# 
_diffrn_radiation.diffrn_id                        1 
_diffrn_radiation.wavelength_id                    1 
_diffrn_radiation.pdbx_monochromatic_or_laue_m_l   M 
_diffrn_radiation.monochromator                    ? 
_diffrn_radiation.pdbx_diffrn_protocol             'SINGLE WAVELENGTH' 
_diffrn_radiation.pdbx_scattering_type             x-ray 
# 
_diffrn_radiation_wavelength.id           1 
_diffrn_radiation_wavelength.wavelength   0.9788 
_diffrn_radiation_wavelength.wt           1.0 
# 
_diffrn_source.diffrn_id                   1 
_diffrn_source.source                      SYNCHROTRON 
_diffrn_source.type                        'APS BEAMLINE 5ID-B' 
_diffrn_source.pdbx_synchrotron_site       APS 
_diffrn_source.pdbx_synchrotron_beamline   5ID-B 
_diffrn_source.pdbx_wavelength             ? 
_diffrn_source.pdbx_wavelength_list        0.9788 
# 
_reflns.entry_id                     3EY2 
_reflns.observed_criterion_sigma_I   0.0 
_reflns.observed_criterion_sigma_F   ? 
_reflns.d_resolution_low             30 
_reflns.d_resolution_high            1.04 
_reflns.number_obs                   23179 
_reflns.number_all                   24305 
_reflns.percent_possible_obs         95.4 
_reflns.pdbx_Rmerge_I_obs            0.057 
_reflns.pdbx_Rsym_value              ? 
_reflns.pdbx_netI_over_sigmaI        44.12 
_reflns.B_iso_Wilson_estimate        ? 
_reflns.pdbx_redundancy              ? 
_reflns.R_free_details               ? 
_reflns.limit_h_max                  ? 
_reflns.limit_h_min                  ? 
_reflns.limit_k_max                  ? 
_reflns.limit_k_min                  ? 
_reflns.limit_l_max                  ? 
_reflns.limit_l_min                  ? 
_reflns.observed_criterion_F_max     ? 
_reflns.observed_criterion_F_min     ? 
_reflns.pdbx_chi_squared             ? 
_reflns.pdbx_scaling_rejects         ? 
_reflns.pdbx_diffrn_id               1 
_reflns.pdbx_ordinal                 1 
# 
_reflns_shell.d_res_high             1.04 
_reflns_shell.d_res_low              1.09 
_reflns_shell.percent_possible_all   ? 
_reflns_shell.Rmerge_I_obs           0.35 
_reflns_shell.pdbx_Rsym_value        ? 
_reflns_shell.meanI_over_sigI_obs    13.03 
_reflns_shell.pdbx_redundancy        ? 
_reflns_shell.percent_possible_obs   ? 
_reflns_shell.number_unique_all      2774 
_reflns_shell.number_measured_all    ? 
_reflns_shell.number_measured_obs    ? 
_reflns_shell.number_unique_obs      ? 
_reflns_shell.pdbx_chi_squared       ? 
_reflns_shell.pdbx_diffrn_id         ? 
_reflns_shell.pdbx_ordinal           1 
# 
_refine.entry_id                                 3EY2 
_refine.ls_number_reflns_obs                     22026 
_refine.ls_number_reflns_all                     23179 
_refine.pdbx_ls_sigma_I                          0.0 
_refine.pdbx_ls_sigma_F                          0.0 
_refine.pdbx_data_cutoff_high_absF               ? 
_refine.pdbx_data_cutoff_low_absF                ? 
_refine.pdbx_data_cutoff_high_rms_absF           ? 
_refine.ls_d_res_low                             30 
_refine.ls_d_res_high                            1.04 
_refine.ls_percent_reflns_obs                    100 
_refine.ls_R_factor_obs                          0.1251 
_refine.ls_R_factor_all                          ? 
_refine.ls_R_factor_R_work                       0.1251 
_refine.ls_R_factor_R_free                       0.1526 
_refine.ls_R_factor_R_free_error                 ? 
_refine.ls_R_factor_R_free_error_details         ? 
_refine.ls_percent_reflns_R_free                 ? 
_refine.ls_number_reflns_R_free                  1158 
_refine.ls_number_parameters                     ? 
_refine.ls_number_restraints                     ? 
_refine.occupancy_min                            ? 
_refine.occupancy_max                            ? 
_refine.correlation_coeff_Fo_to_Fc               ? 
_refine.correlation_coeff_Fo_to_Fc_free          ? 
_refine.B_iso_mean                               ? 
_refine.aniso_B[1][1]                            ? 
_refine.aniso_B[2][2]                            ? 
_refine.aniso_B[3][3]                            ? 
_refine.aniso_B[1][2]                            ? 
_refine.aniso_B[1][3]                            ? 
_refine.aniso_B[2][3]                            ? 
_refine.solvent_model_details                    ? 
_refine.solvent_model_param_ksol                 ? 
_refine.solvent_model_param_bsol                 ? 
_refine.pdbx_solvent_vdw_probe_radii             ? 
_refine.pdbx_solvent_ion_probe_radii             ? 
_refine.pdbx_solvent_shrinkage_radii             ? 
_refine.pdbx_ls_cross_valid_method               THROUGHOUT 
_refine.details                                  ? 
_refine.pdbx_starting_model                      'PDB Entry 411D' 
_refine.pdbx_method_to_determine_struct          'MOLECULAR REPLACEMENT' 
_refine.pdbx_isotropic_thermal_model             ? 
_refine.pdbx_stereochemistry_target_values       ? 
_refine.pdbx_stereochem_target_val_spec_case     ? 
_refine.pdbx_R_Free_selection_details            Random 
_refine.pdbx_overall_ESU_R                       ? 
_refine.pdbx_overall_ESU_R_Free                  ? 
_refine.overall_SU_ML                            ? 
_refine.overall_SU_B                             ? 
_refine.ls_redundancy_reflns_obs                 ? 
_refine.B_iso_min                                ? 
_refine.B_iso_max                                ? 
_refine.overall_SU_R_Cruickshank_DPI             ? 
_refine.overall_SU_R_free                        ? 
_refine.ls_wR_factor_R_free                      ? 
_refine.ls_wR_factor_R_work                      ? 
_refine.overall_FOM_free_R_set                   ? 
_refine.overall_FOM_work_R_set                   ? 
_refine.pdbx_overall_phase_error                 ? 
_refine.pdbx_refine_id                           'X-RAY DIFFRACTION' 
_refine.pdbx_diffrn_id                           1 
_refine.pdbx_TLS_residual_ADP_flag               ? 
_refine.pdbx_overall_SU_R_free_Cruickshank_DPI   ? 
_refine.pdbx_overall_SU_R_Blow_DPI               ? 
_refine.pdbx_overall_SU_R_free_Blow_DPI          ? 
# 
_refine_hist.pdbx_refine_id                   'X-RAY DIFFRACTION' 
_refine_hist.cycle_id                         LAST 
_refine_hist.pdbx_number_atoms_protein        0 
_refine_hist.pdbx_number_atoms_nucleic_acid   428 
_refine_hist.pdbx_number_atoms_ligand         6 
_refine_hist.number_atoms_solvent             133 
_refine_hist.number_atoms_total               567 
_refine_hist.d_res_high                       1.04 
_refine_hist.d_res_low                        30 
# 
loop_
_refine_ls_restr.type 
_refine_ls_restr.dev_ideal 
_refine_ls_restr.dev_ideal_target 
_refine_ls_restr.weight 
_refine_ls_restr.number 
_refine_ls_restr.pdbx_refine_id 
_refine_ls_restr.pdbx_restraint_function 
s_bond_d  0.016 ? ? ? 'X-RAY DIFFRACTION' ? 
s_angle_d 0.031 ? ? ? 'X-RAY DIFFRACTION' ? 
# 
_struct.entry_id                  3EY2 
_struct.title                     
;A Conformational Transition in the Structure of a 2'-Thiomethyl-Modified DNA Visualized at High Resolution
;
_struct.pdbx_model_details        ? 
_struct.pdbx_CASP_flag            ? 
_struct.pdbx_model_type_details   ? 
# 
_struct_keywords.entry_id        3EY2 
_struct_keywords.pdbx_keywords   DNA 
_struct_keywords.text            
;2'-Thiomethyl modified DNA, modified sugar, nucleic acid structure., DNA
;
# 
loop_
_struct_asym.id 
_struct_asym.pdbx_blank_PDB_chainid_flag 
_struct_asym.pdbx_modified 
_struct_asym.entity_id 
_struct_asym.details 
A N N 1 ? 
B N N 1 ? 
C N N 2 ? 
D N N 3 ? 
E N N 3 ? 
# 
_struct_biol.id        1 
_struct_biol.details   ? 
# 
loop_
_struct_conn.id 
_struct_conn.conn_type_id 
_struct_conn.pdbx_leaving_atom_flag 
_struct_conn.pdbx_PDB_id 
_struct_conn.ptnr1_label_asym_id 
_struct_conn.ptnr1_label_comp_id 
_struct_conn.ptnr1_label_seq_id 
_struct_conn.ptnr1_label_atom_id 
_struct_conn.pdbx_ptnr1_label_alt_id 
_struct_conn.pdbx_ptnr1_PDB_ins_code 
_struct_conn.pdbx_ptnr1_standard_comp_id 
_struct_conn.ptnr1_symmetry 
_struct_conn.ptnr2_label_asym_id 
_struct_conn.ptnr2_label_comp_id 
_struct_conn.ptnr2_label_seq_id 
_struct_conn.ptnr2_label_atom_id 
_struct_conn.pdbx_ptnr2_label_alt_id 
_struct_conn.pdbx_ptnr2_PDB_ins_code 
_struct_conn.ptnr1_auth_asym_id 
_struct_conn.ptnr1_auth_comp_id 
_struct_conn.ptnr1_auth_seq_id 
_struct_conn.ptnr2_auth_asym_id 
_struct_conn.ptnr2_auth_comp_id 
_struct_conn.ptnr2_auth_seq_id 
_struct_conn.ptnr2_symmetry 
_struct_conn.pdbx_ptnr3_label_atom_id 
_struct_conn.pdbx_ptnr3_label_seq_id 
_struct_conn.pdbx_ptnr3_label_comp_id 
_struct_conn.pdbx_ptnr3_label_asym_id 
_struct_conn.pdbx_ptnr3_label_alt_id 
_struct_conn.pdbx_ptnr3_PDB_ins_code 
_struct_conn.details 
_struct_conn.pdbx_dist_value 
_struct_conn.pdbx_value_order 
_struct_conn.pdbx_role 
covale1  covale both ? A DA  5  "O3'" ? ? ? 1_555 A USM 6  P  ? ? A DA  105 A USM 106 1_555 ? ? ? ? ? ? ?            1.579 ? ? 
covale2  covale both ? A USM 6  "O3'" ? ? ? 1_555 A DA  7  P  ? ? A USM 106 A DA  107 1_555 ? ? ? ? ? ? ?            1.599 ? ? 
covale3  covale both ? B DA  5  "O3'" ? ? ? 1_555 B USM 6  P  ? ? B DA  205 B USM 206 1_555 ? ? ? ? ? ? ?            1.593 ? ? 
covale4  covale both ? B USM 6  "O3'" ? ? ? 1_555 B DA  7  P  ? ? B USM 206 B DA  207 1_555 ? ? ? ? ? ? ?            1.600 ? ? 
hydrog1  hydrog ?    ? A DG  1  N1    ? ? ? 1_555 B DC  10 N3 ? ? A DG  101 B DC  210 1_555 ? ? ? ? ? ? WATSON-CRICK ?     ? ? 
hydrog2  hydrog ?    ? A DG  1  N2    ? ? ? 1_555 B DC  10 O2 ? ? A DG  101 B DC  210 1_555 ? ? ? ? ? ? WATSON-CRICK ?     ? ? 
hydrog3  hydrog ?    ? A DG  1  O6    ? ? ? 1_555 B DC  10 N4 ? ? A DG  101 B DC  210 1_555 ? ? ? ? ? ? WATSON-CRICK ?     ? ? 
hydrog4  hydrog ?    ? A DC  2  N3    ? ? ? 1_555 B DG  9  N1 ? ? A DC  102 B DG  209 1_555 ? ? ? ? ? ? WATSON-CRICK ?     ? ? 
hydrog5  hydrog ?    ? A DC  2  N4    ? ? ? 1_555 B DG  9  O6 ? ? A DC  102 B DG  209 1_555 ? ? ? ? ? ? WATSON-CRICK ?     ? ? 
hydrog6  hydrog ?    ? A DC  2  O2    ? ? ? 1_555 B DG  9  N2 ? ? A DC  102 B DG  209 1_555 ? ? ? ? ? ? WATSON-CRICK ?     ? ? 
hydrog7  hydrog ?    ? A DG  3  N1    ? ? ? 1_555 B DC  8  N3 A ? A DG  103 B DC  208 1_555 ? ? ? ? ? ? WATSON-CRICK ?     ? ? 
hydrog8  hydrog ?    ? A DG  3  N2    ? ? ? 1_555 B DC  8  O2 A ? A DG  103 B DC  208 1_555 ? ? ? ? ? ? WATSON-CRICK ?     ? ? 
hydrog9  hydrog ?    ? A DG  3  O6    ? ? ? 1_555 B DC  8  N4 A ? A DG  103 B DC  208 1_555 ? ? ? ? ? ? WATSON-CRICK ?     ? ? 
hydrog10 hydrog ?    ? A DT  4  N3    ? ? ? 1_555 B DA  7  N1 ? ? A DT  104 B DA  207 1_555 ? ? ? ? ? ? WATSON-CRICK ?     ? ? 
hydrog11 hydrog ?    ? A DT  4  O4    ? ? ? 1_555 B DA  7  N6 ? ? A DT  104 B DA  207 1_555 ? ? ? ? ? ? WATSON-CRICK ?     ? ? 
hydrog12 hydrog ?    ? A DA  5  N1    ? ? ? 1_555 B USM 6  N3 ? ? A DA  105 B USM 206 1_555 ? ? ? ? ? ? WATSON-CRICK ?     ? ? 
hydrog13 hydrog ?    ? A DA  5  N6    ? ? ? 1_555 B USM 6  O4 ? ? A DA  105 B USM 206 1_555 ? ? ? ? ? ? WATSON-CRICK ?     ? ? 
hydrog14 hydrog ?    ? A USM 6  N3    ? ? ? 1_555 B DA  5  N1 ? ? A USM 106 B DA  205 1_555 ? ? ? ? ? ? WATSON-CRICK ?     ? ? 
hydrog15 hydrog ?    ? A USM 6  O4    ? ? ? 1_555 B DA  5  N6 ? ? A USM 106 B DA  205 1_555 ? ? ? ? ? ? WATSON-CRICK ?     ? ? 
hydrog16 hydrog ?    ? A DA  7  N1    ? ? ? 1_555 B DT  4  N3 ? ? A DA  107 B DT  204 1_555 ? ? ? ? ? ? WATSON-CRICK ?     ? ? 
hydrog17 hydrog ?    ? A DA  7  N6    ? ? ? 1_555 B DT  4  O4 ? ? A DA  107 B DT  204 1_555 ? ? ? ? ? ? WATSON-CRICK ?     ? ? 
hydrog18 hydrog ?    ? A DC  8  N3    ? ? ? 1_555 B DG  3  N1 ? ? A DC  108 B DG  203 1_555 ? ? ? ? ? ? WATSON-CRICK ?     ? ? 
hydrog19 hydrog ?    ? A DC  8  N4    ? ? ? 1_555 B DG  3  O6 ? ? A DC  108 B DG  203 1_555 ? ? ? ? ? ? WATSON-CRICK ?     ? ? 
hydrog20 hydrog ?    ? A DC  8  O2    ? ? ? 1_555 B DG  3  N2 ? ? A DC  108 B DG  203 1_555 ? ? ? ? ? ? WATSON-CRICK ?     ? ? 
hydrog21 hydrog ?    ? A DG  9  N1    ? ? ? 1_555 B DC  2  N3 ? ? A DG  109 B DC  202 1_555 ? ? ? ? ? ? WATSON-CRICK ?     ? ? 
hydrog22 hydrog ?    ? A DG  9  N2    ? ? ? 1_555 B DC  2  O2 ? ? A DG  109 B DC  202 1_555 ? ? ? ? ? ? WATSON-CRICK ?     ? ? 
hydrog23 hydrog ?    ? A DG  9  O6    ? ? ? 1_555 B DC  2  N4 ? ? A DG  109 B DC  202 1_555 ? ? ? ? ? ? WATSON-CRICK ?     ? ? 
hydrog24 hydrog ?    ? A DC  10 N3    ? ? ? 1_555 B DG  1  N1 ? ? A DC  110 B DG  201 1_555 ? ? ? ? ? ? WATSON-CRICK ?     ? ? 
hydrog25 hydrog ?    ? A DC  10 N4    ? ? ? 1_555 B DG  1  O6 ? ? A DC  110 B DG  201 1_555 ? ? ? ? ? ? WATSON-CRICK ?     ? ? 
hydrog26 hydrog ?    ? A DC  10 O2    ? ? ? 1_555 B DG  1  N2 ? ? A DC  110 B DG  201 1_555 ? ? ? ? ? ? WATSON-CRICK ?     ? ? 
# 
loop_
_struct_conn_type.id 
_struct_conn_type.criteria 
_struct_conn_type.reference 
covale ? ? 
hydrog ? ? 
# 
_struct_site.id                   AC1 
_struct_site.pdbx_evidence_code   Software 
_struct_site.pdbx_auth_asym_id    B 
_struct_site.pdbx_auth_comp_id    N3D 
_struct_site.pdbx_auth_seq_id     501 
_struct_site.pdbx_auth_ins_code   ? 
_struct_site.pdbx_num_residues    7 
_struct_site.details              'BINDING SITE FOR RESIDUE N3D B 501' 
# 
loop_
_struct_site_gen.id 
_struct_site_gen.site_id 
_struct_site_gen.pdbx_num_res 
_struct_site_gen.label_comp_id 
_struct_site_gen.label_asym_id 
_struct_site_gen.label_seq_id 
_struct_site_gen.pdbx_auth_ins_code 
_struct_site_gen.auth_comp_id 
_struct_site_gen.auth_asym_id 
_struct_site_gen.auth_seq_id 
_struct_site_gen.label_atom_id 
_struct_site_gen.label_alt_id 
_struct_site_gen.symmetry 
_struct_site_gen.details 
1 AC1 7 DG  A 9 ? DG  A 109 . ? 3_645 ? 
2 AC1 7 HOH D . ? HOH A 354 . ? 1_455 ? 
3 AC1 7 HOH D . ? HOH A 359 . ? 3_645 ? 
4 AC1 7 HOH D . ? HOH A 380 . ? 1_455 ? 
5 AC1 7 DG  B 3 ? DG  B 203 . ? 2_564 ? 
6 AC1 7 DT  B 4 ? DT  B 204 . ? 2_564 ? 
7 AC1 7 DG  B 9 ? DG  B 209 . ? 1_555 ? 
# 
_atom_sites.entry_id                    3EY2 
_atom_sites.fract_transf_matrix[1][1]   -0.03695184 
_atom_sites.fract_transf_matrix[1][2]   -0.00651241 
_atom_sites.fract_transf_matrix[1][3]   -0.01524997 
_atom_sites.fract_transf_matrix[2][1]   -0.00072772 
_atom_sites.fract_transf_matrix[2][2]   -0.02072768 
_atom_sites.fract_transf_matrix[2][3]   0.01061494 
_atom_sites.fract_transf_matrix[3][1]   -0.00885158 
_atom_sites.fract_transf_matrix[3][2]   0.00926779 
_atom_sites.fract_transf_matrix[3][3]   0.01749029 
_atom_sites.fract_transf_vector[1]      0.609501 
_atom_sites.fract_transf_vector[2]      0.539455 
_atom_sites.fract_transf_vector[3]      0.244594 
# 
loop_
_atom_type.symbol 
C 
N 
O 
P 
S 
# 
loop_
_atom_site.group_PDB 
_atom_site.id 
_atom_site.type_symbol 
_atom_site.label_atom_id 
_atom_site.label_alt_id 
_atom_site.label_comp_id 
_atom_site.label_asym_id 
_atom_site.label_entity_id 
_atom_site.label_seq_id 
_atom_site.pdbx_PDB_ins_code 
_atom_site.Cartn_x 
_atom_site.Cartn_y 
_atom_site.Cartn_z 
_atom_site.occupancy 
_atom_site.B_iso_or_equiv 
_atom_site.pdbx_formal_charge 
_atom_site.auth_seq_id 
_atom_site.auth_comp_id 
_atom_site.auth_asym_id 
_atom_site.auth_atom_id 
_atom_site.pdbx_PDB_model_num 
ATOM   1   O "O5'" . DG  A 1 1  ? 4.455   8.885   3.885   1.00 19.76 ? 101 DG  A "O5'" 1 
ATOM   2   C "C5'" . DG  A 1 1  ? 4.048   10.233  4.181   1.00 16.16 ? 101 DG  A "C5'" 1 
ATOM   3   C "C4'" . DG  A 1 1  ? 4.023   11.055  2.907   1.00 11.86 ? 101 DG  A "C4'" 1 
ATOM   4   O "O4'" . DG  A 1 1  ? 5.383   11.183  2.414   1.00 11.57 ? 101 DG  A "O4'" 1 
ATOM   5   C "C3'" . DG  A 1 1  ? 3.271   10.497  1.717   1.00 10.07 ? 101 DG  A "C3'" 1 
ATOM   6   O "O3'" . DG  A 1 1  ? 1.933   10.903  1.799   1.00 11.73 ? 101 DG  A "O3'" 1 
ATOM   7   C "C2'" . DG  A 1 1  ? 3.971   11.082  0.513   1.00 8.99  ? 101 DG  A "C2'" 1 
ATOM   8   C "C1'" . DG  A 1 1  ? 5.403   11.126  0.994   1.00 9.64  ? 101 DG  A "C1'" 1 
ATOM   9   N N9    . DG  A 1 1  ? 6.245   9.963   0.656   1.00 9.09  ? 101 DG  A N9    1 
ATOM   10  C C8    . DG  A 1 1  ? 6.850   9.059   1.496   1.00 12.67 ? 101 DG  A C8    1 
ATOM   11  N N7    . DG  A 1 1  ? 7.546   8.122   0.853   1.00 11.07 ? 101 DG  A N7    1 
ATOM   12  C C5    . DG  A 1 1  ? 7.394   8.435   -0.482  1.00 9.36  ? 101 DG  A C5    1 
ATOM   13  C C6    . DG  A 1 1  ? 7.885   7.835   -1.666  1.00 8.55  ? 101 DG  A C6    1 
ATOM   14  O O6    . DG  A 1 1  ? 8.606   6.829   -1.752  1.00 10.13 ? 101 DG  A O6    1 
ATOM   15  N N1    . DG  A 1 1  ? 7.476   8.493   -2.807  1.00 7.09  ? 101 DG  A N1    1 
ATOM   16  C C2    . DG  A 1 1  ? 6.683   9.603   -2.847  1.00 6.65  ? 101 DG  A C2    1 
ATOM   17  N N2    . DG  A 1 1  ? 6.398   10.094  -4.029  1.00 7.71  ? 101 DG  A N2    1 
ATOM   18  N N3    . DG  A 1 1  ? 6.196   10.204  -1.743  1.00 7.51  ? 101 DG  A N3    1 
ATOM   19  C C4    . DG  A 1 1  ? 6.599   9.561   -0.612  1.00 8.82  ? 101 DG  A C4    1 
ATOM   20  P P     . DC  A 1 2  ? 0.759   9.971   1.277   1.00 12.78 ? 102 DC  A P     1 
ATOM   21  O OP1   . DC  A 1 2  ? -0.513  10.640  1.631   1.00 17.15 ? 102 DC  A OP1   1 
ATOM   22  O OP2   . DC  A 1 2  ? 0.984   8.574   1.716   1.00 12.95 ? 102 DC  A OP2   1 
ATOM   23  O "O5'" . DC  A 1 2  ? 0.905   9.934   -0.296  1.00 9.95  ? 102 DC  A "O5'" 1 
ATOM   24  C "C5'" . DC  A 1 2  ? 0.668   11.129  -1.085  1.00 8.86  ? 102 DC  A "C5'" 1 
ATOM   25  C "C4'" . DC  A 1 2  ? 1.037   10.827  -2.504  1.00 7.51  ? 102 DC  A "C4'" 1 
ATOM   26  O "O4'" . DC  A 1 2  ? 2.465   10.518  -2.550  1.00 7.41  ? 102 DC  A "O4'" 1 
ATOM   27  C "C3'" . DC  A 1 2  ? 0.380   9.627   -3.137  1.00 7.60  ? 102 DC  A "C3'" 1 
ATOM   28  O "O3'" . DC  A 1 2  ? -0.878  10.046  -3.646  1.00 8.00  ? 102 DC  A "O3'" 1 
ATOM   29  C "C2'" . DC  A 1 2  ? 1.361   9.207   -4.195  1.00 6.52  ? 102 DC  A "C2'" 1 
ATOM   30  C "C1'" . DC  A 1 2  ? 2.671   9.499   -3.585  1.00 6.79  ? 102 DC  A "C1'" 1 
ATOM   31  N N1    . DC  A 1 2  ? 3.378   8.372   -2.911  1.00 6.57  ? 102 DC  A N1    1 
ATOM   32  C C2    . DC  A 1 2  ? 4.109   7.520   -3.716  1.00 6.09  ? 102 DC  A C2    1 
ATOM   33  O O2    . DC  A 1 2  ? 4.138   7.729   -4.950  1.00 6.79  ? 102 DC  A O2    1 
ATOM   34  N N3    . DC  A 1 2  ? 4.807   6.498   -3.176  1.00 5.91  ? 102 DC  A N3    1 
ATOM   35  C C4    . DC  A 1 2  ? 4.768   6.278   -1.887  1.00 6.88  ? 102 DC  A C4    1 
ATOM   36  N N4    . DC  A 1 2  ? 5.432   5.260   -1.378  1.00 8.58  ? 102 DC  A N4    1 
ATOM   37  C C5    . DC  A 1 2  ? 4.012   7.113   -1.012  1.00 7.90  ? 102 DC  A C5    1 
ATOM   38  C C6    . DC  A 1 2  ? 3.361   8.131   -1.579  1.00 7.37  ? 102 DC  A C6    1 
ATOM   39  P P     . DG  A 1 3  ? -1.966  8.953   -4.056  1.00 8.55  ? 103 DG  A P     1 
ATOM   40  O OP1   . DG  A 1 3  ? -3.129  9.759   -4.570  1.00 10.51 ? 103 DG  A OP1   1 
ATOM   41  O OP2   . DG  A 1 3  ? -2.187  8.012   -2.944  1.00 9.43  ? 103 DG  A OP2   1 
ATOM   42  O "O5'" . DG  A 1 3  ? -1.237  8.233   -5.270  1.00 7.60  ? 103 DG  A "O5'" 1 
ATOM   43  C "C5'" . DG  A 1 3  ? -1.453  6.865   -5.583  1.00 8.33  ? 103 DG  A "C5'" 1 
ATOM   44  C "C4'" . DG  A 1 3  ? -0.462  6.409   -6.622  1.00 7.29  ? 103 DG  A "C4'" 1 
ATOM   45  O "O4'" . DG  A 1 3  ? 0.857   6.478   -6.047  1.00 8.56  ? 103 DG  A "O4'" 1 
ATOM   46  C "C3'" . DG  A 1 3  ? -0.615  4.976   -7.073  1.00 6.84  ? 103 DG  A "C3'" 1 
ATOM   47  O "O3'" . DG  A 1 3  ? -1.560  4.900   -8.124  1.00 7.68  ? 103 DG  A "O3'" 1 
ATOM   48  C "C2'" . DG  A 1 3  ? 0.758   4.572   -7.539  1.00 7.84  ? 103 DG  A "C2'" 1 
ATOM   49  C "C1'" . DG  A 1 3  ? 1.597   5.341   -6.580  1.00 7.76  ? 103 DG  A "C1'" 1 
ATOM   50  N N9    . DG  A 1 3  ? 2.123   4.669   -5.349  1.00 6.50  ? 103 DG  A N9    1 
ATOM   51  C C8    . DG  A 1 3  ? 1.932   4.971   -4.040  1.00 7.06  ? 103 DG  A C8    1 
ATOM   52  N N7    . DG  A 1 3  ? 2.570   4.145   -3.265  1.00 7.18  ? 103 DG  A N7    1 
ATOM   53  C C5    . DG  A 1 3  ? 3.231   3.251   -4.103  1.00 6.16  ? 103 DG  A C5    1 
ATOM   54  C C6    . DG  A 1 3  ? 4.068   2.163   -3.813  1.00 6.35  ? 103 DG  A C6    1 
ATOM   55  O O6    . DG  A 1 3  ? 4.419   1.732   -2.697  1.00 7.00  ? 103 DG  A O6    1 
ATOM   56  N N1    . DG  A 1 3  ? 4.525   1.531   -4.979  1.00 6.14  ? 103 DG  A N1    1 
ATOM   57  C C2    . DG  A 1 3  ? 4.200   1.911   -6.249  1.00 6.00  ? 103 DG  A C2    1 
ATOM   58  N N2    . DG  A 1 3  ? 4.709   1.206   -7.242  1.00 6.50  ? 103 DG  A N2    1 
ATOM   59  N N3    . DG  A 1 3  ? 3.410   2.937   -6.538  1.00 6.13  ? 103 DG  A N3    1 
ATOM   60  C C4    . DG  A 1 3  ? 2.960   3.570   -5.402  1.00 6.30  ? 103 DG  A C4    1 
ATOM   61  P P     . DT  A 1 4  ? -2.398  3.559   -8.348  1.00 8.16  ? 104 DT  A P     1 
ATOM   62  O OP1   . DT  A 1 4  ? -3.411  3.868   -9.400  1.00 9.96  ? 104 DT  A OP1   1 
ATOM   63  O OP2   . DT  A 1 4  ? -2.866  3.041   -7.060  1.00 9.05  ? 104 DT  A OP2   1 
ATOM   64  O "O5'" . DT  A 1 4  ? -1.347  2.506   -8.885  1.00 7.70  ? 104 DT  A "O5'" 1 
ATOM   65  C "C5'" . DT  A 1 4  ? -0.901  2.418   -10.239 1.00 8.23  ? 104 DT  A "C5'" 1 
ATOM   66  C "C4'" . DT  A 1 4  ? -0.221  1.099   -10.461 1.00 7.44  ? 104 DT  A "C4'" 1 
ATOM   67  O "O4'" . DT  A 1 4  ? 1.040   1.089   -9.739  1.00 6.67  ? 104 DT  A "O4'" 1 
ATOM   68  C "C3'" . DT  A 1 4  ? -0.935  -0.138  -9.962  1.00 7.36  ? 104 DT  A "C3'" 1 
ATOM   69  O "O3'" . DT  A 1 4  ? -1.920  -0.511  -10.917 1.00 8.55  ? 104 DT  A "O3'" 1 
ATOM   70  C "C2'" . DT  A 1 4  ? 0.181   -1.135  -9.803  1.00 6.50  ? 104 DT  A "C2'" 1 
ATOM   71  C "C1'" . DT  A 1 4  ? 1.260   -0.295  -9.264  1.00 6.65  ? 104 DT  A "C1'" 1 
ATOM   72  N N1    . DT  A 1 4  ? 1.396   -0.197  -7.767  1.00 5.60  ? 104 DT  A N1    1 
ATOM   73  C C2    . DT  A 1 4  ? 2.244   -1.099  -7.175  1.00 5.99  ? 104 DT  A C2    1 
ATOM   74  O O2    . DT  A 1 4  ? 2.890   -1.923  -7.800  1.00 6.43  ? 104 DT  A O2    1 
ATOM   75  N N3    . DT  A 1 4  ? 2.313   -0.955  -5.804  1.00 5.88  ? 104 DT  A N3    1 
ATOM   76  C C4    . DT  A 1 4  ? 1.636   -0.059  -5.034  1.00 5.51  ? 104 DT  A C4    1 
ATOM   77  O O4    . DT  A 1 4  ? 1.782   -0.037  -3.811  1.00 5.82  ? 104 DT  A O4    1 
ATOM   78  C C5    . DT  A 1 4  ? 0.719   0.823   -5.728  1.00 5.69  ? 104 DT  A C5    1 
ATOM   79  C C7    . DT  A 1 4  ? -0.066  1.830   -4.922  1.00 7.13  ? 104 DT  A C7    1 
ATOM   80  C C6    . DT  A 1 4  ? 0.645   0.734   -7.070  1.00 5.66  ? 104 DT  A C6    1 
ATOM   81  P P     . DA  A 1 5  ? -3.239  -1.286  -10.439 1.00 9.47  ? 105 DA  A P     1 
ATOM   82  O OP1   . DA  A 1 5  ? -4.029  -1.516  -11.662 1.00 11.11 ? 105 DA  A OP1   1 
ATOM   83  O OP2   . DA  A 1 5  ? -3.874  -0.587  -9.288  1.00 10.98 ? 105 DA  A OP2   1 
ATOM   84  O "O5'" . DA  A 1 5  ? -2.640  -2.684  -9.966  1.00 8.50  ? 105 DA  A "O5'" 1 
ATOM   85  C "C5'" . DA  A 1 5  ? -3.139  -3.314  -8.773  1.00 8.77  ? 105 DA  A "C5'" 1 
ATOM   86  C "C4'" . DA  A 1 5  ? -2.221  -4.446  -8.444  1.00 8.83  ? 105 DA  A "C4'" 1 
ATOM   87  O "O4'" . DA  A 1 5  ? -0.922  -3.927  -8.065  1.00 7.83  ? 105 DA  A "O4'" 1 
ATOM   88  C "C3'" . DA  A 1 5  ? -2.658  -5.287  -7.267  1.00 8.93  ? 105 DA  A "C3'" 1 
ATOM   89  O "O3'" . DA  A 1 5  ? -3.635  -6.230  -7.683  1.00 11.69 ? 105 DA  A "O3'" 1 
ATOM   90  C "C2'" . DA  A 1 5  ? -1.340  -5.885  -6.845  1.00 9.33  ? 105 DA  A "C2'" 1 
ATOM   91  C "C1'" . DA  A 1 5  ? -0.397  -4.709  -7.009  1.00 8.45  ? 105 DA  A "C1'" 1 
ATOM   92  N N9    . DA  A 1 5  ? -0.295  -3.852  -5.816  1.00 7.61  ? 105 DA  A N9    1 
ATOM   93  C C8    . DA  A 1 5  ? -0.884  -2.635  -5.573  1.00 7.76  ? 105 DA  A C8    1 
ATOM   94  N N7    . DA  A 1 5  ? -0.602  -2.129  -4.401  1.00 7.66  ? 105 DA  A N7    1 
ATOM   95  C C5    . DA  A 1 5  ? 0.232   -3.065  -3.811  1.00 6.71  ? 105 DA  A C5    1 
ATOM   96  C C6    . DA  A 1 5  ? 0.879   -3.110  -2.570  1.00 6.79  ? 105 DA  A C6    1 
ATOM   97  N N6    . DA  A 1 5  ? 0.785   -2.164  -1.641  1.00 7.32  ? 105 DA  A N6    1 
ATOM   98  N N1    . DA  A 1 5  ? 1.620   -4.198  -2.317  1.00 7.28  ? 105 DA  A N1    1 
ATOM   99  C C2    . DA  A 1 5  ? 1.727   -5.181  -3.241  1.00 7.43  ? 105 DA  A C2    1 
ATOM   100 N N3    . DA  A 1 5  ? 1.165   -5.234  -4.444  1.00 8.22  ? 105 DA  A N3    1 
ATOM   101 C C4    . DA  A 1 5  ? 0.420   -4.138  -4.666  1.00 7.15  ? 105 DA  A C4    1 
HETATM 102 O OP2   . USM A 1 6  ? -5.453  -5.401  -6.103  1.00 12.90 ? 106 USM A OP2   1 
HETATM 103 P P     . USM A 1 6  ? -4.848  -6.603  -6.744  1.00 11.59 ? 106 USM A P     1 
HETATM 104 O OP1   . USM A 1 6  ? -5.636  -7.578  -7.567  1.00 15.73 ? 106 USM A OP1   1 
HETATM 105 O "O5'" . USM A 1 6  ? -4.176  -7.390  -5.528  1.00 10.55 ? 106 USM A "O5'" 1 
HETATM 106 N N1    . USM A 1 6  ? -1.743  -6.670  -2.514  1.00 8.55  ? 106 USM A N1    1 
HETATM 107 C C6    . USM A 1 6  ? -2.533  -5.777  -3.249  1.00 8.71  ? 106 USM A C6    1 
HETATM 108 C C2    . USM A 1 6  ? -1.182  -6.219  -1.334  1.00 7.86  ? 106 USM A C2    1 
HETATM 109 O O2    . USM A 1 6  ? -0.484  -6.973  -0.662  1.00 8.59  ? 106 USM A O2    1 
HETATM 110 N N3    . USM A 1 6  ? -1.422  -4.908  -1.000  1.00 7.23  ? 106 USM A N3    1 
HETATM 111 C C4    . USM A 1 6  ? -2.194  -3.990  -1.674  1.00 7.07  ? 106 USM A C4    1 
HETATM 112 O O4    . USM A 1 6  ? -2.339  -2.857  -1.246  1.00 8.11  ? 106 USM A O4    1 
HETATM 113 C C5    . USM A 1 6  ? -2.770  -4.516  -2.906  1.00 7.95  ? 106 USM A C5    1 
HETATM 114 C "C2'" . USM A 1 6  ? -2.431  -9.052  -2.246  1.00 9.30  ? 106 USM A "C2'" 1 
HETATM 115 S "S2'" . USM A 1 6  ? -1.677  -10.726 -2.170  1.00 11.18 ? 106 USM A "S2'" 1 
HETATM 116 C C2A   . USM A 1 6  ? -0.357  -10.544 -0.894  1.00 10.97 ? 106 USM A C2A   1 
HETATM 117 C "C5'" . USM A 1 6  ? -3.522  -8.650  -5.797  1.00 11.20 ? 106 USM A "C5'" 1 
HETATM 118 C "C4'" . USM A 1 6  ? -2.816  -9.086  -4.556  1.00 10.20 ? 106 USM A "C4'" 1 
HETATM 119 O "O4'" . USM A 1 6  ? -1.701  -8.164  -4.320  1.00 9.60  ? 106 USM A "O4'" 1 
HETATM 120 C "C1'" . USM A 1 6  ? -1.491  -8.049  -2.914  1.00 8.95  ? 106 USM A "C1'" 1 
HETATM 121 C "C3'" . USM A 1 6  ? -3.559  -9.047  -3.232  1.00 9.50  ? 106 USM A "C3'" 1 
HETATM 122 O "O3'" . USM A 1 6  ? -4.419  -10.173 -3.139  1.00 11.40 ? 106 USM A "O3'" 1 
ATOM   123 P P     . DA  A 1 7  ? -5.794  -10.046 -2.333  1.00 11.73 ? 107 DA  A P     1 
ATOM   124 O OP1   . DA  A 1 7  ? -6.530  -11.300 -2.588  1.00 13.90 ? 107 DA  A OP1   1 
ATOM   125 O OP2   . DA  A 1 7  ? -6.405  -8.735  -2.655  1.00 13.75 ? 107 DA  A OP2   1 
ATOM   126 O "O5'" . DA  A 1 7  ? -5.364  -9.956  -0.813  1.00 10.31 ? 107 DA  A "O5'" 1 
ATOM   127 C "C5'" . DA  A 1 7  ? -4.833  -11.129 -0.172  1.00 10.95 ? 107 DA  A "C5'" 1 
ATOM   128 C "C4'" . DA  A 1 7  ? -4.385  -10.736 1.214   1.00 9.52  ? 107 DA  A "C4'" 1 
ATOM   129 O "O4'" . DA  A 1 7  ? -3.262  -9.806  1.104   1.00 8.76  ? 107 DA  A "O4'" 1 
ATOM   130 C "C3'" . DA  A 1 7  ? -5.369  -9.985  2.103   1.00 9.56  ? 107 DA  A "C3'" 1 
ATOM   131 O "O3'" . DA  A 1 7  ? -6.331  -10.851 2.651   1.00 10.42 ? 107 DA  A "O3'" 1 
ATOM   132 C "C2'" . DA  A 1 7  ? -4.408  -9.399  3.110   1.00 8.61  ? 107 DA  A "C2'" 1 
ATOM   133 C "C1'" . DA  A 1 7  ? -3.272  -8.922  2.217   1.00 8.28  ? 107 DA  A "C1'" 1 
ATOM   134 N N9    . DA  A 1 7  ? -3.487  -7.555  1.770   1.00 7.72  ? 107 DA  A N9    1 
ATOM   135 C C8    . DA  A 1 7  ? -4.056  -7.111  0.609   1.00 8.26  ? 107 DA  A C8    1 
ATOM   136 N N7    . DA  A 1 7  ? -4.095  -5.804  0.530   1.00 7.95  ? 107 DA  A N7    1 
ATOM   137 C C5    . DA  A 1 7  ? -3.525  -5.348  1.718   1.00 7.22  ? 107 DA  A C5    1 
ATOM   138 C C6    . DA  A 1 7  ? -3.285  -4.093  2.264   1.00 7.07  ? 107 DA  A C6    1 
ATOM   139 N N6    . DA  A 1 7  ? -3.586  -2.930  1.644   1.00 8.97  ? 107 DA  A N6    1 
ATOM   140 N N1    . DA  A 1 7  ? -2.721  -4.009  3.475   1.00 7.06  ? 107 DA  A N1    1 
ATOM   141 C C2    . DA  A 1 7  ? -2.408  -5.159  4.094   1.00 7.58  ? 107 DA  A C2    1 
ATOM   142 N N3    . DA  A 1 7  ? -2.580  -6.404  3.711   1.00 7.48  ? 107 DA  A N3    1 
ATOM   143 C C4    . DA  A 1 7  ? -3.150  -6.435  2.491   1.00 7.32  ? 107 DA  A C4    1 
ATOM   144 P P     . DC  A 1 8  ? -7.751  -10.290 3.160   1.00 10.90 ? 108 DC  A P     1 
ATOM   145 O OP1   . DC  A 1 8  ? -8.569  -11.471 3.495   1.00 14.98 ? 108 DC  A OP1   1 
ATOM   146 O OP2   . DC  A 1 8  ? -8.260  -9.324  2.154   1.00 15.79 ? 108 DC  A OP2   1 
ATOM   147 O "O5'" . DC  A 1 8  ? -7.429  -9.467  4.514   1.00 8.98  ? 108 DC  A "O5'" 1 
ATOM   148 C "C5'" . DC  A 1 8  ? -6.928  -10.150 5.680   1.00 9.10  ? 108 DC  A "C5'" 1 
ATOM   149 C "C4'" . DC  A 1 8  ? -6.428  -9.162  6.678   1.00 7.58  ? 108 DC  A "C4'" 1 
ATOM   150 O "O4'" . DC  A 1 8  ? -5.385  -8.329  6.084   1.00 7.13  ? 108 DC  A "O4'" 1 
ATOM   151 C "C3'" . DC  A 1 8  ? -7.438  -8.148  7.213   1.00 6.48  ? 108 DC  A "C3'" 1 
ATOM   152 O "O3'" . DC  A 1 8  ? -8.285  -8.780  8.144   1.00 6.92  ? 108 DC  A "O3'" 1 
ATOM   153 C "C2'" . DC  A 1 8  ? -6.483  -7.134  7.785   1.00 6.44  ? 108 DC  A "C2'" 1 
ATOM   154 C "C1'" . DC  A 1 8  ? -5.418  -7.058  6.704   1.00 6.48  ? 108 DC  A "C1'" 1 
ATOM   155 N N1    . DC  A 1 8  ? -5.734  -6.008  5.706   1.00 6.60  ? 108 DC  A N1    1 
ATOM   156 C C2    . DC  A 1 8  ? -5.474  -4.684  6.048   1.00 6.52  ? 108 DC  A C2    1 
ATOM   157 O O2    . DC  A 1 8  ? -4.993  -4.480  7.177   1.00 7.11  ? 108 DC  A O2    1 
ATOM   158 N N3    . DC  A 1 8  ? -5.737  -3.683  5.185   1.00 6.76  ? 108 DC  A N3    1 
ATOM   159 C C4    . DC  A 1 8  ? -6.274  -3.977  4.003   1.00 7.41  ? 108 DC  A C4    1 
ATOM   160 N N4    . DC  A 1 8  ? -6.520  -2.956  3.189   1.00 9.45  ? 108 DC  A N4    1 
ATOM   161 C C5    . DC  A 1 8  ? -6.548  -5.331  3.633   1.00 7.75  ? 108 DC  A C5    1 
ATOM   162 C C6    . DC  A 1 8  ? -6.268  -6.316  4.509   1.00 7.26  ? 108 DC  A C6    1 
ATOM   163 P P     . DG  A 1 9  ? -9.678  -8.142  8.602   1.00 7.62  ? 109 DG  A P     1 
ATOM   164 O OP1   . DG  A 1 9  ? -10.280 -9.157  9.492   1.00 9.72  ? 109 DG  A OP1   1 
ATOM   165 O OP2   . DG  A 1 9  ? -10.446 -7.662  7.416   1.00 10.42 ? 109 DG  A OP2   1 
ATOM   166 O "O5'" . DG  A 1 9  ? -9.292  -6.834  9.407   1.00 6.39  ? 109 DG  A "O5'" 1 
ATOM   167 C "C5'" . DG  A 1 9  ? -8.667  -6.878  10.677  1.00 6.51  ? 109 DG  A "C5'" 1 
ATOM   168 C "C4'" . DG  A 1 9  ? -8.524  -5.473  11.204  1.00 6.38  ? 109 DG  A "C4'" 1 
ATOM   169 O "O4'" . DG  A 1 9  ? -7.583  -4.767  10.371  1.00 7.05  ? 109 DG  A "O4'" 1 
ATOM   170 C "C3'" . DG  A 1 9  ? -9.747  -4.565  11.160  1.00 6.44  ? 109 DG  A "C3'" 1 
ATOM   171 O "O3'" . DG  A 1 9  ? -10.638 -4.877  12.203  1.00 7.04  ? 109 DG  A "O3'" 1 
ATOM   172 C "C2'" . DG  A 1 9  ? -9.098  -3.191  11.273  1.00 6.74  ? 109 DG  A "C2'" 1 
ATOM   173 C "C1'" . DG  A 1 9  ? -7.966  -3.381  10.339  1.00 6.98  ? 109 DG  A "C1'" 1 
ATOM   174 N N9    . DG  A 1 9  ? -8.272  -3.076  8.926   1.00 6.71  ? 109 DG  A N9    1 
ATOM   175 C C8    . DG  A 1 9  ? -8.443  -3.863  7.855   1.00 7.15  ? 109 DG  A C8    1 
ATOM   176 N N7    . DG  A 1 9  ? -8.709  -3.248  6.745   1.00 7.90  ? 109 DG  A N7    1 
ATOM   177 C C5    . DG  A 1 9  ? -8.704  -1.924  7.117   1.00 6.86  ? 109 DG  A C5    1 
ATOM   178 C C6    . DG  A 1 9  ? -8.934  -0.764  6.338   1.00 6.86  ? 109 DG  A C6    1 
ATOM   179 O O6    . DG  A 1 9  ? -9.182  -0.668  5.146   1.00 8.19  ? 109 DG  A O6    1 
ATOM   180 N N1    . DG  A 1 9  ? -8.848  0.388   7.116   1.00 7.72  ? 109 DG  A N1    1 
ATOM   181 C C2    . DG  A 1 9  ? -8.585  0.421   8.451   1.00 7.32  ? 109 DG  A C2    1 
ATOM   182 N N2    . DG  A 1 9  ? -8.537  1.605   9.047   1.00 8.77  ? 109 DG  A N2    1 
ATOM   183 N N3    . DG  A 1 9  ? -8.367  -0.677  9.199   1.00 7.03  ? 109 DG  A N3    1 
ATOM   184 C C4    . DG  A 1 9  ? -8.444  -1.792  8.453   1.00 7.17  ? 109 DG  A C4    1 
ATOM   185 P P     . DC  A 1 10 ? -12.198 -4.597  11.992  1.00 7.32  ? 110 DC  A P     1 
ATOM   186 O OP1   . DC  A 1 10 ? -12.828 -5.144  13.212  1.00 9.71  ? 110 DC  A OP1   1 
ATOM   187 O OP2   . DC  A 1 10 ? -12.675 -5.086  10.661  1.00 8.24  ? 110 DC  A OP2   1 
ATOM   188 O "O5'" . DC  A 1 10 ? -12.319 -3.005  11.959  1.00 6.49  ? 110 DC  A "O5'" 1 
ATOM   189 C "C5'" . DC  A 1 10 ? -11.996 -2.201  13.101  1.00 6.83  ? 110 DC  A "C5'" 1 
ATOM   190 C "C4'" . DC  A 1 10 ? -12.253 -0.735  12.812  1.00 6.51  ? 110 DC  A "C4'" 1 
ATOM   191 O "O4'" . DC  A 1 10 ? -11.381 -0.287  11.763  1.00 6.66  ? 110 DC  A "O4'" 1 
ATOM   192 C "C3'" . DC  A 1 10 ? -13.638 -0.392  12.309  1.00 5.95  ? 110 DC  A "C3'" 1 
ATOM   193 O "O3'" . DC  A 1 10 ? -14.578 -0.261  13.360  1.00 6.69  ? 110 DC  A "O3'" 1 
ATOM   194 C "C2'" . DC  A 1 10 ? -13.393 0.931   11.606  1.00 6.90  ? 110 DC  A "C2'" 1 
ATOM   195 C "C1'" . DC  A 1 10 ? -12.028 0.699   10.974  1.00 6.37  ? 110 DC  A "C1'" 1 
ATOM   196 N N1    . DC  A 1 10 ? -12.094 0.217   9.587   1.00 6.35  ? 110 DC  A N1    1 
ATOM   197 C C2    . DC  A 1 10 ? -12.280 1.182   8.581   1.00 6.41  ? 110 DC  A C2    1 
ATOM   198 O O2    . DC  A 1 10 ? -12.370 2.366   8.926   1.00 6.93  ? 110 DC  A O2    1 
ATOM   199 N N3    . DC  A 1 10 ? -12.354 0.784   7.298   1.00 7.24  ? 110 DC  A N3    1 
ATOM   200 C C4    . DC  A 1 10 ? -12.258 -0.508  7.000   1.00 6.64  ? 110 DC  A C4    1 
ATOM   201 N N4    . DC  A 1 10 ? -12.344 -0.847  5.703   1.00 8.02  ? 110 DC  A N4    1 
ATOM   202 C C5    . DC  A 1 10 ? -12.094 -1.493  8.010   1.00 6.61  ? 110 DC  A C5    1 
ATOM   203 C C6    . DC  A 1 10 ? -12.011 -1.084  9.276   1.00 6.66  ? 110 DC  A C6    1 
ATOM   204 O "O5'" . DG  B 1 1  ? -10.853 6.476   -0.926  1.00 25.19 ? 201 DG  B "O5'" 1 
ATOM   205 C "C5'" . DG  B 1 1  ? -11.369 7.815   -0.844  1.00 17.57 ? 201 DG  B "C5'" 1 
ATOM   206 C "C4'" . DG  B 1 1  ? -11.634 8.229   0.581   1.00 12.67 ? 201 DG  B "C4'" 1 
ATOM   207 O "O4'" . DG  B 1 1  ? -12.792 7.508   1.054   1.00 12.22 ? 201 DG  B "O4'" 1 
ATOM   208 C "C3'" . DG  B 1 1  ? -10.546 7.907   1.580   1.00 10.25 ? 201 DG  B "C3'" 1 
ATOM   209 O "O3'" . DG  B 1 1  ? -9.576  8.947   1.574   1.00 10.83 ? 201 DG  B "O3'" 1 
ATOM   210 C "C2'" . DG  B 1 1  ? -11.300 7.787   2.875   1.00 10.50 ? 201 DG  B "C2'" 1 
ATOM   211 C "C1'" . DG  B 1 1  ? -12.569 7.101   2.415   1.00 11.17 ? 201 DG  B "C1'" 1 
ATOM   212 N N9    . DG  B 1 1  ? -12.603 5.621   2.385   1.00 10.70 ? 201 DG  B N9    1 
ATOM   213 C C8    . DG  B 1 1  ? -12.726 4.799   1.290   1.00 12.31 ? 201 DG  B C8    1 
ATOM   214 N N7    . DG  B 1 1  ? -12.730 3.540   1.610   1.00 12.21 ? 201 DG  B N7    1 
ATOM   215 C C5    . DG  B 1 1  ? -12.607 3.510   3.001   1.00 9.71  ? 201 DG  B C5    1 
ATOM   216 C C6    . DG  B 1 1  ? -12.554 2.431   3.923   1.00 8.85  ? 201 DG  B C6    1 
ATOM   217 O O6    . DG  B 1 1  ? -12.605 1.224   3.702   1.00 10.04 ? 201 DG  B O6    1 
ATOM   218 N N1    . DG  B 1 1  ? -12.431 2.901   5.226   1.00 7.95  ? 201 DG  B N1    1 
ATOM   219 C C2    . DG  B 1 1  ? -12.358 4.198   5.622   1.00 7.53  ? 201 DG  B C2    1 
ATOM   220 N N2    . DG  B 1 1  ? -12.238 4.438   6.926   1.00 6.94  ? 201 DG  B N2    1 
ATOM   221 N N3    . DG  B 1 1  ? -12.408 5.225   4.758   1.00 8.46  ? 201 DG  B N3    1 
ATOM   222 C C4    . DG  B 1 1  ? -12.535 4.795   3.479   1.00 8.89  ? 201 DG  B C4    1 
ATOM   223 P P     . DC  B 1 2  ? -8.047  8.660   1.966   1.00 10.14 ? 202 DC  B P     1 
ATOM   224 O OP1   . DC  B 1 2  ? -7.389  9.959   1.774   1.00 11.72 ? 202 DC  B OP1   1 
ATOM   225 O OP2   . DC  B 1 2  ? -7.541  7.484   1.238   1.00 11.14 ? 202 DC  B OP2   1 
ATOM   226 O "O5'" . DC  B 1 2  ? -8.086  8.261   3.498   1.00 9.82  ? 202 DC  B "O5'" 1 
ATOM   227 C "C5'" . DC  B 1 2  ? -8.387  9.225   4.509   1.00 9.83  ? 202 DC  B "C5'" 1 
ATOM   228 C "C4'" . DC  B 1 2  ? -8.375  8.516   5.857   1.00 9.66  ? 202 DC  B "C4'" 1 
ATOM   229 O "O4'" . DC  B 1 2  ? -9.492  7.574   5.910   1.00 9.07  ? 202 DC  B "O4'" 1 
ATOM   230 C "C3'" . DC  B 1 2  ? -7.153  7.685   6.200   1.00 8.85  ? 202 DC  B "C3'" 1 
ATOM   231 O "O3'" . DC  B 1 2  ? -6.094  8.546   6.599   1.00 10.17 ? 202 DC  B "O3'" 1 
ATOM   232 C "C2'" . DC  B 1 2  ? -7.705  6.811   7.285   1.00 8.45  ? 202 DC  B "C2'" 1 
ATOM   233 C "C1'" . DC  B 1 2  ? -9.050  6.456   6.716   1.00 8.52  ? 202 DC  B "C1'" 1 
ATOM   234 N N1    . DC  B 1 2  ? -9.066  5.252   5.850   1.00 7.57  ? 202 DC  B N1    1 
ATOM   235 C C2    . DC  B 1 2  ? -9.073  4.000   6.485   1.00 6.97  ? 202 DC  B C2    1 
ATOM   236 O O2    . DC  B 1 2  ? -9.051  4.004   7.698   1.00 7.48  ? 202 DC  B O2    1 
ATOM   237 N N3    . DC  B 1 2  ? -9.084  2.867   5.731   1.00 7.31  ? 202 DC  B N3    1 
ATOM   238 C C4    . DC  B 1 2  ? -9.083  2.972   4.404   1.00 7.80  ? 202 DC  B C4    1 
ATOM   239 N N4    . DC  B 1 2  ? -9.102  1.837   3.719   1.00 8.85  ? 202 DC  B N4    1 
ATOM   240 C C5    . DC  B 1 2  ? -9.077  4.239   3.718   1.00 8.61  ? 202 DC  B C5    1 
ATOM   241 C C6    . DC  B 1 2  ? -9.075  5.320   4.472   1.00 8.38  ? 202 DC  B C6    1 
ATOM   242 P P     . DG  B 1 3  ? -4.597  8.070   6.286   1.00 10.81 ? 203 DG  B P     1 
ATOM   243 O OP1   . DG  B 1 3  ? -3.736  9.147   6.801   1.00 14.31 ? 203 DG  B OP1   1 
ATOM   244 O OP2   . DG  B 1 3  ? -4.472  7.729   4.849   1.00 14.76 ? 203 DG  B OP2   1 
ATOM   245 O "O5'" . DG  B 1 3  ? -4.395  6.717   7.070   1.00 9.09  ? 203 DG  B "O5'" 1 
ATOM   246 C "C5'" . DG  B 1 3  ? -4.350  6.797   8.504   1.00 9.59  ? 203 DG  B "C5'" 1 
ATOM   247 C "C4'" . DG  B 1 3  ? -4.270  5.427   9.085   1.00 8.38  ? 203 DG  B "C4'" 1 
ATOM   248 O "O4'" . DG  B 1 3  ? -5.494  4.685   8.777   1.00 9.00  ? 203 DG  B "O4'" 1 
ATOM   249 C "C3'" . DG  B 1 3  ? -3.183  4.507   8.565   1.00 7.96  ? 203 DG  B "C3'" 1 
ATOM   250 O "O3'" . DG  B 1 3  ? -1.933  4.909   9.066   1.00 8.67  ? 203 DG  B "O3'" 1 
ATOM   251 C "C2'" . DG  B 1 3  ? -3.710  3.186   9.101   1.00 8.42  ? 203 DG  B "C2'" 1 
ATOM   252 C "C1'" . DG  B 1 3  ? -5.219  3.315   8.768   1.00 8.77  ? 203 DG  B "C1'" 1 
ATOM   253 N N9    . DG  B 1 3  ? -5.460  2.745   7.447   1.00 7.91  ? 203 DG  B N9    1 
ATOM   254 C C8    . DG  B 1 3  ? -5.723  3.381   6.283   1.00 8.30  ? 203 DG  B C8    1 
ATOM   255 N N7    . DG  B 1 3  ? -5.882  2.566   5.252   1.00 7.94  ? 203 DG  B N7    1 
ATOM   256 C C5    . DG  B 1 3  ? -5.704  1.304   5.803   1.00 7.38  ? 203 DG  B C5    1 
ATOM   257 C C6    . DG  B 1 3  ? -5.745  0.014   5.226   1.00 6.83  ? 203 DG  B C6    1 
ATOM   258 O O6    . DG  B 1 3  ? -5.964  -0.291  4.047   1.00 7.92  ? 203 DG  B O6    1 
ATOM   259 N N1    . DG  B 1 3  ? -5.501  -0.967  6.163   1.00 6.60  ? 203 DG  B N1    1 
ATOM   260 C C2    . DG  B 1 3  ? -5.245  -0.768  7.497   1.00 6.96  ? 203 DG  B C2    1 
ATOM   261 N N2    . DG  B 1 3  ? -5.035  -1.870  8.236   1.00 7.07  ? 203 DG  B N2    1 
ATOM   262 N N3    . DG  B 1 3  ? -5.201  0.430   8.068   1.00 7.78  ? 203 DG  B N3    1 
ATOM   263 C C4    . DG  B 1 3  ? -5.438  1.405   7.167   1.00 7.08  ? 203 DG  B C4    1 
ATOM   264 P P     . DT  B 1 4  ? -0.554  4.541   8.355   1.00 9.28  ? 204 DT  B P     1 
ATOM   265 O OP1   . DT  B 1 4  ? 0.513   5.175   9.165   1.00 11.87 ? 204 DT  B OP1   1 
ATOM   266 O OP2   . DT  B 1 4  ? -0.680  4.865   6.904   1.00 11.47 ? 204 DT  B OP2   1 
ATOM   267 O "O5'" . DT  B 1 4  ? -0.492  2.968   8.444   1.00 8.30  ? 204 DT  B "O5'" 1 
ATOM   268 C "C5'" . DT  B 1 4  ? -0.332  2.350   9.723   1.00 8.92  ? 204 DT  B "C5'" 1 
ATOM   269 C "C4'" . DT  B 1 4  ? -0.268  0.857   9.565   1.00 8.60  ? 204 DT  B "C4'" 1 
ATOM   270 O "O4'" . DT  B 1 4  ? -1.563  0.376   9.056   1.00 7.95  ? 204 DT  B "O4'" 1 
ATOM   271 C "C3'" . DT  B 1 4  ? 0.725   0.275   8.579   1.00 8.79  ? 204 DT  B "C3'" 1 
ATOM   272 O "O3'" . DT  B 1 4  ? 2.044   0.311   9.085   1.00 12.39 ? 204 DT  B "O3'" 1 
ATOM   273 C "C2'" . DT  B 1 4  ? 0.146   -1.118  8.454   1.00 8.82  ? 204 DT  B "C2'" 1 
ATOM   274 C "C1'" . DT  B 1 4  ? -1.356  -0.825  8.350   1.00 7.61  ? 204 DT  B "C1'" 1 
ATOM   275 N N1    . DT  B 1 4  ? -1.767  -0.670  6.951   1.00 7.21  ? 204 DT  B N1    1 
ATOM   276 C C2    . DT  B 1 4  ? -1.953  -1.799  6.224   1.00 6.86  ? 204 DT  B C2    1 
ATOM   277 O O2    . DT  B 1 4  ? -1.805  -2.920  6.722   1.00 7.29  ? 204 DT  B O2    1 
ATOM   278 N N3    . DT  B 1 4  ? -2.333  -1.619  4.927   1.00 7.10  ? 204 DT  B N3    1 
ATOM   279 C C4    . DT  B 1 4  ? -2.502  -0.421  4.295   1.00 7.25  ? 204 DT  B C4    1 
ATOM   280 O O4    . DT  B 1 4  ? -2.830  -0.444  3.096   1.00 8.55  ? 204 DT  B O4    1 
ATOM   281 C C5    . DT  B 1 4  ? -2.278  0.767   5.075   1.00 7.33  ? 204 DT  B C5    1 
ATOM   282 C C7    . DT  B 1 4  ? -2.420  2.154   4.579   1.00 9.92  ? 204 DT  B C7    1 
ATOM   283 C C6    . DT  B 1 4  ? -1.923  0.594   6.362   1.00 7.43  ? 204 DT  B C6    1 
ATOM   284 P P     . DA  B 1 5  ? 3.300   0.357   8.022   1.00 14.62 ? 205 DA  B P     1 
ATOM   285 O OP1   . DA  B 1 5  ? 4.482   0.604   8.882   1.00 24.51 ? 205 DA  B OP1   1 
ATOM   286 O OP2   . DA  B 1 5  ? 2.944   1.201   6.868   1.00 20.02 ? 205 DA  B OP2   1 
ATOM   287 O "O5'" . DA  B 1 5  ? 3.321   -1.187  7.586   1.00 13.43 ? 205 DA  B "O5'" 1 
ATOM   288 C "C5'" . DA  B 1 5  ? 3.511   -2.297  8.499   1.00 13.86 ? 205 DA  B "C5'" 1 
ATOM   289 C "C4'" . DA  B 1 5  ? 3.352   -3.595  7.763   1.00 10.94 ? 205 DA  B "C4'" 1 
ATOM   290 O "O4'" . DA  B 1 5  ? 2.000   -3.717  7.248   1.00 9.36  ? 205 DA  B "O4'" 1 
ATOM   291 C "C3'" . DA  B 1 5  ? 4.211   -3.792  6.515   1.00 9.60  ? 205 DA  B "C3'" 1 
ATOM   292 O "O3'" . DA  B 1 5  ? 5.517   -4.182  6.908   1.00 9.93  ? 205 DA  B "O3'" 1 
ATOM   293 C "C2'" . DA  B 1 5  ? 3.459   -4.838  5.738   1.00 8.97  ? 205 DA  B "C2'" 1 
ATOM   294 C "C1'" . DA  B 1 5  ? 2.057   -4.392  5.965   1.00 8.47  ? 205 DA  B "C1'" 1 
ATOM   295 N N9    . DA  B 1 5  ? 1.510   -3.438  4.978   1.00 7.32  ? 205 DA  B N9    1 
ATOM   296 C C8    . DA  B 1 5  ? 1.391   -2.091  5.001   1.00 7.83  ? 205 DA  B C8    1 
ATOM   297 N N7    . DA  B 1 5  ? 0.847   -1.564  3.950   1.00 7.08  ? 205 DA  B N7    1 
ATOM   298 C C5    . DA  B 1 5  ? 0.575   -2.650  3.150   1.00 6.32  ? 205 DA  B C5    1 
ATOM   299 C C6    . DA  B 1 5  ? -0.019  -2.774  1.876   1.00 6.47  ? 205 DA  B C6    1 
ATOM   300 N N6    . DA  B 1 5  ? -0.468  -1.759  1.131   1.00 7.75  ? 205 DA  B N6    1 
ATOM   301 N N1    . DA  B 1 5  ? -0.125  -4.023  1.377   1.00 7.19  ? 205 DA  B N1    1 
ATOM   302 C C2    . DA  B 1 5  ? 0.312   -5.064  2.099   1.00 7.68  ? 205 DA  B C2    1 
ATOM   303 N N3    . DA  B 1 5  ? 0.880   -5.050  3.297   1.00 7.43  ? 205 DA  B N3    1 
ATOM   304 C C4    . DA  B 1 5  ? 0.970   -3.817  3.769   1.00 6.80  ? 205 DA  B C4    1 
HETATM 305 O OP2   . USM B 1 6  ? 6.647   -2.529  5.362   1.00 12.32 ? 206 USM B OP2   1 
HETATM 306 P P     . USM B 1 6  ? 6.773   -3.841  5.989   1.00 9.71  ? 206 USM B P     1 
HETATM 307 O OP1   . USM B 1 6  ? 7.949   -4.147  6.869   1.00 11.24 ? 206 USM B OP1   1 
HETATM 308 O "O5'" . USM B 1 6  ? 6.710   -4.873  4.790   1.00 8.18  ? 206 USM B "O5'" 1 
HETATM 309 N N1    . USM B 1 6  ? 4.466   -5.683  1.641   1.00 6.95  ? 206 USM B N1    1 
HETATM 310 C C6    . USM B 1 6  ? 4.611   -4.518  2.374   1.00 7.00  ? 206 USM B C6    1 
HETATM 311 C C2    . USM B 1 6  ? 3.739   -5.637  0.488   1.00 7.04  ? 206 USM B C2    1 
HETATM 312 O O2    . USM B 1 6  ? 3.575   -6.626  -0.206  1.00 8.42  ? 206 USM B O2    1 
HETATM 313 N N3    . USM B 1 6  ? 3.172   -4.427  0.161   1.00 6.96  ? 206 USM B N3    1 
HETATM 314 C C4    . USM B 1 6  ? 3.293   -3.241  0.847   1.00 6.90  ? 206 USM B C4    1 
HETATM 315 O O4    . USM B 1 6  ? 2.759   -2.237  0.434   1.00 7.50  ? 206 USM B O4    1 
HETATM 316 C C5    . USM B 1 6  ? 4.075   -3.333  2.035   1.00 6.64  ? 206 USM B C5    1 
HETATM 317 C "C2'" . USM B 1 6  ? 6.444   -7.237  1.480   1.00 8.18  ? 206 USM B "C2'" 1 
HETATM 318 S "S2'" . USM B 1 6  ? 6.774   -9.036  1.382   1.00 9.80  ? 206 USM B "S2'" 1 
HETATM 319 C C2A   . USM B 1 6  ? 5.766   -9.560  -0.075  1.00 12.38 ? 206 USM B C2A   1 
HETATM 320 C "C5'" . USM B 1 6  ? 6.901   -6.273  5.058   1.00 8.13  ? 206 USM B "C5'" 1 
HETATM 321 C "C4'" . USM B 1 6  ? 6.614   -7.048  3.822   1.00 7.84  ? 206 USM B "C4'" 1 
HETATM 322 O "O4'" . USM B 1 6  ? 5.202   -6.928  3.471   1.00 7.15  ? 206 USM B "O4'" 1 
HETATM 323 C "C1'" . USM B 1 6  ? 5.069   -6.968  2.038   1.00 7.62  ? 206 USM B "C1'" 1 
HETATM 324 C "C3'" . USM B 1 6  ? 7.287   -6.587  2.538   1.00 7.73  ? 206 USM B "C3'" 1 
HETATM 325 O "O3'" . USM B 1 6  ? 8.657   -6.984  2.515   1.00 9.14  ? 206 USM B "O3'" 1 
ATOM   326 P P     . DA  B 1 7  ? 9.724   -6.087  1.730   1.00 10.78 ? 207 DA  B P     1 
ATOM   327 O OP1   . DA  B 1 7  ? 11.031  -6.743  1.981   1.00 14.20 ? 207 DA  B OP1   1 
ATOM   328 O OP2   . DA  B 1 7  ? 9.513   -4.679  2.069   1.00 12.65 ? 207 DA  B OP2   1 
ATOM   329 O "O5'" . DA  B 1 7  ? 9.351   -6.223  0.198   1.00 9.54  ? 207 DA  B "O5'" 1 
ATOM   330 C "C5'" . DA  B 1 7  ? 9.642   -7.434  -0.502  1.00 11.24 ? 207 DA  B "C5'" 1 
ATOM   331 C "C4'" . DA  B 1 7  ? 9.086   -7.366  -1.884  1.00 10.51 ? 207 DA  B "C4'" 1 
ATOM   332 O "O4'" . DA  B 1 7  ? 7.632   -7.208  -1.800  1.00 10.96 ? 207 DA  B "O4'" 1 
ATOM   333 C "C3'" . DA  B 1 7  ? 9.503   -6.192  -2.763  1.00 9.87  ? 207 DA  B "C3'" 1 
ATOM   334 O "O3'" . DA  B 1 7  ? 10.824  -6.341  -3.248  1.00 11.95 ? 207 DA  B "O3'" 1 
ATOM   335 C "C2'" . DA  B 1 7  ? 8.405   -6.263  -3.821  1.00 9.56  ? 207 DA  B "C2'" 1 
ATOM   336 C "C1'" . DA  B 1 7  ? 7.186   -6.530  -2.960  1.00 9.63  ? 207 DA  B "C1'" 1 
ATOM   337 N N9    . DA  B 1 7  ? 6.529   -5.283  -2.536  1.00 8.05  ? 207 DA  B N9    1 
ATOM   338 C C8    . DA  B 1 7  ? 6.656   -4.603  -1.369  1.00 8.13  ? 207 DA  B C8    1 
ATOM   339 N N7    . DA  B 1 7  ? 5.940   -3.487  -1.292  1.00 7.69  ? 207 DA  B N7    1 
ATOM   340 C C5    . DA  B 1 7  ? 5.298   -3.452  -2.497  1.00 6.88  ? 207 DA  B C5    1 
ATOM   341 C C6    . DA  B 1 7  ? 4.384   -2.549  -3.095  1.00 6.70  ? 207 DA  B C6    1 
ATOM   342 N N6    . DA  B 1 7  ? 3.951   -1.459  -2.467  1.00 7.06  ? 207 DA  B N6    1 
ATOM   343 N N1    . DA  B 1 7  ? 3.942   -2.796  -4.355  1.00 6.64  ? 207 DA  B N1    1 
ATOM   344 C C2    . DA  B 1 7  ? 4.383   -3.888  -4.951  1.00 7.06  ? 207 DA  B C2    1 
ATOM   345 N N3    . DA  B 1 7  ? 5.224   -4.806  -4.506  1.00 7.94  ? 207 DA  B N3    1 
ATOM   346 C C4    . DA  B 1 7  ? 5.650   -4.540  -3.288  1.00 7.24  ? 207 DA  B C4    1 
ATOM   347 P P     . DC  B 1 8  ? 11.787  -5.090  -3.568  1.00 12.47 ? 208 DC  B P     1 
ATOM   348 O OP1   . DC  B 1 8  ? 13.098  -5.643  -3.975  1.00 15.03 ? 208 DC  B OP1   1 
ATOM   349 O OP2   . DC  B 1 8  ? 11.694  -4.165  -2.405  1.00 16.94 ? 208 DC  B OP2   1 
ATOM   350 O "O5'" . DC  B 1 8  ? 11.102  -4.392  -4.819  1.00 11.01 ? 208 DC  B "O5'" 1 
ATOM   351 C "C5'" A DC  B 1 8  ? 11.111  -4.916  -6.152  0.50 13.48 ? 208 DC  B "C5'" 1 
ATOM   352 C "C5'" B DC  B 1 8  ? 10.831  -5.153  -6.003  0.50 17.22 ? 208 DC  B "C5'" 1 
ATOM   353 C "C4'" A DC  B 1 8  ? 10.156  -4.153  -7.009  0.50 13.55 ? 208 DC  B "C4'" 1 
ATOM   354 C "C4'" B DC  B 1 8  ? 10.005  -4.338  -6.951  0.50 12.13 ? 208 DC  B "C4'" 1 
ATOM   355 O "O4'" A DC  B 1 8  ? 8.797   -4.242  -6.447  0.50 9.87  ? 208 DC  B "O4'" 1 
ATOM   356 O "O4'" B DC  B 1 8  ? 8.730   -4.071  -6.294  0.50 17.13 ? 208 DC  B "O4'" 1 
ATOM   357 C "C3'" A DC  B 1 8  ? 10.380  -2.653  -7.147  0.50 14.13 ? 208 DC  B "C3'" 1 
ATOM   358 C "C3'" B DC  B 1 8  ? 10.524  -2.969  -7.352  0.50 13.89 ? 208 DC  B "C3'" 1 
ATOM   359 O "O3'" A DC  B 1 8  ? 11.471  -2.394  -8.002  0.50 16.46 ? 208 DC  B "O3'" 1 
ATOM   360 O "O3'" B DC  B 1 8  ? 11.394  -3.116  -8.463  0.50 15.09 ? 208 DC  B "O3'" 1 
ATOM   361 C "C2'" A DC  B 1 8  ? 9.013   -2.226  -7.670  0.50 13.03 ? 208 DC  B "C2'" 1 
ATOM   362 C "C2'" B DC  B 1 8  ? 9.262   -2.188  -7.648  0.50 14.36 ? 208 DC  B "C2'" 1 
ATOM   363 C "C1'" A DC  B 1 8  ? 8.116   -3.057  -6.776  0.50 9.51  ? 208 DC  B "C1'" 1 
ATOM   364 C "C1'" B DC  B 1 8  ? 8.234   -2.821  -6.745  0.50 15.11 ? 208 DC  B "C1'" 1 
ATOM   365 N N1    A DC  B 1 8  ? 7.817   -2.287  -5.549  0.50 9.60  ? 208 DC  B N1    1 
ATOM   366 N N1    B DC  B 1 8  ? 7.951   -2.064  -5.500  0.50 15.68 ? 208 DC  B N1    1 
ATOM   367 C C2    A DC  B 1 8  ? 6.781   -1.353  -5.637  0.50 9.46  ? 208 DC  B C2    1 
ATOM   368 C C2    B DC  B 1 8  ? 6.884   -1.163  -5.610  0.50 16.18 ? 208 DC  B C2    1 
ATOM   369 O O2    A DC  B 1 8  ? 6.217   -1.268  -6.732  0.50 23.63 ? 208 DC  B O2    1 
ATOM   370 O O2    B DC  B 1 8  ? 6.293   -1.071  -6.687  0.50 10.16 ? 208 DC  B O2    1 
ATOM   371 N N3    A DC  B 1 8  ? 6.451   -0.598  -4.550  0.50 10.63 ? 208 DC  B N3    1 
ATOM   372 N N3    B DC  B 1 8  ? 6.547   -0.419  -4.523  0.50 12.43 ? 208 DC  B N3    1 
ATOM   373 C C4    A DC  B 1 8  ? 7.149   -0.796  -3.422  0.50 11.84 ? 208 DC  B C4    1 
ATOM   374 C C4    B DC  B 1 8  ? 7.237   -0.583  -3.400  0.50 12.20 ? 208 DC  B C4    1 
ATOM   375 N N4    A DC  B 1 8  ? 6.800   -0.047  -2.379  0.50 26.12 ? 208 DC  B N4    1 
ATOM   376 N N4    B DC  B 1 8  ? 6.868   0.169   -2.362  0.50 10.17 ? 208 DC  B N4    1 
ATOM   377 C C5    A DC  B 1 8  ? 8.216   -1.740  -3.305  0.50 12.48 ? 208 DC  B C5    1 
ATOM   378 C C5    B DC  B 1 8  ? 8.334   -1.494  -3.256  0.50 12.98 ? 208 DC  B C5    1 
ATOM   379 C C6    A DC  B 1 8  ? 8.496   -2.446  -4.387  0.50 10.99 ? 208 DC  B C6    1 
ATOM   380 C C6    B DC  B 1 8  ? 8.631   -2.204  -4.339  0.50 14.28 ? 208 DC  B C6    1 
ATOM   381 P P     A DG  B 1 9  ? 12.234  -0.999  -8.060  0.50 17.06 ? 209 DG  B P     1 
ATOM   382 P P     B DG  B 1 9  ? 12.241  -1.892  -9.028  0.50 15.07 ? 209 DG  B P     1 
ATOM   383 O OP1   A DG  B 1 9  ? 13.320  -1.113  -9.093  0.50 24.54 ? 209 DG  B OP1   1 
ATOM   384 O OP1   B DG  B 1 9  ? 13.008  -2.377  -10.204 0.50 21.28 ? 209 DG  B OP1   1 
ATOM   385 O OP2   A DG  B 1 9  ? 12.598  -0.534  -6.709  0.50 20.18 ? 209 DG  B OP2   1 
ATOM   386 O OP2   B DG  B 1 9  ? 13.082  -1.312  -7.924  0.50 20.29 ? 209 DG  B OP2   1 
ATOM   387 O "O5'" A DG  B 1 9  ? 11.126  -0.019  -8.626  0.50 19.95 ? 209 DG  B "O5'" 1 
ATOM   388 O "O5'" B DG  B 1 9  ? 11.130  -0.903  -9.539  0.50 13.29 ? 209 DG  B "O5'" 1 
ATOM   389 C "C5'" A DG  B 1 9  ? 10.746  0.023   -10.018 0.50 15.31 ? 209 DG  B "C5'" 1 
ATOM   390 C "C5'" B DG  B 1 9  ? 11.154  0.520   -9.303  0.50 14.43 ? 209 DG  B "C5'" 1 
ATOM   391 C "C4'" A DG  B 1 9  ? 9.595   0.996   -10.152 0.50 12.88 ? 209 DG  B "C4'" 1 
ATOM   392 C "C4'" B DG  B 1 9  ? 9.877   1.106   -9.858  0.50 13.85 ? 209 DG  B "C4'" 1 
ATOM   393 O "O4'" . DG  B 1 9  ? 8.749   0.714   -9.009  1.00 8.61  ? 209 DG  B "O4'" 1 
ATOM   394 C "C3'" A DG  B 1 9  ? 9.800   2.478   -10.029 0.50 11.33 ? 209 DG  B "C3'" 1 
ATOM   395 C "C3'" B DG  B 1 9  ? 9.838   2.613   -9.944  0.50 12.27 ? 209 DG  B "C3'" 1 
ATOM   396 O "O3'" . DG  B 1 9  ? 10.241  3.016   -11.263 1.00 7.90  ? 209 DG  B "O3'" 1 
ATOM   397 C "C2'" . DG  B 1 9  ? 8.426   2.978   -9.673  1.00 6.73  ? 209 DG  B "C2'" 1 
ATOM   398 C "C1'" . DG  B 1 9  ? 7.981   1.951   -8.749  1.00 7.17  ? 209 DG  B "C1'" 1 
ATOM   399 N N9    . DG  B 1 9  ? 8.094   2.122   -7.287  1.00 6.01  ? 209 DG  B N9    1 
ATOM   400 C C8    . DG  B 1 9  ? 8.801   1.419   -6.385  1.00 6.49  ? 209 DG  B C8    1 
ATOM   401 N N7    . DG  B 1 9  ? 8.634   1.874   -5.149  1.00 6.91  ? 209 DG  B N7    1 
ATOM   402 C C5    . DG  B 1 9  ? 7.750   2.931   -5.292  1.00 5.76  ? 209 DG  B C5    1 
ATOM   403 C C6    . DG  B 1 9  ? 7.180   3.813   -4.355  1.00 5.96  ? 209 DG  B C6    1 
ATOM   404 O O6    . DG  B 1 9  ? 7.344   3.855   -3.123  1.00 6.71  ? 209 DG  B O6    1 
ATOM   405 N N1    . DG  B 1 9  ? 6.336   4.736   -4.941  1.00 5.77  ? 209 DG  B N1    1 
ATOM   406 C C2    . DG  B 1 9  ? 6.057   4.826   -6.306  1.00 5.15  ? 209 DG  B C2    1 
ATOM   407 N N2    . DG  B 1 9  ? 5.229   5.779   -6.682  1.00 6.20  ? 209 DG  B N2    1 
ATOM   408 N N3    . DG  B 1 9  ? 6.578   4.002   -7.192  1.00 5.76  ? 209 DG  B N3    1 
ATOM   409 C C4    . DG  B 1 9  ? 7.402   3.096   -6.630  1.00 6.08  ? 209 DG  B C4    1 
ATOM   410 P P     . DC  B 1 10 ? 11.085  4.350   -11.387 1.00 8.37  ? 210 DC  B P     1 
ATOM   411 O OP1   . DC  B 1 10 ? 11.410  4.510   -12.831 1.00 11.31 ? 210 DC  B OP1   1 
ATOM   412 O OP2   . DC  B 1 10 ? 12.199  4.348   -10.414 1.00 10.57 ? 210 DC  B OP2   1 
ATOM   413 O "O5'" . DC  B 1 10 ? 10.081  5.494   -10.916 1.00 7.85  ? 210 DC  B "O5'" 1 
ATOM   414 C "C5'" . DC  B 1 10 ? 8.979   5.935   -11.729 1.00 7.47  ? 210 DC  B "C5'" 1 
ATOM   415 C "C4'" . DC  B 1 10 ? 8.310   7.095   -11.051 1.00 6.59  ? 210 DC  B "C4'" 1 
ATOM   416 O "O4'" . DC  B 1 10 ? 7.755   6.625   -9.808  1.00 6.46  ? 210 DC  B "O4'" 1 
ATOM   417 C "C3'" . DC  B 1 10 ? 9.212   8.244   -10.657 1.00 7.01  ? 210 DC  B "C3'" 1 
ATOM   418 O "O3'" . DC  B 1 10 ? 9.364   9.201   -11.696 1.00 8.17  ? 210 DC  B "O3'" 1 
ATOM   419 C "C2'" . DC  B 1 10 ? 8.506   8.863   -9.472  1.00 7.12  ? 210 DC  B "C2'" 1 
ATOM   420 C "C1'" . DC  B 1 10 ? 7.798   7.735   -8.856  1.00 6.65  ? 210 DC  B "C1'" 1 
ATOM   421 N N1    . DC  B 1 10 ? 8.395   7.145   -7.620  1.00 6.08  ? 210 DC  B N1    1 
ATOM   422 C C2    . DC  B 1 10 ? 8.026   7.743   -6.419  1.00 5.97  ? 210 DC  B C2    1 
ATOM   423 O O2    . DC  B 1 10 ? 7.262   8.715   -6.455  1.00 6.35  ? 210 DC  B O2    1 
ATOM   424 N N3    . DC  B 1 10 ? 8.513   7.242   -5.263  1.00 6.21  ? 210 DC  B N3    1 
ATOM   425 C C4    . DC  B 1 10 ? 9.363   6.183   -5.304  1.00 6.39  ? 210 DC  B C4    1 
ATOM   426 N N4    . DC  B 1 10 ? 9.834   5.729   -4.126  1.00 7.07  ? 210 DC  B N4    1 
ATOM   427 C C5    . DC  B 1 10 ? 9.750   5.585   -6.505  1.00 6.75  ? 210 DC  B C5    1 
ATOM   428 C C6    . DC  B 1 10 ? 9.245   6.110   -7.649  1.00 6.04  ? 210 DC  B C6    1 
HETATM 429 N N1    . N3D C 2 .  ? 14.970  -1.454  -4.966  1.00 19.99 ? 501 N3D B N1    1 
HETATM 430 C C2    . N3D C 2 .  ? 16.027  -0.383  -5.157  1.00 13.06 ? 501 N3D B C2    1 
HETATM 431 C C3    . N3D C 2 .  ? 15.336  0.878   -5.521  1.00 18.91 ? 501 N3D B C3    1 
HETATM 432 C C4    . N3D C 2 .  ? 16.299  2.010   -5.795  1.00 16.81 ? 501 N3D B C4    1 
HETATM 433 N N5    . N3D C 2 .  ? 15.638  3.334   -5.462  1.00 17.78 ? 501 N3D B N5    1 
HETATM 434 C C6    . N3D C 2 .  ? 16.554  4.456   -5.875  1.00 10.04 ? 501 N3D B C6    1 
HETATM 435 O O     . HOH D 3 .  ? -6.056  -2.817  -6.273  0.50 19.11 ? 301 HOH A O     1 
HETATM 436 O O     . HOH D 3 .  ? -11.353 -8.304  5.014   1.00 36.83 ? 305 HOH A O     1 
HETATM 437 O O     . HOH D 3 .  ? 8.258   5.454   2.211   1.00 43.51 ? 309 HOH A O     1 
HETATM 438 O O     . HOH D 3 .  ? 0.137   -9.375  -7.190  1.00 26.08 ? 310 HOH A O     1 
HETATM 439 O O     . HOH D 3 .  ? -13.901 -7.366  4.691   1.00 24.09 ? 311 HOH A O     1 
HETATM 440 O O     . HOH D 3 .  ? -2.726  8.406   -9.039  0.50 19.83 ? 312 HOH A O     1 
HETATM 441 O O     . HOH D 3 .  ? -3.652  8.499   -0.410  1.00 40.22 ? 319 HOH A O     1 
HETATM 442 O O     . HOH D 3 .  ? 7.446   11.728  4.134   1.00 43.54 ? 321 HOH A O     1 
HETATM 443 O O     . HOH D 3 .  ? 0.592   6.223   0.435   1.00 15.45 ? 328 HOH A O     1 
HETATM 444 O O     . HOH D 3 .  ? 2.250   4.085   -0.483  1.00 12.32 ? 331 HOH A O     1 
HETATM 445 O O     . HOH D 3 .  ? -2.953  0.200   -6.832  1.00 12.15 ? 332 HOH A O     1 
HETATM 446 O O     . HOH D 3 .  ? -6.273  -5.976  -3.408  0.50 9.33  ? 333 HOH A O     1 
HETATM 447 O O     . HOH D 3 .  ? -5.700  -4.434  -1.236  1.00 15.37 ? 334 HOH A O     1 
HETATM 448 O O     . HOH D 3 .  ? -0.358  6.161   -2.118  1.00 11.79 ? 336 HOH A O     1 
HETATM 449 O O     . HOH D 3 .  ? -1.187  3.636   -2.227  1.00 17.09 ? 337 HOH A O     1 
HETATM 450 O O     . HOH D 3 .  ? -2.172  -8.734  -9.170  1.00 33.86 ? 342 HOH A O     1 
HETATM 451 O O     . HOH D 3 .  ? -8.129  0.233   11.882  1.00 13.88 ? 343 HOH A O     1 
HETATM 452 O O     . HOH D 3 .  ? 0.902   1.406   -1.704  1.00 18.86 ? 344 HOH A O     1 
HETATM 453 O O     . HOH D 3 .  ? -15.378 -2.692  14.393  1.00 7.97  ? 346 HOH A O     1 
HETATM 454 O O     . HOH D 3 .  ? 3.293   9.587   -6.900  1.00 9.07  ? 347 HOH A O     1 
HETATM 455 O O     . HOH D 3 .  ? -9.756  -4.402  4.294   1.00 15.37 ? 348 HOH A O     1 
HETATM 456 O O     . HOH D 3 .  ? -13.960 0.102   16.175  1.00 15.17 ? 349 HOH A O     1 
HETATM 457 O O     . HOH D 3 .  ? -12.073 -5.287  7.983   1.00 12.23 ? 350 HOH A O     1 
HETATM 458 O O     . HOH D 3 .  ? -15.465 -5.194  13.227  1.00 10.19 ? 351 HOH A O     1 
HETATM 459 O O     . HOH D 3 .  ? -0.132  -8.639  1.673   1.00 11.51 ? 353 HOH A O     1 
HETATM 460 O O     . HOH D 3 .  ? -5.249  -4.062  -11.994 1.00 12.91 ? 354 HOH A O     1 
HETATM 461 O O     . HOH D 3 .  ? -3.255  3.720   -4.457  1.00 16.68 ? 356 HOH A O     1 
HETATM 462 O O     . HOH D 3 .  ? -7.776  -3.606  0.536   1.00 18.49 ? 357 HOH A O     1 
HETATM 463 O O     . HOH D 3 .  ? -12.066 -7.819  13.576  1.00 11.34 ? 359 HOH A O     1 
HETATM 464 O O     . HOH D 3 .  ? 3.472   6.818   2.582   1.00 25.60 ? 360 HOH A O     1 
HETATM 465 O O     . HOH D 3 .  ? -12.252 -3.814  5.450   1.00 15.37 ? 362 HOH A O     1 
HETATM 466 O O     . HOH D 3 .  ? -9.217  -0.221  14.598  1.00 18.92 ? 365 HOH A O     1 
HETATM 467 O O     . HOH D 3 .  ? -13.928 -7.516  10.334  1.00 15.50 ? 367 HOH A O     1 
HETATM 468 O O     . HOH D 3 .  ? -9.795  -1.961  2.877   1.00 17.93 ? 368 HOH A O     1 
HETATM 469 O O     . HOH D 3 .  ? -11.517 -4.492  15.671  0.50 11.92 ? 369 HOH A O     1 
HETATM 470 O O     . HOH D 3 .  ? 4.338   2.318   -0.090  1.00 19.55 ? 370 HOH A O     1 
HETATM 471 O O     . HOH D 3 .  ? -0.321  12.840  2.939   1.00 22.41 ? 377 HOH A O     1 
HETATM 472 O O     . HOH D 3 .  ? -3.647  0.301   -13.554 1.00 23.72 ? 380 HOH A O     1 
HETATM 473 O O     . HOH D 3 .  ? -2.470  -0.536  -3.105  1.00 29.87 ? 381 HOH A O     1 
HETATM 474 O O     . HOH D 3 .  ? 5.138   4.951   1.528   1.00 36.17 ? 385 HOH A O     1 
HETATM 475 O O     . HOH D 3 .  ? -4.830  2.211   -10.872 1.00 38.21 ? 386 HOH A O     1 
HETATM 476 O O     . HOH D 3 .  ? -4.463  6.291   -9.328  1.00 28.45 ? 387 HOH A O     1 
HETATM 477 O O     . HOH D 3 .  ? -11.653 -0.499  17.362  0.50 19.47 ? 388 HOH A O     1 
HETATM 478 O O     . HOH D 3 .  ? -9.801  -6.963  3.153   1.00 20.70 ? 389 HOH A O     1 
HETATM 479 O O     . HOH D 3 .  ? -5.219  -1.932  -2.624  1.00 22.39 ? 394 HOH A O     1 
HETATM 480 O O     . HOH D 3 .  ? -2.935  5.086   -12.016 1.00 24.48 ? 395 HOH A O     1 
HETATM 481 O O     . HOH D 3 .  ? -6.278  -1.297  -8.193  1.00 32.21 ? 398 HOH A O     1 
HETATM 482 O O     . HOH D 3 .  ? -13.126 -8.997  8.171   1.00 22.79 ? 399 HOH A O     1 
HETATM 483 O O     . HOH D 3 .  ? 1.785   7.778   4.229   1.00 37.68 ? 401 HOH A O     1 
HETATM 484 O O     . HOH D 3 .  ? -7.619  -7.540  -0.324  1.00 32.98 ? 402 HOH A O     1 
HETATM 485 O O     . HOH D 3 .  ? 1.552   -11.284 -4.315  1.00 61.22 ? 403 HOH A O     1 
HETATM 486 O O     . HOH D 3 .  ? -4.180  10.944  -0.240  1.00 45.42 ? 405 HOH A O     1 
HETATM 487 O O     . HOH D 3 .  ? -0.950  -11.711 -6.119  1.00 44.79 ? 407 HOH A O     1 
HETATM 488 O O     . HOH D 3 .  ? 1.798   12.279  5.548   1.00 52.67 ? 408 HOH A O     1 
HETATM 489 O O     . HOH D 3 .  ? -2.409  11.938  1.588   1.00 83.95 ? 410 HOH A O     1 
HETATM 490 O O     . HOH D 3 .  ? -10.049 -10.381 0.119   1.00 36.75 ? 412 HOH A O     1 
HETATM 491 O O     . HOH D 3 .  ? -6.375  2.968   -6.989  1.00 46.11 ? 413 HOH A O     1 
HETATM 492 O O     . HOH D 3 .  ? -8.314  -12.893 -1.230  1.00 42.14 ? 414 HOH A O     1 
HETATM 493 O O     . HOH D 3 .  ? -7.235  -9.596  -6.447  1.00 41.82 ? 416 HOH A O     1 
HETATM 494 O O     . HOH D 3 .  ? 9.192   4.904   0.189   1.00 36.56 ? 417 HOH A O     1 
HETATM 495 O O     . HOH D 3 .  ? -4.581  -2.862  -5.404  0.50 20.56 ? 419 HOH A O     1 
HETATM 496 O O     . HOH D 3 .  ? -6.676  -4.772  -3.454  0.50 24.74 ? 420 HOH A O     1 
HETATM 497 O O     . HOH D 3 .  ? -1.195  9.577   -8.169  0.50 31.29 ? 422 HOH A O     1 
HETATM 498 O O     . HOH D 3 .  ? -10.343 -5.374  15.090  0.50 17.25 ? 423 HOH A O     1 
HETATM 499 O O     . HOH D 3 .  ? 2.166   5.582   4.764   1.00 51.74 ? 425 HOH A O     1 
HETATM 500 O O     . HOH D 3 .  ? -8.416  -13.221 7.834   1.00 42.09 ? 429 HOH A O     1 
HETATM 501 O O     . HOH D 3 .  ? -6.853  5.228   -10.342 1.00 45.94 ? 433 HOH A O     1 
HETATM 502 O O     . HOH E 3 .  ? -0.058  7.275   5.805   1.00 32.39 ? 302 HOH B O     1 
HETATM 503 O O     . HOH E 3 .  ? -14.645 -0.284  2.024   1.00 39.86 ? 303 HOH B O     1 
HETATM 504 O O     . HOH E 3 .  ? 3.471   5.707   8.399   1.00 32.39 ? 304 HOH B O     1 
HETATM 505 O O     . HOH E 3 .  ? 7.092   -9.125  -5.833  1.00 38.56 ? 306 HOH B O     1 
HETATM 506 O O     . HOH E 3 .  ? -7.785  2.470   0.723   1.00 30.22 ? 307 HOH B O     1 
HETATM 507 O O     . HOH E 3 .  ? -8.460  12.334  2.654   1.00 27.99 ? 308 HOH B O     1 
HETATM 508 O O     . HOH E 3 .  ? -3.570  9.953   9.616   1.00 27.15 ? 313 HOH B O     1 
HETATM 509 O O     . HOH E 3 .  ? -8.136  5.272   -0.326  1.00 34.67 ? 314 HOH B O     1 
HETATM 510 O O     . HOH E 3 .  ? 3.419   -8.262  -2.858  1.00 40.91 ? 315 HOH B O     1 
HETATM 511 O O     . HOH E 3 .  ? 11.527  2.974   -14.885 1.00 28.83 ? 316 HOH B O     1 
HETATM 512 O O     . HOH E 3 .  ? -7.350  -0.228  1.692   1.00 29.33 ? 317 HOH B O     1 
HETATM 513 O O     . HOH E 3 .  ? 15.680  3.141   -2.162  1.00 30.15 ? 318 HOH B O     1 
HETATM 514 O O     . HOH E 3 .  ? 14.973  0.650   -9.001  1.00 38.97 ? 320 HOH B O     1 
HETATM 515 O O     . HOH E 3 .  ? 10.297  1.313   -3.045  1.00 11.33 ? 322 HOH B O     1 
HETATM 516 O O     . HOH E 3 .  ? 8.762   2.750   -1.154  1.00 20.79 ? 323 HOH B O     1 
HETATM 517 O O     . HOH E 3 .  ? 11.744  3.583   -4.010  1.00 14.63 ? 324 HOH B O     1 
HETATM 518 O O     . HOH E 3 .  ? 12.111  2.687   -6.537  1.00 16.16 ? 325 HOH B O     1 
HETATM 519 O O     . HOH E 3 .  ? 10.033  -3.053  -0.402  1.00 17.09 ? 326 HOH B O     1 
HETATM 520 O O     . HOH E 3 .  ? 11.947  -1.022  -3.153  1.00 17.40 ? 327 HOH B O     1 
HETATM 521 O O     . HOH E 3 .  ? -1.022  4.793   2.195   1.00 19.67 ? 329 HOH B O     1 
HETATM 522 O O     . HOH E 3 .  ? 0.469   -7.625  4.218   1.00 10.74 ? 330 HOH B O     1 
HETATM 523 O O     . HOH E 3 .  ? -3.509  1.261   1.183   1.00 32.37 ? 335 HOH B O     1 
HETATM 524 O O     . HOH E 3 .  ? -5.572  6.149   2.758   1.00 17.21 ? 338 HOH B O     1 
HETATM 525 O O     . HOH E 3 .  ? -5.792  3.282   2.562   1.00 14.75 ? 339 HOH B O     1 
HETATM 526 O O     . HOH E 3 .  ? -10.200 11.487  6.350   1.00 13.70 ? 340 HOH B O     1 
HETATM 527 O O     . HOH E 3 .  ? 4.621   -7.282  -6.017  1.00 18.39 ? 341 HOH B O     1 
HETATM 528 O O     . HOH E 3 .  ? -0.899  -5.108  8.176   1.00 7.87  ? 345 HOH B O     1 
HETATM 529 O O     . HOH E 3 .  ? 2.355   -9.114  0.807   1.00 12.74 ? 352 HOH B O     1 
HETATM 530 O O     . HOH E 3 .  ? 6.521   -1.422  0.569   1.00 15.04 ? 355 HOH B O     1 
HETATM 531 O O     . HOH E 3 .  ? 8.449   -6.454  8.346   1.00 18.26 ? 358 HOH B O     1 
HETATM 532 O O     . HOH E 3 .  ? 10.899  8.281   -13.672 1.00 16.07 ? 361 HOH B O     1 
HETATM 533 O O     . HOH E 3 .  ? 13.769  5.722   -13.518 1.00 21.39 ? 363 HOH B O     1 
HETATM 534 O O     . HOH E 3 .  ? -4.876  9.967   3.097   1.00 23.00 ? 364 HOH B O     1 
HETATM 535 O O     . HOH E 3 .  ? 7.852   -2.499  2.841   1.00 19.34 ? 366 HOH B O     1 
HETATM 536 O O     . HOH E 3 .  ? -2.049  5.619   4.523   1.00 24.65 ? 371 HOH B O     1 
HETATM 537 O O     . HOH E 3 .  ? 2.862   0.332   1.379   1.00 22.67 ? 372 HOH B O     1 
HETATM 538 O O     . HOH E 3 .  ? 13.729  3.331   -8.519  1.00 16.31 ? 373 HOH B O     1 
HETATM 539 O O     . HOH E 3 .  ? 10.549  5.968   -15.069 1.00 20.14 ? 374 HOH B O     1 
HETATM 540 O O     . HOH E 3 .  ? 0.723   0.941   2.682   0.66 21.15 ? 375 HOH B O     1 
HETATM 541 O O     . HOH E 3 .  ? 13.858  -4.480  -0.683  1.00 27.02 ? 376 HOH B O     1 
HETATM 542 O O     . HOH E 3 .  ? 2.825   -11.514 -0.640  1.00 19.25 ? 378 HOH B O     1 
HETATM 543 O O     . HOH E 3 .  ? -4.258  0.412   10.824  1.00 38.62 ? 379 HOH B O     1 
HETATM 544 O O     . HOH E 3 .  ? 13.442  -6.126  0.867   1.00 23.35 ? 382 HOH B O     1 
HETATM 545 O O     . HOH E 3 .  ? 0.892   1.119   4.953   0.66 29.04 ? 383 HOH B O     1 
HETATM 546 O O     . HOH E 3 .  ? 9.094   -0.306  -0.145  1.00 22.11 ? 384 HOH B O     1 
HETATM 547 O O     . HOH E 3 .  ? -7.917  8.729   -2.956  0.60 25.11 ? 390 HOH B O     1 
HETATM 548 O O     . HOH E 3 .  ? -5.883  1.720   11.771  1.00 21.62 ? 391 HOH B O     1 
HETATM 549 O O     . HOH E 3 .  ? 14.524  -6.801  -5.975  1.00 35.22 ? 392 HOH B O     1 
HETATM 550 O O     . HOH E 3 .  ? -11.556 -0.152  1.617   1.00 27.43 ? 393 HOH B O     1 
HETATM 551 O O     . HOH E 3 .  ? 4.541   -0.696  4.418   1.00 25.62 ? 396 HOH B O     1 
HETATM 552 O O     . HOH E 3 .  ? 13.830  5.075   -3.084  1.00 22.42 ? 397 HOH B O     1 
HETATM 553 O O     . HOH E 3 .  ? -0.196  10.557  8.527   1.00 38.25 ? 400 HOH B O     1 
HETATM 554 O O     . HOH E 3 .  ? 9.447   -10.764 -1.535  1.00 53.36 ? 404 HOH B O     1 
HETATM 555 O O     . HOH E 3 .  ? -2.283  3.563   0.399   1.00 35.40 ? 406 HOH B O     1 
HETATM 556 O O     . HOH E 3 .  ? -2.930  5.872   0.397   1.00 43.72 ? 409 HOH B O     1 
HETATM 557 O O     . HOH E 3 .  ? 6.616   1.997   0.212   0.50 27.30 ? 411 HOH B O     1 
HETATM 558 O O     . HOH E 3 .  ? 7.124   -0.344  9.048   1.00 36.07 ? 415 HOH B O     1 
HETATM 559 O O     . HOH E 3 .  ? -0.736  1.364   0.952   1.00 37.75 ? 418 HOH B O     1 
HETATM 560 O O     . HOH E 3 .  ? 0.944   3.410   5.050   0.50 24.17 ? 421 HOH B O     1 
HETATM 561 O O     . HOH E 3 .  ? 1.152   -13.413 -1.946  1.00 37.15 ? 424 HOH B O     1 
HETATM 562 O O     . HOH E 3 .  ? 11.788  0.032   -5.999  0.50 12.65 ? 426 HOH B O     1 
HETATM 563 O O     . HOH E 3 .  ? 13.690  1.323   -12.029 0.50 46.66 ? 427 HOH B O     1 
HETATM 564 O O     . HOH E 3 .  ? -8.188  11.115  -0.876  0.50 35.08 ? 428 HOH B O     1 
HETATM 565 O O     . HOH E 3 .  ? -10.208 12.158  -1.194  0.60 39.53 ? 430 HOH B O     1 
HETATM 566 O O     . HOH E 3 .  ? 14.666  -7.207  -2.730  1.00 31.74 ? 431 HOH B O     1 
HETATM 567 O O     . HOH E 3 .  ? 8.338   -2.840  9.368   1.00 34.85 ? 432 HOH B O     1 
# 
loop_
_atom_site_anisotrop.id 
_atom_site_anisotrop.type_symbol 
_atom_site_anisotrop.pdbx_label_atom_id 
_atom_site_anisotrop.pdbx_label_alt_id 
_atom_site_anisotrop.pdbx_label_comp_id 
_atom_site_anisotrop.pdbx_label_asym_id 
_atom_site_anisotrop.pdbx_label_seq_id 
_atom_site_anisotrop.pdbx_PDB_ins_code 
_atom_site_anisotrop.U[1][1] 
_atom_site_anisotrop.U[2][2] 
_atom_site_anisotrop.U[3][3] 
_atom_site_anisotrop.U[1][2] 
_atom_site_anisotrop.U[1][3] 
_atom_site_anisotrop.U[2][3] 
_atom_site_anisotrop.pdbx_auth_seq_id 
_atom_site_anisotrop.pdbx_auth_comp_id 
_atom_site_anisotrop.pdbx_auth_asym_id 
_atom_site_anisotrop.pdbx_auth_atom_id 
1   O "O5'" . DG  A 1  ? 0.3959 0.2159 0.1391 0.0724  -0.0044 0.0566  101 DG  A "O5'" 
2   C "C5'" . DG  A 1  ? 0.2887 0.2341 0.0913 0.0573  0.0292  0.0227  101 DG  A "C5'" 
3   C "C4'" . DG  A 1  ? 0.2076 0.1601 0.0827 0.0519  0.0114  -0.0071 101 DG  A "C4'" 
4   O "O4'" . DG  A 1  ? 0.1845 0.1766 0.0785 0.0509  -0.0152 -0.0060 101 DG  A "O4'" 
5   C "C3'" . DG  A 1  ? 0.1754 0.1111 0.0960 0.0272  0.0284  -0.0060 101 DG  A "C3'" 
6   O "O3'" . DG  A 1  ? 0.1856 0.1631 0.0971 0.0601  0.0282  0.0004  101 DG  A "O3'" 
7   C "C2'" . DG  A 1  ? 0.1677 0.0892 0.0847 0.0146  -0.0019 0.0147  101 DG  A "C2'" 
8   C "C1'" . DG  A 1  ? 0.1742 0.1090 0.0830 0.0112  -0.0017 -0.0123 101 DG  A "C1'" 
9   N N9    . DG  A 1  ? 0.1555 0.1138 0.0761 0.0166  -0.0051 0.0115  101 DG  A N9    
10  C C8    . DG  A 1  ? 0.2326 0.1544 0.0944 0.0629  0.0023  0.0241  101 DG  A C8    
11  N N7    . DG  A 1  ? 0.2050 0.1257 0.0898 0.0407  0.0175  0.0298  101 DG  A N7    
12  C C5    . DG  A 1  ? 0.1671 0.0950 0.0935 0.0229  0.0050  0.0209  101 DG  A C5    
13  C C6    . DG  A 1  ? 0.1420 0.0877 0.0953 0.0067  0.0014  0.0121  101 DG  A C6    
14  O O6    . DG  A 1  ? 0.1717 0.1120 0.1010 0.0391  0.0062  0.0313  101 DG  A O6    
15  N N1    . DG  A 1  ? 0.0978 0.0839 0.0876 -0.0032 -0.0035 0.0054  101 DG  A N1    
16  C C2    . DG  A 1  ? 0.0858 0.0797 0.0871 -0.0074 -0.0033 0.0033  101 DG  A C2    
17  N N2    . DG  A 1  ? 0.1196 0.0951 0.0783 -0.0003 -0.0141 -0.0061 101 DG  A N2    
18  N N3    . DG  A 1  ? 0.1180 0.0911 0.0763 0.0071  -0.0097 0.0016  101 DG  A N3    
19  C C4    . DG  A 1  ? 0.1516 0.0954 0.0880 0.0256  -0.0050 0.0074  101 DG  A C4    
20  P P     . DC  A 2  ? 0.1635 0.2278 0.0942 0.0333  0.0436  0.0098  102 DC  A P     
21  O OP1   . DC  A 2  ? 0.1770 0.3468 0.1279 0.0761  0.0488  -0.0181 102 DC  A OP1   
22  O OP2   . DC  A 2  ? 0.1726 0.2311 0.0884 -0.0148 0.0280  0.0429  102 DC  A OP2   
23  O "O5'" . DC  A 2  ? 0.1450 0.1416 0.0915 0.0521  0.0243  0.0236  102 DC  A "O5'" 
24  C "C5'" . DC  A 2  ? 0.1280 0.0923 0.1164 0.0347  0.0267  0.0065  102 DC  A "C5'" 
25  C "C4'" . DC  A 2  ? 0.1115 0.0712 0.1025 0.0150  0.0149  0.0054  102 DC  A "C4'" 
26  O "O4'" . DC  A 2  ? 0.1136 0.0744 0.0937 0.0116  0.0145  -0.0046 102 DC  A "O4'" 
27  C "C3'" . DC  A 2  ? 0.1033 0.0804 0.1052 0.0137  0.0110  0.0120  102 DC  A "C3'" 
28  O "O3'" . DC  A 2  ? 0.0859 0.0838 0.1345 0.0110  0.0159  0.0154  102 DC  A "O3'" 
29  C "C2'" . DC  A 2  ? 0.1007 0.0602 0.0868 0.0087  0.0072  0.0106  102 DC  A "C2'" 
30  C "C1'" . DC  A 2  ? 0.1064 0.0638 0.0878 0.0088  0.0144  0.0040  102 DC  A "C1'" 
31  N N1    . DC  A 2  ? 0.1022 0.0650 0.0823 0.0015  0.0047  0.0024  102 DC  A N1    
32  C C2    . DC  A 2  ? 0.0857 0.0616 0.0840 -0.0021 0.0137  0.0031  102 DC  A C2    
33  O O2    . DC  A 2  ? 0.1107 0.0651 0.0821 0.0015  0.0126  0.0103  102 DC  A O2    
34  N N3    . DC  A 2  ? 0.0699 0.0742 0.0803 -0.0024 0.0065  0.0032  102 DC  A N3    
35  C C4    . DC  A 2  ? 0.0865 0.0847 0.0899 0.0081  0.0287  0.0130  102 DC  A C4    
36  N N4    . DC  A 2  ? 0.1453 0.1014 0.0794 0.0351  0.0074  -0.0056 102 DC  A N4    
37  C C5    . DC  A 2  ? 0.1189 0.0923 0.0888 0.0249  0.0131  0.0034  102 DC  A C5    
38  C C6    . DC  A 2  ? 0.1134 0.0889 0.0777 0.0181  0.0105  0.0000  102 DC  A C6    
39  P P     . DG  A 3  ? 0.0961 0.0837 0.1449 0.0099  0.0231  0.0102  103 DG  A P     
40  O OP1   . DG  A 3  ? 0.0912 0.1109 0.1972 0.0293  -0.0022 -0.0023 103 DG  A OP1   
41  O OP2   . DG  A 3  ? 0.1133 0.0995 0.1457 -0.0007 0.0438  0.0167  103 DG  A OP2   
42  O "O5'" . DG  A 3  ? 0.0970 0.0761 0.1155 0.0060  0.0135  0.0215  103 DG  A "O5'" 
43  C "C5'" . DG  A 3  ? 0.0882 0.0730 0.1552 0.0030  0.0225  0.0132  103 DG  A "C5'" 
44  C "C4'" . DG  A 3  ? 0.0823 0.0764 0.1181 0.0113  0.0003  0.0201  103 DG  A "C4'" 
45  O "O4'" . DG  A 3  ? 0.0817 0.0860 0.1574 0.0070  -0.0004 -0.0018 103 DG  A "O4'" 
46  C "C3'" . DG  A 3  ? 0.0727 0.0768 0.1105 0.0058  0.0038  0.0226  103 DG  A "C3'" 
47  O "O3'" . DG  A 3  ? 0.0924 0.0877 0.1119 0.0168  -0.0071 0.0115  103 DG  A "O3'" 
48  C "C2'" . DG  A 3  ? 0.0943 0.0956 0.1080 0.0235  0.0054  0.0142  103 DG  A "C2'" 
49  C "C1'" . DG  A 3  ? 0.0884 0.0767 0.1297 0.0116  0.0047  0.0229  103 DG  A "C1'" 
50  N N9    . DG  A 3  ? 0.0717 0.0617 0.1136 -0.0133 0.0127  0.0153  103 DG  A N9    
51  C C8    . DG  A 3  ? 0.0685 0.0761 0.1235 -0.0033 0.0163  0.0058  103 DG  A C8    
52  N N7    . DG  A 3  ? 0.0889 0.0728 0.1112 0.0031  0.0085  -0.0004 103 DG  A N7    
53  C C5    . DG  A 3  ? 0.0719 0.0692 0.0931 -0.0068 0.0137  0.0024  103 DG  A C5    
54  C C6    . DG  A 3  ? 0.0776 0.0674 0.0963 -0.0079 0.0130  0.0052  103 DG  A C6    
55  O O6    . DG  A 3  ? 0.0867 0.0870 0.0921 -0.0031 0.0059  0.0049  103 DG  A O6    
56  N N1    . DG  A 3  ? 0.0783 0.0567 0.0983 -0.0031 0.0096  0.0132  103 DG  A N1    
57  C C2    . DG  A 3  ? 0.0689 0.0597 0.0995 -0.0081 0.0168  0.0095  103 DG  A C2    
58  N N2    . DG  A 3  ? 0.0716 0.0733 0.1020 0.0130  0.0163  0.0191  103 DG  A N2    
59  N N3    . DG  A 3  ? 0.0793 0.0571 0.0965 -0.0060 0.0155  0.0203  103 DG  A N3    
60  C C4    . DG  A 3  ? 0.0715 0.0633 0.1045 -0.0077 0.0137  0.0131  103 DG  A C4    
61  P P     . DT  A 4  ? 0.0848 0.0919 0.1333 0.0112  -0.0109 0.0083  104 DT  A P     
62  O OP1   . DT  A 4  ? 0.1003 0.1236 0.1543 0.0221  -0.0290 0.0004  104 DT  A OP1   
63  O OP2   . DT  A 4  ? 0.0799 0.1225 0.1415 -0.0113 0.0009  -0.0023 104 DT  A OP2   
64  O "O5'" . DT  A 4  ? 0.1008 0.0841 0.1077 0.0075  -0.0117 0.0157  104 DT  A "O5'" 
65  C "C5'" . DT  A 4  ? 0.1215 0.0990 0.0922 0.0143  -0.0249 0.0366  104 DT  A "C5'" 
66  C "C4'" . DT  A 4  ? 0.1057 0.0973 0.0795 0.0050  -0.0051 0.0247  104 DT  A "C4'" 
67  O "O4'" . DT  A 4  ? 0.0943 0.0771 0.0818 0.0010  -0.0060 0.0173  104 DT  A "O4'" 
68  C "C3'" . DT  A 4  ? 0.0944 0.0845 0.1005 0.0031  -0.0197 0.0089  104 DT  A "C3'" 
69  O "O3'" . DT  A 4  ? 0.1091 0.1099 0.1058 0.0042  -0.0347 0.0078  104 DT  A "O3'" 
70  C "C2'" . DT  A 4  ? 0.0966 0.0768 0.0737 0.0069  -0.0144 -0.0012 104 DT  A "C2'" 
71  C "C1'" . DT  A 4  ? 0.0936 0.0756 0.0834 -0.0006 -0.0076 0.0219  104 DT  A "C1'" 
72  N N1    . DT  A 4  ? 0.0646 0.0663 0.0821 -0.0089 -0.0063 0.0182  104 DT  A N1    
73  C C2    . DT  A 4  ? 0.0566 0.0923 0.0789 -0.0055 -0.0030 0.0098  104 DT  A C2    
74  O O2    . DT  A 4  ? 0.0854 0.0776 0.0815 0.0069  -0.0051 0.0077  104 DT  A O2    
75  N N3    . DT  A 4  ? 0.0824 0.0659 0.0750 -0.0002 -0.0080 0.0143  104 DT  A N3    
76  C C4    . DT  A 4  ? 0.0655 0.0661 0.0777 -0.0053 0.0043  0.0227  104 DT  A C4    
77  O O4    . DT  A 4  ? 0.0723 0.0706 0.0783 -0.0012 0.0055  0.0186  104 DT  A O4    
78  C C5    . DT  A 4  ? 0.0628 0.0680 0.0854 -0.0075 0.0059  0.0265  104 DT  A C5    
79  C C7    . DT  A 4  ? 0.0877 0.0984 0.0849 0.0201  0.0116  0.0270  104 DT  A C7    
80  C C6    . DT  A 4  ? 0.0578 0.0791 0.0782 -0.0109 0.0006  0.0251  104 DT  A C6    
81  P P     . DA  A 5  ? 0.0979 0.1172 0.1446 0.0025  -0.0384 -0.0057 105 DA  A P     
82  O OP1   . DA  A 5  ? 0.1385 0.1187 0.1650 -0.0033 -0.0765 -0.0058 105 DA  A OP1   
83  O OP2   . DA  A 5  ? 0.0973 0.1416 0.1786 0.0099  -0.0178 -0.0334 105 DA  A OP2   
84  O "O5'" . DA  A 5  ? 0.1041 0.1160 0.1027 -0.0066 -0.0167 0.0126  105 DA  A "O5'" 
85  C "C5'" . DA  A 5  ? 0.0916 0.1528 0.0888 -0.0167 -0.0125 -0.0012 105 DA  A "C5'" 
86  C "C4'" . DA  A 5  ? 0.1073 0.1312 0.0971 -0.0267 -0.0139 0.0150  105 DA  A "C4'" 
87  O "O4'" . DA  A 5  ? 0.0938 0.1301 0.0735 -0.0180 -0.0001 0.0178  105 DA  A "O4'" 
88  C "C3'" . DA  A 5  ? 0.1177 0.1344 0.0872 -0.0443 0.0048  -0.0001 105 DA  A "C3'" 
89  O "O3'" . DA  A 5  ? 0.1485 0.2002 0.0953 -0.0780 -0.0111 0.0051  105 DA  A "O3'" 
90  C "C2'" . DA  A 5  ? 0.1292 0.1363 0.0890 -0.0439 -0.0015 0.0246  105 DA  A "C2'" 
91  C "C1'" . DA  A 5  ? 0.1148 0.1159 0.0904 -0.0241 -0.0131 0.0282  105 DA  A "C1'" 
92  N N9    . DA  A 5  ? 0.0965 0.1095 0.0832 -0.0286 -0.0121 0.0313  105 DA  A N9    
93  C C8    . DA  A 5  ? 0.0815 0.1124 0.1009 -0.0217 -0.0209 0.0310  105 DA  A C8    
94  N N7    . DA  A 5  ? 0.0724 0.1206 0.0981 -0.0096 -0.0082 0.0257  105 DA  A N7    
95  C C5    . DA  A 5  ? 0.0681 0.0993 0.0877 -0.0275 -0.0062 0.0300  105 DA  A C5    
96  C C6    . DA  A 5  ? 0.0801 0.0925 0.0855 -0.0228 -0.0007 0.0313  105 DA  A C6    
97  N N6    . DA  A 5  ? 0.0778 0.1083 0.0922 -0.0150 -0.0193 0.0239  105 DA  A N6    
98  N N1    . DA  A 5  ? 0.0970 0.0932 0.0864 -0.0213 -0.0079 0.0358  105 DA  A N1    
99  C C2    . DA  A 5  ? 0.0876 0.0976 0.0970 -0.0065 -0.0061 0.0316  105 DA  A C2    
100 N N3    . DA  A 5  ? 0.1100 0.1162 0.0861 -0.0064 0.0017  0.0315  105 DA  A N3    
101 C C4    . DA  A 5  ? 0.0706 0.1026 0.0983 -0.0221 -0.0121 0.0245  105 DA  A C4    
102 O OP2   . USM A 6  ? 0.1240 0.2074 0.1590 -0.0349 0.0027  0.0491  106 USM A OP2   
103 P P     . USM A 6  ? 0.1283 0.1977 0.1142 -0.0740 -0.0270 0.0259  106 USM A P     
104 O OP1   . USM A 6  ? 0.1817 0.2565 0.1595 -0.1199 -0.0486 0.0203  106 USM A OP1   
105 O "O5'" . USM A 6  ? 0.1402 0.1542 0.1066 -0.0616 -0.0046 0.0137  106 USM A "O5'" 
106 N N1    . USM A 6  ? 0.1163 0.1123 0.0960 -0.0375 -0.0165 0.0097  106 USM A N1    
107 C C6    . USM A 6  ? 0.1044 0.1253 0.1014 -0.0387 -0.0230 0.0131  106 USM A C6    
108 C C2    . USM A 6  ? 0.1059 0.0963 0.0964 -0.0265 -0.0146 0.0129  106 USM A C2    
109 O O2    . USM A 6  ? 0.1189 0.1067 0.1008 -0.0106 -0.0029 0.0088  106 USM A O2    
110 N N3    . USM A 6  ? 0.0871 0.0998 0.0882 -0.0277 -0.0087 0.0084  106 USM A N3    
111 C C4    . USM A 6  ? 0.0813 0.0969 0.0904 -0.0304 0.0085  0.0213  106 USM A C4    
112 O O4    . USM A 6  ? 0.0989 0.1044 0.1046 -0.0195 0.0031  0.0060  106 USM A O4    
113 C C5    . USM A 6  ? 0.1028 0.1147 0.0843 -0.0408 -0.0068 0.0274  106 USM A C5    
114 C "C2'" . USM A 6  ? 0.1513 0.1057 0.0962 -0.0341 0.0153  0.0029  106 USM A "C2'" 
115 S "S2'" . USM A 6  ? 0.1881 0.1116 0.1252 -0.0195 0.0085  0.0015  106 USM A "S2'" 
116 C C2A   . USM A 6  ? 0.1851 0.1092 0.1225 -0.0299 0.0002  0.0176  106 USM A C2A   
117 C "C5'" . USM A 6  ? 0.1850 0.1463 0.0940 -0.0666 -0.0004 0.0007  106 USM A "C5'" 
118 C "C4'" . USM A 6  ? 0.1654 0.1239 0.0982 -0.0449 0.0080  -0.0098 106 USM A "C4'" 
119 O "O4'" . USM A 6  ? 0.1582 0.1185 0.0879 -0.0382 0.0033  0.0091  106 USM A "O4'" 
120 C "C1'" . USM A 6  ? 0.1498 0.1162 0.0739 -0.0386 0.0152  0.0118  106 USM A "C1'" 
121 C "C3'" . USM A 6  ? 0.1682 0.0973 0.0952 -0.0514 0.0037  -0.0018 106 USM A "C3'" 
122 O "O3'" . USM A 6  ? 0.1922 0.1320 0.1092 -0.0766 0.0146  -0.0083 106 USM A "O3'" 
123 P P     . DA  A 7  ? 0.1580 0.1718 0.1156 -0.0707 -0.0123 0.0123  107 DA  A P     
124 O OP1   . DA  A 7  ? 0.1976 0.2132 0.1172 -0.1120 -0.0168 0.0005  107 DA  A OP1   
125 O OP2   . DA  A 7  ? 0.1474 0.2188 0.1563 -0.0364 -0.0234 0.0549  107 DA  A OP2   
126 O "O5'" . DA  A 7  ? 0.1545 0.1396 0.0976 -0.0677 -0.0036 0.0104  107 DA  A "O5'" 
127 C "C5'" . DA  A 7  ? 0.1919 0.1193 0.1048 -0.0703 0.0011  -0.0008 107 DA  A "C5'" 
128 C "C4'" . DA  A 7  ? 0.1340 0.1243 0.1036 -0.0450 0.0062  -0.0081 107 DA  A "C4'" 
129 O "O4'" . DA  A 7  ? 0.1184 0.1100 0.1043 -0.0338 0.0114  -0.0076 107 DA  A "O4'" 
130 C "C3'" . DA  A 7  ? 0.1177 0.1406 0.1052 -0.0440 0.0073  0.0034  107 DA  A "C3'" 
131 O "O3'" . DA  A 7  ? 0.1293 0.1452 0.1216 -0.0562 0.0182  -0.0191 107 DA  A "O3'" 
132 C "C2'" . DA  A 7  ? 0.1123 0.0978 0.1171 -0.0302 0.0120  -0.0113 107 DA  A "C2'" 
133 C "C1'" . DA  A 7  ? 0.1009 0.1106 0.1032 -0.0212 0.0033  -0.0075 107 DA  A "C1'" 
134 N N9    . DA  A 7  ? 0.0940 0.1096 0.0898 -0.0227 0.0039  -0.0014 107 DA  A N9    
135 C C8    . DA  A 7  ? 0.0962 0.1204 0.0971 -0.0369 -0.0055 -0.0044 107 DA  A C8    
136 N N7    . DA  A 7  ? 0.0818 0.1161 0.1042 -0.0296 -0.0020 0.0062  107 DA  A N7    
137 C C5    . DA  A 7  ? 0.0780 0.1097 0.0867 -0.0188 0.0059  0.0052  107 DA  A C5    
138 C C6    . DA  A 7  ? 0.0710 0.1092 0.0884 -0.0262 0.0099  0.0100  107 DA  A C6    
139 N N6    . DA  A 7  ? 0.1094 0.1160 0.1155 -0.0300 -0.0173 0.0262  107 DA  A N6    
140 N N1    . DA  A 7  ? 0.0738 0.1014 0.0932 -0.0067 0.0089  0.0017  107 DA  A N1    
141 C C2    . DA  A 7  ? 0.0845 0.1073 0.0962 -0.0183 -0.0044 0.0011  107 DA  A C2    
142 N N3    . DA  A 7  ? 0.0847 0.1008 0.0987 -0.0112 -0.0046 -0.0012 107 DA  A N3    
143 C C4    . DA  A 7  ? 0.0784 0.1079 0.0918 -0.0238 0.0016  0.0037  107 DA  A C4    
144 P P     . DC  A 8  ? 0.1212 0.1621 0.1308 -0.0466 0.0078  -0.0182 108 DC  A P     
145 O OP1   . DC  A 8  ? 0.1467 0.1947 0.2278 -0.0848 0.0457  -0.0865 108 DC  A OP1   
146 O OP2   . DC  A 8  ? 0.1306 0.3234 0.1461 -0.0118 -0.0384 0.0139  108 DC  A OP2   
147 O "O5'" . DC  A 8  ? 0.0980 0.1022 0.1409 -0.0180 -0.0109 -0.0037 108 DC  A "O5'" 
148 C "C5'" . DC  A 8  ? 0.1240 0.0879 0.1337 -0.0175 -0.0061 -0.0131 108 DC  A "C5'" 
149 C "C4'" . DC  A 8  ? 0.1025 0.0711 0.1146 0.0029  0.0167  -0.0070 108 DC  A "C4'" 
150 O "O4'" . DC  A 8  ? 0.0870 0.0749 0.1089 0.0020  0.0060  -0.0063 108 DC  A "O4'" 
151 C "C3'" . DC  A 8  ? 0.0824 0.0764 0.0873 0.0053  0.0001  0.0070  108 DC  A "C3'" 
152 O "O3'" . DC  A 8  ? 0.0959 0.0759 0.0911 0.0085  0.0069  0.0029  108 DC  A "O3'" 
153 C "C2'" . DC  A 8  ? 0.0762 0.0679 0.1005 0.0104  -0.0091 0.0004  108 DC  A "C2'" 
154 C "C1'" . DC  A 8  ? 0.0782 0.0759 0.0920 0.0026  -0.0148 -0.0173 108 DC  A "C1'" 
155 N N1    . DC  A 8  ? 0.0763 0.0779 0.0964 -0.0066 -0.0089 0.0008  108 DC  A N1    
156 C C2    . DC  A 8  ? 0.0813 0.0722 0.0941 0.0029  0.0002  -0.0005 108 DC  A C2    
157 O O2    . DC  A 8  ? 0.0972 0.0664 0.1064 -0.0122 -0.0211 0.0089  108 DC  A O2    
158 N N3    . DC  A 8  ? 0.0802 0.0818 0.0946 -0.0113 0.0018  0.0055  108 DC  A N3    
159 C C4    . DC  A 8  ? 0.1002 0.0868 0.0948 0.0053  0.0032  0.0117  108 DC  A C4    
160 N N4    . DC  A 8  ? 0.1387 0.1199 0.1005 0.0064  0.0069  0.0288  108 DC  A N4    
161 C C5    . DC  A 8  ? 0.0944 0.1074 0.0928 -0.0083 -0.0126 -0.0066 108 DC  A C5    
162 C C6    . DC  A 8  ? 0.0897 0.0834 0.1029 0.0036  -0.0169 -0.0083 108 DC  A C6    
163 P P     . DG  A 9  ? 0.0783 0.0974 0.1141 -0.0084 0.0093  -0.0129 109 DG  A P     
164 O OP1   . DG  A 9  ? 0.1010 0.1186 0.1499 -0.0331 0.0304  -0.0256 109 DG  A OP1   
165 O OP2   . DG  A 9  ? 0.0825 0.1647 0.1486 0.0164  -0.0290 -0.0208 109 DG  A OP2   
166 O "O5'" . DG  A 9  ? 0.0789 0.0721 0.0916 0.0152  0.0028  0.0003  109 DG  A "O5'" 
167 C "C5'" . DG  A 9  ? 0.0887 0.0752 0.0837 0.0116  -0.0008 0.0079  109 DG  A "C5'" 
168 C "C4'" . DG  A 9  ? 0.0734 0.0783 0.0907 0.0097  -0.0041 0.0133  109 DG  A "C4'" 
169 O "O4'" . DG  A 9  ? 0.0742 0.0623 0.1315 0.0003  0.0067  0.0130  109 DG  A "O4'" 
170 C "C3'" . DG  A 9  ? 0.0769 0.0671 0.1009 0.0035  0.0058  0.0026  109 DG  A "C3'" 
171 O "O3'" . DG  A 9  ? 0.0852 0.0758 0.1063 -0.0030 0.0085  0.0191  109 DG  A "O3'" 
172 C "C2'" . DG  A 9  ? 0.0922 0.0630 0.1011 0.0041  0.0034  0.0124  109 DG  A "C2'" 
173 C "C1'" . DG  A 9  ? 0.0770 0.0643 0.1239 0.0045  -0.0014 0.0148  109 DG  A "C1'" 
174 N N9    . DG  A 9  ? 0.0750 0.0642 0.1158 0.0092  0.0175  0.0137  109 DG  A N9    
175 C C8    . DG  A 9  ? 0.0824 0.0740 0.1152 0.0190  0.0153  0.0119  109 DG  A C8    
176 N N7    . DG  A 9  ? 0.1021 0.0835 0.1146 0.0241  0.0220  0.0104  109 DG  A N7    
177 C C5    . DG  A 9  ? 0.0736 0.0783 0.1091 0.0188  0.0268  0.0155  109 DG  A C5    
178 C C6    . DG  A 9  ? 0.0735 0.0783 0.1089 0.0158  0.0192  0.0175  109 DG  A C6    
179 O O6    . DG  A 9  ? 0.1224 0.0736 0.1152 0.0159  0.0165  0.0175  109 DG  A O6    
180 N N1    . DG  A 9  ? 0.1032 0.0755 0.1145 0.0024  0.0191  0.0222  109 DG  A N1    
181 C C2    . DG  A 9  ? 0.1040 0.0667 0.1075 0.0023  0.0215  0.0236  109 DG  A C2    
182 N N2    . DG  A 9  ? 0.1525 0.0641 0.1167 0.0038  0.0142  0.0254  109 DG  A N2    
183 N N3    . DG  A 9  ? 0.0950 0.0585 0.1137 0.0011  0.0186  0.0207  109 DG  A N3    
184 C C4    . DG  A 9  ? 0.0856 0.0693 0.1176 0.0014  0.0092  0.0228  109 DG  A C4    
185 P P     . DC  A 10 ? 0.0883 0.0724 0.1173 -0.0015 0.0147  0.0077  110 DC  A P     
186 O OP1   . DC  A 10 ? 0.1064 0.1129 0.1498 -0.0157 0.0362  0.0193  110 DC  A OP1   
187 O OP2   . DC  A 10 ? 0.0784 0.0904 0.1442 0.0000  -0.0011 -0.0178 110 DC  A OP2   
188 O "O5'" . DC  A 10 ? 0.0748 0.0696 0.1020 0.0030  0.0057  0.0037  110 DC  A "O5'" 
189 C "C5'" . DC  A 10 ? 0.0887 0.0796 0.0912 0.0147  0.0078  0.0064  110 DC  A "C5'" 
190 C "C4'" . DC  A 10 ? 0.0839 0.0762 0.0874 -0.0030 0.0072  -0.0001 110 DC  A "C4'" 
191 O "O4'" . DC  A 10 ? 0.0796 0.0874 0.0859 0.0009  0.0031  0.0050  110 DC  A "O4'" 
192 C "C3'" . DC  A 10 ? 0.0823 0.0746 0.0690 0.0078  0.0106  -0.0007 110 DC  A "C3'" 
193 O "O3'" . DC  A 10 ? 0.0889 0.0767 0.0887 0.0108  0.0157  0.0068  110 DC  A "O3'" 
194 C "C2'" . DC  A 10 ? 0.0832 0.0821 0.0969 0.0058  0.0139  0.0039  110 DC  A "C2'" 
195 C "C1'" . DC  A 10 ? 0.0792 0.0689 0.0938 -0.0061 0.0102  0.0014  110 DC  A "C1'" 
196 N N1    . DC  A 10 ? 0.0755 0.0755 0.0902 -0.0057 0.0016  0.0047  110 DC  A N1    
197 C C2    . DC  A 10 ? 0.0657 0.0810 0.0969 0.0082  0.0155  0.0066  110 DC  A C2    
198 O O2    . DC  A 10 ? 0.0976 0.0719 0.0936 -0.0095 0.0086  0.0082  110 DC  A O2    
199 N N3    . DC  A 10 ? 0.0889 0.0956 0.0908 0.0120  0.0171  -0.0041 110 DC  A N3    
200 C C4    . DC  A 10 ? 0.0586 0.0903 0.1035 -0.0026 0.0125  -0.0016 110 DC  A C4    
201 N N4    . DC  A 10 ? 0.1027 0.0946 0.1075 -0.0074 0.0030  -0.0121 110 DC  A N4    
202 C C5    . DC  A 10 ? 0.0671 0.0816 0.1024 -0.0078 0.0191  -0.0062 110 DC  A C5    
203 C C6    . DC  A 10 ? 0.0759 0.0744 0.1027 0.0062  0.0106  0.0035  110 DC  A C6    
204 O "O5'" . DG  B 1  ? 0.4193 0.2955 0.2421 0.1308  -0.0121 -0.0333 201 DG  B "O5'" 
205 C "C5'" . DG  B 1  ? 0.2783 0.2803 0.1090 0.0902  -0.0146 0.0726  201 DG  B "C5'" 
206 C "C4'" . DG  B 1  ? 0.1946 0.1667 0.1200 -0.0059 -0.0008 0.0551  201 DG  B "C4'" 
207 O "O4'" . DG  B 1  ? 0.1781 0.1381 0.1481 -0.0038 -0.0294 0.0569  201 DG  B "O4'" 
208 C "C3'" . DG  B 1  ? 0.1595 0.1217 0.1084 0.0014  0.0193  0.0190  201 DG  B "C3'" 
209 O "O3'" . DG  B 1  ? 0.1615 0.1227 0.1274 0.0054  0.0245  0.0558  201 DG  B "O3'" 
210 C "C2'" . DG  B 1  ? 0.1645 0.1262 0.1082 -0.0130 0.0143  0.0375  201 DG  B "C2'" 
211 C "C1'" . DG  B 1  ? 0.1719 0.1364 0.1161 -0.0150 0.0114  0.0310  201 DG  B "C1'" 
212 N N9    . DG  B 1  ? 0.1738 0.1366 0.0962 -0.0077 -0.0077 0.0224  201 DG  B N9    
213 C C8    . DG  B 1  ? 0.2173 0.1624 0.0881 -0.0026 -0.0108 0.0152  201 DG  B C8    
214 N N7    . DG  B 1  ? 0.2237 0.1546 0.0857 -0.0276 0.0226  -0.0021 201 DG  B N7    
215 C C5    . DG  B 1  ? 0.1523 0.1391 0.0775 -0.0126 0.0204  0.0073  201 DG  B C5    
216 C C6    . DG  B 1  ? 0.1197 0.1230 0.0936 -0.0005 0.0103  -0.0014 201 DG  B C6    
217 O O6    . DG  B 1  ? 0.1656 0.1255 0.0903 -0.0170 0.0057  -0.0023 201 DG  B O6    
218 N N1    . DG  B 1  ? 0.1122 0.1082 0.0817 0.0012  -0.0100 0.0127  201 DG  B N1    
219 C C2    . DG  B 1  ? 0.0935 0.0994 0.0934 0.0095  0.0046  0.0151  201 DG  B C2    
220 N N2    . DG  B 1  ? 0.1018 0.0745 0.0877 -0.0008 0.0172  0.0122  201 DG  B N2    
221 N N3    . DG  B 1  ? 0.1180 0.1169 0.0867 -0.0050 0.0100  0.0175  201 DG  B N3    
222 C C4    . DG  B 1  ? 0.1206 0.1309 0.0862 -0.0185 0.0053  0.0177  201 DG  B C4    
223 P P     . DC  B 2  ? 0.1527 0.1235 0.1088 0.0020  0.0189  0.0379  202 DC  B P     
224 O OP1   . DC  B 2  ? 0.1854 0.1329 0.1271 -0.0198 0.0268  0.0317  202 DC  B OP1   
225 O OP2   . DC  B 2  ? 0.1489 0.1392 0.1351 -0.0002 0.0349  0.0124  202 DC  B OP2   
226 O "O5'" . DC  B 2  ? 0.1597 0.0929 0.1206 0.0185  0.0328  0.0313  202 DC  B "O5'" 
227 C "C5'" . DC  B 2  ? 0.1815 0.0746 0.1172 -0.0015 0.0275  0.0283  202 DC  B "C5'" 
228 C "C4'" . DC  B 2  ? 0.1558 0.0926 0.1185 0.0039  0.0193  0.0383  202 DC  B "C4'" 
229 O "O4'" . DC  B 2  ? 0.1529 0.0733 0.1183 0.0237  0.0222  0.0316  202 DC  B "O4'" 
230 C "C3'" . DC  B 2  ? 0.1654 0.0719 0.0990 -0.0037 0.0019  0.0026  202 DC  B "C3'" 
231 O "O3'" . DC  B 2  ? 0.1635 0.0981 0.1246 0.0048  -0.0195 0.0192  202 DC  B "O3'" 
232 C "C2'" . DC  B 2  ? 0.1559 0.0642 0.1009 0.0268  0.0175  0.0067  202 DC  B "C2'" 
233 C "C1'" . DC  B 2  ? 0.1451 0.0718 0.1071 0.0325  0.0266  0.0256  202 DC  B "C1'" 
234 N N1    . DC  B 2  ? 0.1132 0.0717 0.1026 0.0158  0.0157  0.0244  202 DC  B N1    
235 C C2    . DC  B 2  ? 0.0934 0.0685 0.1029 0.0250  0.0246  0.0227  202 DC  B C2    
236 O O2    . DC  B 2  ? 0.1108 0.0733 0.1002 0.0109  0.0236  0.0135  202 DC  B O2    
237 N N3    . DC  B 2  ? 0.1020 0.0773 0.0984 0.0155  0.0065  0.0126  202 DC  B N3    
238 C C4    . DC  B 2  ? 0.1189 0.0703 0.1071 0.0130  0.0217  0.0148  202 DC  B C4    
239 N N4    . DC  B 2  ? 0.1588 0.0898 0.0875 -0.0033 -0.0048 0.0094  202 DC  B N4    
240 C C5    . DC  B 2  ? 0.1340 0.0876 0.1056 -0.0100 0.0141  0.0269  202 DC  B C5    
241 C C6    . DC  B 2  ? 0.1465 0.0656 0.1064 0.0055  0.0021  0.0348  202 DC  B C6    
242 P P     . DG  B 3  ? 0.1576 0.1145 0.1386 -0.0176 0.0163  0.0327  203 DG  B P     
243 O OP1   . DG  B 3  ? 0.1746 0.1143 0.2548 -0.0395 -0.0188 0.0498  203 DG  B OP1   
244 O OP2   . DG  B 3  ? 0.1965 0.2343 0.1301 -0.0323 0.0435  0.0498  203 DG  B OP2   
245 O "O5'" . DG  B 3  ? 0.1377 0.0853 0.1225 0.0010  0.0094  0.0042  203 DG  B "O5'" 
246 C "C5'" . DG  B 3  ? 0.1504 0.0847 0.1293 -0.0008 0.0053  0.0045  203 DG  B "C5'" 
247 C "C4'" . DG  B 3  ? 0.1228 0.0756 0.1198 -0.0020 0.0079  -0.0016 203 DG  B "C4'" 
248 O "O4'" . DG  B 3  ? 0.1117 0.0840 0.1461 0.0002  0.0099  -0.0072 203 DG  B "O4'" 
249 C "C3'" . DG  B 3  ? 0.1179 0.0912 0.0930 -0.0035 -0.0004 -0.0081 203 DG  B "C3'" 
250 O "O3'" . DG  B 3  ? 0.1230 0.0856 0.1207 -0.0091 0.0061  -0.0080 203 DG  B "O3'" 
251 C "C2'" . DG  B 3  ? 0.1303 0.0729 0.1165 -0.0063 -0.0016 -0.0161 203 DG  B "C2'" 
252 C "C1'" . DG  B 3  ? 0.1264 0.0798 0.1270 0.0003  0.0113  -0.0146 203 DG  B "C1'" 
253 N N9    . DG  B 3  ? 0.1059 0.0787 0.1159 -0.0019 0.0068  0.0046  203 DG  B N9    
254 C C8    . DG  B 3  ? 0.1120 0.0808 0.1225 0.0036  0.0024  0.0004  203 DG  B C8    
255 N N7    . DG  B 3  ? 0.0987 0.0865 0.1166 0.0005  0.0083  0.0064  203 DG  B N7    
256 C C5    . DG  B 3  ? 0.0884 0.0701 0.1217 -0.0088 0.0036  0.0074  203 DG  B C5    
257 C C6    . DG  B 3  ? 0.0788 0.0844 0.0966 -0.0132 0.0207  0.0063  203 DG  B C6    
258 O O6    . DG  B 3  ? 0.1062 0.0971 0.0977 -0.0001 0.0157  0.0059  203 DG  B O6    
259 N N1    . DG  B 3  ? 0.0808 0.0702 0.0998 -0.0091 0.0076  0.0030  203 DG  B N1    
260 C C2    . DG  B 3  ? 0.0864 0.0793 0.0988 -0.0117 0.0074  0.0052  203 DG  B C2    
261 N N2    . DG  B 3  ? 0.0909 0.0788 0.0987 -0.0283 -0.0096 0.0072  203 DG  B N2    
262 N N3    . DG  B 3  ? 0.1108 0.0800 0.1049 -0.0207 -0.0048 0.0042  203 DG  B N3    
263 C C4    . DG  B 3  ? 0.0845 0.0745 0.1102 -0.0068 0.0206  0.0007  203 DG  B C4    
264 P P     . DT  B 4  ? 0.1221 0.0894 0.1409 -0.0159 -0.0026 0.0025  204 DT  B P     
265 O OP1   . DT  B 4  ? 0.1360 0.0918 0.2232 -0.0240 -0.0215 -0.0158 204 DT  B OP1   
266 O OP2   . DT  B 4  ? 0.1493 0.1444 0.1421 0.0071  0.0254  0.0504  204 DT  B OP2   
267 O "O5'" . DT  B 4  ? 0.1152 0.0875 0.1127 -0.0076 -0.0054 -0.0019 204 DT  B "O5'" 
268 C "C5'" . DT  B 4  ? 0.1422 0.0931 0.1035 -0.0092 -0.0005 -0.0091 204 DT  B "C5'" 
269 C "C4'" . DT  B 4  ? 0.1459 0.1016 0.0794 0.0037  -0.0139 -0.0085 204 DT  B "C4'" 
270 O "O4'" . DT  B 4  ? 0.1241 0.0805 0.0975 0.0074  0.0049  -0.0088 204 DT  B "O4'" 
271 C "C3'" . DT  B 4  ? 0.1191 0.0947 0.1201 0.0020  -0.0143 -0.0160 204 DT  B "C3'" 
272 O "O3'" . DT  B 4  ? 0.1327 0.1555 0.1828 0.0022  -0.0381 -0.0735 204 DT  B "O3'" 
273 C "C2'" . DT  B 4  ? 0.1265 0.0743 0.1341 0.0134  -0.0175 0.0042  204 DT  B "C2'" 
274 C "C1'" . DT  B 4  ? 0.1190 0.0717 0.0986 0.0046  -0.0019 -0.0044 204 DT  B "C1'" 
275 N N1    . DT  B 4  ? 0.1145 0.0790 0.0805 -0.0049 0.0088  0.0050  204 DT  B N1    
276 C C2    . DT  B 4  ? 0.0923 0.0758 0.0924 0.0075  0.0078  0.0042  204 DT  B C2    
277 O O2    . DT  B 4  ? 0.0954 0.0825 0.0992 -0.0008 -0.0041 0.0051  204 DT  B O2    
278 N N3    . DT  B 4  ? 0.0852 0.0861 0.0987 0.0044  -0.0057 -0.0041 204 DT  B N3    
279 C C4    . DT  B 4  ? 0.0921 0.0950 0.0884 0.0010  0.0173  0.0177  204 DT  B C4    
280 O O4    . DT  B 4  ? 0.1176 0.0974 0.1098 0.0052  -0.0151 0.0127  204 DT  B O4    
281 C C5    . DT  B 4  ? 0.0857 0.0904 0.1025 0.0088  0.0187  0.0144  204 DT  B C5    
282 C C7    . DT  B 4  ? 0.1460 0.0902 0.1406 0.0296  0.0320  0.0244  204 DT  B C7    
283 C C6    . DT  B 4  ? 0.0939 0.0798 0.1087 0.0086  0.0089  0.0040  204 DT  B C6    
284 P P     . DA  B 5  ? 0.1225 0.2134 0.2197 -0.0205 -0.0082 -0.0814 205 DA  B P     
285 O OP1   . DA  B 5  ? 0.1304 0.3776 0.4234 -0.0513 -0.0681 -0.1907 205 DA  B OP1   
286 O OP2   . DA  B 5  ? 0.2263 0.1923 0.3422 -0.0668 0.0376  0.0341  205 DA  B OP2   
287 O "O5'" . DA  B 5  ? 0.1172 0.1832 0.2100 0.0425  -0.0489 -0.0631 205 DA  B "O5'" 
288 C "C5'" . DA  B 5  ? 0.1544 0.2310 0.1414 0.0463  -0.0506 -0.0687 205 DA  B "C5'" 
289 C "C4'" . DA  B 5  ? 0.1339 0.1744 0.1072 0.0632  -0.0418 -0.0159 205 DA  B "C4'" 
290 O "O4'" . DA  B 5  ? 0.1228 0.1471 0.0858 0.0181  -0.0099 0.0092  205 DA  B "O4'" 
291 C "C3'" . DA  B 5  ? 0.1125 0.1246 0.1274 0.0115  -0.0224 -0.0120 205 DA  B "C3'" 
292 O "O3'" . DA  B 5  ? 0.1195 0.1477 0.1100 0.0252  -0.0318 0.0012  205 DA  B "O3'" 
293 C "C2'" . DA  B 5  ? 0.1132 0.1225 0.1049 0.0166  -0.0200 -0.0030 205 DA  B "C2'" 
294 C "C1'" . DA  B 5  ? 0.1157 0.1178 0.0884 0.0162  -0.0092 0.0061  205 DA  B "C1'" 
295 N N9    . DA  B 5  ? 0.0922 0.1086 0.0773 -0.0042 -0.0053 0.0089  205 DA  B N9    
296 C C8    . DA  B 5  ? 0.1111 0.1053 0.0810 -0.0090 -0.0128 0.0034  205 DA  B C8    
297 N N7    . DA  B 5  ? 0.0809 0.0980 0.0899 -0.0188 -0.0114 0.0083  205 DA  B N7    
298 C C5    . DA  B 5  ? 0.0660 0.0864 0.0879 -0.0073 -0.0052 0.0104  205 DA  B C5    
299 C C6    . DA  B 5  ? 0.0742 0.0903 0.0812 -0.0202 0.0096  0.0135  205 DA  B C6    
300 N N6    . DA  B 5  ? 0.0996 0.1021 0.0926 0.0007  -0.0188 0.0144  205 DA  B N6    
301 N N1    . DA  B 5  ? 0.0861 0.0961 0.0908 -0.0067 -0.0101 0.0042  205 DA  B N1    
302 C C2    . DA  B 5  ? 0.0970 0.0982 0.0967 -0.0174 -0.0099 0.0146  205 DA  B C2    
303 N N3    . DA  B 5  ? 0.1061 0.0915 0.0849 -0.0066 0.0041  0.0145  205 DA  B N3    
304 C C4    . DA  B 5  ? 0.0777 0.0927 0.0880 -0.0120 0.0002  0.0102  205 DA  B C4    
305 O OP2   . USM B 6  ? 0.1518 0.1111 0.2052 -0.0132 -0.0375 0.0009  206 USM B OP2   
306 P P     . USM B 6  ? 0.1100 0.1196 0.1394 -0.0021 -0.0372 -0.0002 206 USM B P     
307 O OP1   . USM B 6  ? 0.1081 0.1575 0.1614 -0.0208 -0.0411 0.0008  206 USM B OP1   
308 O "O5'" . USM B 6  ? 0.0972 0.1105 0.1031 0.0037  -0.0229 0.0280  206 USM B "O5'" 
309 N N1    . USM B 6  ? 0.0824 0.0867 0.0949 -0.0140 -0.0118 0.0248  206 USM B N1    
310 C C6    . USM B 6  ? 0.0943 0.1012 0.0705 -0.0082 -0.0099 0.0225  206 USM B C6    
311 C C2    . USM B 6  ? 0.0861 0.0954 0.0862 -0.0197 -0.0085 0.0247  206 USM B C2    
312 O O2    . USM B 6  ? 0.1166 0.0986 0.1045 -0.0165 -0.0171 0.0080  206 USM B O2    
313 N N3    . USM B 6  ? 0.0756 0.1026 0.0861 -0.0101 -0.0086 0.0260  206 USM B N3    
314 C C4    . USM B 6  ? 0.0723 0.0922 0.0977 -0.0199 -0.0027 0.0392  206 USM B C4    
315 O O4    . USM B 6  ? 0.0968 0.0878 0.1004 -0.0105 -0.0130 0.0289  206 USM B O4    
316 C C5    . USM B 6  ? 0.0757 0.0898 0.0867 -0.0070 0.0042  0.0175  206 USM B C5    
317 C "C2'" . USM B 6  ? 0.0984 0.1019 0.1107 0.0004  -0.0024 0.0189  206 USM B "C2'" 
318 S "S2'" . USM B 6  ? 0.1230 0.1051 0.1441 0.0138  0.0015  0.0147  206 USM B "S2'" 
319 C C2A   . USM B 6  ? 0.1508 0.1249 0.1945 0.0023  -0.0152 -0.0241 206 USM B C2A   
320 C "C5'" . USM B 6  ? 0.0873 0.1089 0.1126 0.0012  -0.0005 0.0279  206 USM B "C5'" 
321 C "C4'" . USM B 6  ? 0.0834 0.0989 0.1153 -0.0031 -0.0140 0.0400  206 USM B "C4'" 
322 O "O4'" . USM B 6  ? 0.0864 0.0854 0.0998 0.0044  -0.0003 0.0301  206 USM B "O4'" 
323 C "C1'" . USM B 6  ? 0.0982 0.0960 0.0952 -0.0020 -0.0032 0.0394  206 USM B "C1'" 
324 C "C3'" . USM B 6  ? 0.0830 0.0999 0.1108 0.0137  -0.0049 0.0186  206 USM B "C3'" 
325 O "O3'" . USM B 6  ? 0.0755 0.1363 0.1356 0.0087  -0.0033 0.0178  206 USM B "O3'" 
326 P P     . DA  B 7  ? 0.0947 0.1772 0.1379 -0.0136 0.0061  0.0248  207 DA  B P     
327 O OP1   . DA  B 7  ? 0.0857 0.3031 0.1508 0.0077  -0.0031 0.0358  207 DA  B OP1   
328 O OP2   . DA  B 7  ? 0.1477 0.1745 0.1584 -0.0582 0.0345  -0.0124 207 DA  B OP2   
329 O "O5'" . DA  B 7  ? 0.1001 0.1357 0.1267 0.0213  -0.0002 0.0230  207 DA  B "O5'" 
330 C "C5'" . DA  B 7  ? 0.1703 0.1417 0.1151 0.0597  -0.0005 0.0405  207 DA  B "C5'" 
331 C "C4'" . DA  B 7  ? 0.1298 0.1435 0.1262 0.0427  -0.0136 0.0219  207 DA  B "C4'" 
332 O "O4'" . DA  B 7  ? 0.1282 0.1506 0.1375 0.0443  0.0165  0.0601  207 DA  B "O4'" 
333 C "C3'" . DA  B 7  ? 0.1147 0.1613 0.0990 0.0516  0.0109  0.0316  207 DA  B "C3'" 
334 O "O3'" . DA  B 7  ? 0.1031 0.2067 0.1442 0.0637  -0.0040 0.0318  207 DA  B "O3'" 
335 C "C2'" . DA  B 7  ? 0.1043 0.1326 0.1265 0.0215  0.0046  0.0248  207 DA  B "C2'" 
336 C "C1'" . DA  B 7  ? 0.1150 0.1118 0.1391 0.0293  0.0069  0.0549  207 DA  B "C1'" 
337 N N9    . DA  B 7  ? 0.0776 0.1089 0.1194 0.0080  0.0020  0.0466  207 DA  B N9    
338 C C8    . DA  B 7  ? 0.0717 0.1196 0.1176 0.0057  0.0019  0.0433  207 DA  B C8    
339 N N7    . DA  B 7  ? 0.0677 0.1229 0.1018 0.0111  0.0068  0.0445  207 DA  B N7    
340 C C5    . DA  B 7  ? 0.0658 0.0908 0.1050 -0.0037 0.0045  0.0378  207 DA  B C5    
341 C C6    . DA  B 7  ? 0.0625 0.0902 0.1017 -0.0034 -0.0015 0.0311  207 DA  B C6    
342 N N6    . DA  B 7  ? 0.0821 0.1059 0.0803 0.0093  -0.0053 0.0263  207 DA  B N6    
343 N N1    . DA  B 7  ? 0.0696 0.0833 0.0995 -0.0049 -0.0048 0.0225  207 DA  B N1    
344 C C2    . DA  B 7  ? 0.0748 0.0968 0.0968 -0.0058 -0.0071 0.0238  207 DA  B C2    
345 N N3    . DA  B 7  ? 0.0920 0.0828 0.1268 -0.0082 -0.0160 0.0293  207 DA  B N3    
346 C C4    . DA  B 7  ? 0.0791 0.0808 0.1150 0.0028  -0.0006 0.0419  207 DA  B C4    
347 P P     . DC  B 8  ? 0.0879 0.2444 0.1416 0.0318  -0.0097 0.0113  208 DC  B P     
348 O OP1   . DC  B 8  ? 0.0914 0.3251 0.1544 0.0641  0.0103  0.0598  208 DC  B OP1   
349 O OP2   . DC  B 8  ? 0.1171 0.3677 0.1587 -0.0354 -0.0107 -0.0638 208 DC  B OP2   
350 O "O5'" . DC  B 8  ? 0.0843 0.1730 0.1610 0.0174  -0.0148 0.0114  208 DC  B "O5'" 
351 C "C5'" A DC  B 8  ? 0.1382 0.2214 0.1526 0.0640  0.0225  0.0243  208 DC  B "C5'" 
352 C "C5'" B DC  B 8  ? 0.3007 0.1777 0.1760 0.0325  -0.0684 0.0154  208 DC  B "C5'" 
353 C "C4'" A DC  B 8  ? 0.1538 0.1994 0.1617 0.0120  0.0022  0.0505  208 DC  B "C4'" 
354 C "C4'" B DC  B 8  ? 0.1732 0.1274 0.1603 0.0131  -0.0141 -0.0016 208 DC  B "C4'" 
355 O "O4'" A DC  B 8  ? 0.1277 0.1071 0.1402 0.0284  -0.0321 -0.0091 208 DC  B "O4'" 
356 O "O4'" B DC  B 8  ? 0.2295 0.1978 0.2237 0.0103  0.0664  0.0379  208 DC  B "O4'" 
357 C "C3'" A DC  B 8  ? 0.1633 0.2034 0.1703 0.0213  0.0164  0.0536  208 DC  B "C3'" 
358 C "C3'" B DC  B 8  ? 0.1537 0.1288 0.2454 0.0336  0.0373  0.0184  208 DC  B "C3'" 
359 O "O3'" A DC  B 8  ? 0.1863 0.2094 0.2295 0.0264  0.0604  0.0810  208 DC  B "O3'" 
360 O "O3'" B DC  B 8  ? 0.1877 0.1382 0.2475 0.0424  0.0455  0.0282  208 DC  B "O3'" 
361 C "C2'" A DC  B 8  ? 0.1605 0.1858 0.1486 -0.0107 -0.0087 0.0497  208 DC  B "C2'" 
362 C "C2'" B DC  B 8  ? 0.1635 0.1784 0.2037 0.0454  0.0070  0.0364  208 DC  B "C2'" 
363 C "C1'" A DC  B 8  ? 0.1700 0.0731 0.1183 0.0029  -0.0180 0.0182  208 DC  B "C1'" 
364 C "C1'" B DC  B 8  ? 0.1450 0.2489 0.1803 0.0462  0.0110  0.0241  208 DC  B "C1'" 
365 N N1    A DC  B 8  ? 0.1300 0.1025 0.1323 0.0100  -0.0258 -0.0137 208 DC  B N1    
366 N N1    B DC  B 8  ? 0.1766 0.2247 0.1946 0.0420  0.0058  0.0252  208 DC  B N1    
367 C C2    A DC  B 8  ? 0.1420 0.1120 0.1056 0.0185  0.0059  0.0430  208 DC  B C2    
368 C C2    B DC  B 8  ? 0.2144 0.1736 0.2268 0.0354  -0.0698 -0.0605 208 DC  B C2    
369 O O2    A DC  B 8  ? 0.3604 0.3464 0.1910 0.1934  -0.1322 -0.0477 208 DC  B O2    
370 O O2    B DC  B 8  ? 0.1306 0.0961 0.1593 -0.0057 0.0280  0.0196  208 DC  B O2    
371 N N3    A DC  B 8  ? 0.1359 0.1157 0.1523 0.0156  -0.0028 0.0041  208 DC  B N3    
372 N N3    B DC  B 8  ? 0.1576 0.1650 0.1495 -0.0272 0.0174  0.0207  208 DC  B N3    
373 C C4    A DC  B 8  ? 0.1973 0.1361 0.1165 0.0361  -0.0013 0.0237  208 DC  B C4    
374 C C4    B DC  B 8  ? 0.0875 0.1714 0.2046 -0.0090 -0.0264 -0.0411 208 DC  B C4    
375 N N4    A DC  B 8  ? 0.3645 0.4058 0.2222 0.2063  -0.0881 -0.1454 208 DC  B N4    
376 N N4    B DC  B 8  ? 0.0920 0.1380 0.1562 0.0128  0.0011  0.0232  208 DC  B N4    
377 C C5    A DC  B 8  ? 0.1312 0.1944 0.1486 0.0211  -0.0343 -0.0272 208 DC  B C5    
378 C C5    B DC  B 8  ? 0.1504 0.1085 0.2342 0.0022  0.0101  -0.0173 208 DC  B C5    
379 C C6    A DC  B 8  ? 0.1284 0.1670 0.1221 0.0211  -0.0222 0.0072  208 DC  B C6    
380 C C6    B DC  B 8  ? 0.1462 0.1928 0.2034 0.0234  -0.0014 -0.0190 208 DC  B C6    
381 P P     A DG  B 9  ? 0.1604 0.2309 0.2572 0.0035  0.0213  0.0318  209 DG  B P     
382 P P     B DG  B 9  ? 0.1490 0.1769 0.2467 0.0327  0.0410  0.0520  209 DG  B P     
383 O OP1   A DG  B 9  ? 0.2075 0.4386 0.2862 -0.0663 0.0839  0.0540  209 DG  B OP1   
384 O OP1   B DG  B 9  ? 0.1806 0.2114 0.4165 0.0439  0.1441  -0.0084 209 DG  B OP1   
385 O OP2   A DG  B 9  ? 0.2752 0.2472 0.2443 0.0422  0.0033  0.0482  209 DG  B OP2   
386 O OP2   B DG  B 9  ? 0.1115 0.2862 0.3733 0.0175  -0.0176 0.0281  209 DG  B OP2   
387 O "O5'" A DG  B 9  ? 0.3131 0.1805 0.2646 0.0241  -0.0420 0.0141  209 DG  B "O5'" 
388 O "O5'" B DG  B 9  ? 0.1274 0.1302 0.2472 0.0254  0.0298  0.0143  209 DG  B "O5'" 
389 C "C5'" A DG  B 9  ? 0.1879 0.1807 0.2132 0.0493  0.0721  0.0437  209 DG  B "C5'" 
390 C "C5'" B DG  B 9  ? 0.1292 0.1428 0.2762 -0.0037 -0.0216 -0.0406 209 DG  B "C5'" 
391 C "C4'" A DG  B 9  ? 0.1951 0.1207 0.1734 0.0228  0.0782  0.0178  209 DG  B "C4'" 
392 C "C4'" B DG  B 9  ? 0.1584 0.1740 0.1938 0.0558  0.0681  0.0679  209 DG  B "C4'" 
393 O "O4'" . DG  B 9  ? 0.1392 0.0815 0.1063 0.0067  0.0233  0.0090  209 DG  B "O4'" 
394 C "C3'" A DG  B 9  ? 0.1373 0.1347 0.1587 -0.0203 0.0453  0.0139  209 DG  B "C3'" 
395 C "C3'" B DG  B 9  ? 0.1381 0.1660 0.1623 -0.0104 0.0502  0.0391  209 DG  B "C3'" 
396 O "O3'" . DG  B 9  ? 0.1110 0.0879 0.1013 -0.0208 0.0217  -0.0154 209 DG  B "O3'" 
397 C "C2'" . DG  B 9  ? 0.1103 0.0767 0.0686 -0.0207 0.0037  -0.0009 209 DG  B "C2'" 
398 C "C1'" . DG  B 9  ? 0.0875 0.0969 0.0882 0.0031  -0.0001 0.0028  209 DG  B "C1'" 
399 N N9    . DG  B 9  ? 0.0803 0.0594 0.0886 -0.0092 0.0138  0.0123  209 DG  B N9    
400 C C8    . DG  B 9  ? 0.0700 0.0794 0.0972 -0.0001 0.0027  0.0111  209 DG  B C8    
401 N N7    . DG  B 9  ? 0.0776 0.0912 0.0937 0.0052  0.0050  0.0083  209 DG  B N7    
402 C C5    . DG  B 9  ? 0.0653 0.0723 0.0811 -0.0054 0.0052  0.0173  209 DG  B C5    
403 C C6    . DG  B 9  ? 0.0720 0.0819 0.0726 -0.0037 -0.0001 0.0164  209 DG  B C6    
404 O O6    . DG  B 9  ? 0.0893 0.0869 0.0788 0.0109  -0.0018 0.0125  209 DG  B O6    
405 N N1    . DG  B 9  ? 0.0786 0.0708 0.0699 -0.0062 0.0050  0.0167  209 DG  B N1    
406 C C2    . DG  B 9  ? 0.0705 0.0672 0.0579 -0.0073 0.0075  0.0138  209 DG  B C2    
407 N N2    . DG  B 9  ? 0.0816 0.0810 0.0730 -0.0008 0.0010  0.0155  209 DG  B N2    
408 N N3    . DG  B 9  ? 0.0774 0.0643 0.0770 -0.0097 -0.0024 0.0049  209 DG  B N3    
409 C C4    . DG  B 9  ? 0.0718 0.0739 0.0854 -0.0017 0.0092  0.0055  209 DG  B C4    
410 P P     . DC  B 10 ? 0.1012 0.0918 0.1249 -0.0099 0.0297  -0.0009 210 DC  B P     
411 O OP1   . DC  B 10 ? 0.1740 0.1217 0.1340 -0.0126 0.0769  0.0167  210 DC  B OP1   
412 O OP2   . DC  B 10 ? 0.0955 0.1142 0.1918 -0.0016 -0.0054 -0.0045 210 DC  B OP2   
413 O "O5'" . DC  B 10 ? 0.1027 0.0853 0.1104 -0.0033 0.0128  0.0105  210 DC  B "O5'" 
414 C "C5'" . DC  B 10 ? 0.1169 0.0760 0.0910 -0.0076 0.0092  0.0177  210 DC  B "C5'" 
415 C "C4'" . DC  B 10 ? 0.1004 0.0780 0.0721 -0.0067 -0.0062 0.0141  210 DC  B "C4'" 
416 O "O4'" . DC  B 10 ? 0.0853 0.0798 0.0802 -0.0170 0.0005  0.0114  210 DC  B "O4'" 
417 C "C3'" . DC  B 10 ? 0.0917 0.0770 0.0978 -0.0110 0.0082  0.0230  210 DC  B "C3'" 
418 O "O3'" . DC  B 10 ? 0.1436 0.0839 0.0831 -0.0280 -0.0058 0.0148  210 DC  B "O3'" 
419 C "C2'" . DC  B 10 ? 0.1069 0.0849 0.0788 -0.0325 -0.0103 0.0137  210 DC  B "C2'" 
420 C "C1'" . DC  B 10 ? 0.1089 0.0711 0.0727 -0.0159 -0.0055 0.0139  210 DC  B "C1'" 
421 N N1    . DC  B 10 ? 0.0762 0.0722 0.0824 -0.0117 -0.0053 0.0112  210 DC  B N1    
422 C C2    . DC  B 10 ? 0.0766 0.0776 0.0728 -0.0095 -0.0010 0.0123  210 DC  B C2    
423 O O2    . DC  B 10 ? 0.0821 0.0739 0.0853 -0.0044 -0.0060 0.0131  210 DC  B O2    
424 N N3    . DC  B 10 ? 0.0766 0.0806 0.0788 -0.0100 -0.0032 0.0135  210 DC  B N3    
425 C C4    . DC  B 10 ? 0.0762 0.0808 0.0857 -0.0151 -0.0105 0.0086  210 DC  B C4    
426 N N4    . DC  B 10 ? 0.0981 0.0810 0.0897 -0.0071 -0.0114 0.0226  210 DC  B N4    
427 C C5    . DC  B 10 ? 0.0875 0.0748 0.0940 -0.0055 -0.0062 0.0027  210 DC  B C5    
428 C C6    . DC  B 10 ? 0.0676 0.0669 0.0951 -0.0176 -0.0044 -0.0003 210 DC  B C6    
429 N N1    . N3D C .  ? 0.2568 0.1918 0.3107 -0.0581 0.0869  -0.0051 501 N3D B N1    
430 C C2    . N3D C .  ? 0.1655 0.1196 0.2111 0.0117  0.0399  -0.0045 501 N3D B C2    
431 C C3    . N3D C .  ? 0.1623 0.1641 0.3923 -0.0051 -0.0846 0.0290  501 N3D B C3    
432 C C4    . N3D C .  ? 0.1982 0.1635 0.2771 0.0361  0.0678  0.1125  501 N3D B C4    
433 N N5    . N3D C .  ? 0.1734 0.1563 0.3459 0.0369  -0.0104 0.0876  501 N3D B N5    
434 C C6    . N3D C .  ? 0.0968 0.1604 0.1243 0.0391  -0.0171 0.0178  501 N3D B C6    
435 O O     . HOH D .  ? 0.2833 0.1884 0.2542 0.0177  0.0662  0.0734  301 HOH A O     
436 O O     . HOH D .  ? 0.2921 0.8915 0.2160 0.2022  -0.0954 -0.2272 305 HOH A O     
437 O O     . HOH D .  ? 0.6111 0.7436 0.2984 0.2920  0.1001  0.0559  309 HOH A O     
438 O O     . HOH D .  ? 0.4865 0.1835 0.3211 -0.0823 0.1007  0.0143  310 HOH A O     
439 O O     . HOH D .  ? 0.3147 0.3084 0.2921 -0.0558 -0.0072 0.0395  311 HOH A O     
440 O O     . HOH D .  ? 0.2153 0.1990 0.3392 0.0916  -0.1283 -0.0545 312 HOH A O     
441 O O     . HOH D .  ? 0.4087 0.4529 0.6666 0.1455  0.3280  0.2180  319 HOH A O     
442 O O     . HOH D .  ? 0.7273 0.6163 0.3110 -0.3973 -0.2415 0.2015  321 HOH A O     
443 O O     . HOH D .  ? 0.2002 0.2177 0.1691 0.0731  0.0586  0.0700  328 HOH A O     
444 O O     . HOH D .  ? 0.1616 0.1443 0.1620 0.0123  0.0147  0.0293  331 HOH A O     
445 O O     . HOH D .  ? 0.1066 0.1619 0.1933 -0.0204 -0.0162 0.0403  332 HOH A O     
447 O O     . HOH D .  ? 0.1763 0.2433 0.1642 0.0017  -0.0128 -0.0054 334 HOH A O     
448 O O     . HOH D .  ? 0.1927 0.0998 0.1553 0.0434  0.0616  0.0313  336 HOH A O     
449 O O     . HOH D .  ? 0.2401 0.1595 0.2497 0.0298  0.0927  -0.0079 337 HOH A O     
450 O O     . HOH D .  ? 0.5613 0.3711 0.3541 -0.0870 0.1282  0.0161  342 HOH A O     
451 O O     . HOH D .  ? 0.1674 0.1304 0.2296 -0.0165 -0.0349 -0.0196 343 HOH A O     
452 O O     . HOH D .  ? 0.3046 0.2767 0.1353 0.1036  0.0425  0.0076  344 HOH A O     
453 O O     . HOH D .  ? 0.1062 0.0828 0.1137 0.0218  -0.0067 0.0103  346 HOH A O     
454 O O     . HOH D .  ? 0.1416 0.1086 0.0944 0.0279  0.0214  0.0312  347 HOH A O     
455 O O     . HOH D .  ? 0.1801 0.2023 0.2015 0.0214  0.0219  0.0080  348 HOH A O     
456 O O     . HOH D .  ? 0.1800 0.1738 0.2226 0.0191  0.0011  0.0033  349 HOH A O     
457 O O     . HOH D .  ? 0.1688 0.1608 0.1352 0.0716  -0.0093 0.0017  350 HOH A O     
458 O O     . HOH D .  ? 0.1135 0.1278 0.1460 0.0069  0.0389  0.0269  351 HOH A O     
459 O O     . HOH D .  ? 0.1625 0.1194 0.1553 -0.0339 -0.0030 0.0284  353 HOH A O     
460 O O     . HOH D .  ? 0.1687 0.1303 0.1914 -0.0042 -0.0217 0.0097  354 HOH A O     
461 O O     . HOH D .  ? 0.2985 0.1217 0.2137 0.0157  0.1176  0.0139  356 HOH A O     
462 O O     . HOH D .  ? 0.2211 0.3180 0.1634 0.0765  -0.0812 -0.0171 357 HOH A O     
463 O O     . HOH D .  ? 0.1739 0.1161 0.1409 0.0110  0.0081  0.0175  359 HOH A O     
465 O O     . HOH D .  ? 0.2009 0.1587 0.2244 0.0315  -0.0096 -0.0640 362 HOH A O     
466 O O     . HOH D .  ? 0.2804 0.1790 0.2594 -0.0171 -0.0961 0.0389  365 HOH A O     
467 O O     . HOH D .  ? 0.1966 0.1499 0.2425 -0.0214 0.0253  -0.0203 367 HOH A O     
468 O O     . HOH D .  ? 0.2891 0.1925 0.1996 0.0362  -0.0794 -0.0584 368 HOH A O     
469 O O     . HOH D .  ? 0.1426 0.2038 0.1066 -0.0110 -0.0070 0.0199  369 HOH A O     
470 O O     . HOH D .  ? 0.4797 0.1340 0.1294 0.0045  0.0414  0.0066  370 HOH A O     
471 O O     . HOH D .  ? 0.3128 0.2713 0.2673 0.0904  0.0836  0.0700  377 HOH A O     
472 O O     . HOH D .  ? 0.2020 0.2984 0.4009 0.0179  -0.1216 0.1193  380 HOH A O     
473 O O     . HOH D .  ? 0.3486 0.1701 0.6160 0.0739  0.2448  0.0556  381 HOH A O     
474 O O     . HOH D .  ? 0.9801 0.2989 0.0953 0.1572  -0.0341 0.0358  385 HOH A O     
475 O O     . HOH D .  ? 0.4538 0.3348 0.6630 0.1580  -0.1656 -0.2454 386 HOH A O     
476 O O     . HOH D .  ? 0.3507 0.2543 0.4759 0.0280  0.0145  0.0309  387 HOH A O     
477 O O     . HOH D .  ? 0.1240 0.3744 0.2413 0.0297  -0.0322 0.0984  388 HOH A O     
478 O O     . HOH D .  ? 0.2273 0.2038 0.3553 0.0449  -0.0648 -0.0599 389 HOH A O     
479 O O     . HOH D .  ? 0.2280 0.2730 0.3497 -0.0156 0.0260  0.0659  394 HOH A O     
480 O O     . HOH D .  ? 0.2882 0.3302 0.3119 -0.0503 -0.0381 -0.0744 395 HOH A O     
481 O O     . HOH D .  ? 0.3025 0.3119 0.6095 0.0059  0.2444  -0.0365 398 HOH A O     
482 O O     . HOH D .  ? 0.2066 0.4476 0.2117 -0.0045 0.0092  -0.0203 399 HOH A O     
483 O O     . HOH D .  ? 0.6604 0.4144 0.3571 0.0307  -0.2325 0.1448  401 HOH A O     
484 O O     . HOH D .  ? 0.3819 0.4023 0.4687 -0.1843 -0.0256 0.0350  402 HOH A O     
485 O O     . HOH D .  ? 0.7090 0.5595 1.0573 0.1469  0.1988  -0.0251 403 HOH A O     
486 O O     . HOH D .  ? 0.6770 0.2546 0.7942 0.0934  0.1323  0.0421  405 HOH A O     
487 O O     . HOH D .  ? 0.9599 0.1770 0.5650 0.1475  0.3888  0.0802  407 HOH A O     
488 O O     . HOH D .  ? 1.3744 0.3227 0.3040 0.4911  -0.2145 -0.0282 408 HOH A O     
489 O O     . HOH D .  ? 0.8008 0.9287 1.4600 0.1068  -0.9268 -0.3576 410 HOH A O     
490 O O     . HOH D .  ? 0.3500 0.4449 0.6012 -0.1286 0.1016  0.0124  412 HOH A O     
491 O O     . HOH D .  ? 0.7058 0.5997 0.4465 -0.2577 -0.1877 0.2877  413 HOH A O     
492 O O     . HOH D .  ? 0.5365 0.5641 0.5005 -0.4363 -0.0255 -0.0531 414 HOH A O     
493 O O     . HOH D .  ? 0.2842 0.8421 0.4628 -0.0789 -0.1594 0.3583  416 HOH A O     
494 O O     . HOH D .  ? 0.6711 0.2692 0.4488 0.1480  -0.3141 0.0293  417 HOH A O     
495 O O     . HOH D .  ? 0.2892 0.3180 0.1739 0.0649  0.0834  0.0740  419 HOH A O     
496 O O     . HOH D .  ? 0.2869 0.5132 0.1400 -0.0511 -0.0804 -0.0249 420 HOH A O     
497 O O     . HOH D .  ? 0.2980 0.4300 0.4608 0.1356  0.2075  0.2334  422 HOH A O     
498 O O     . HOH D .  ? 0.1507 0.3171 0.1877 0.0013  -0.0137 -0.0865 423 HOH A O     
500 O O     . HOH D .  ? 0.3636 0.2826 0.9528 -0.0363 0.1311  -0.0312 429 HOH A O     
501 O O     . HOH D .  ? 0.6688 0.7641 0.3127 0.4077  0.0859  0.0485  433 HOH A O     
502 O O     . HOH E .  ? 0.7257 0.1816 0.3232 -0.0700 0.1729  0.0765  302 HOH B O     
503 O O     . HOH E .  ? 0.7064 0.2704 0.5377 -0.1063 0.1119  -0.0989 303 HOH B O     
505 O O     . HOH E .  ? 0.8631 0.2596 0.3426 0.2252  -0.1495 -0.1212 306 HOH B O     
506 O O     . HOH E .  ? 0.6939 0.2998 0.1544 0.0173  -0.0212 -0.0613 307 HOH B O     
508 O O     . HOH E .  ? 0.2312 0.2456 0.5550 0.0087  -0.0991 -0.0931 313 HOH B O     
509 O O     . HOH E .  ? 0.7120 0.2093 0.3959 0.1527  -0.3349 -0.1214 314 HOH B O     
510 O O     . HOH E .  ? 0.8145 0.3540 0.3858 0.3168  0.1625  0.0818  315 HOH B O     
512 O O     . HOH E .  ? 0.3984 0.3201 0.3961 0.1466  -0.1430 0.0997  317 HOH B O     
514 O O     . HOH E .  ? 0.2564 0.9086 0.3158 -0.2223 0.0028  -0.1917 320 HOH B O     
515 O O     . HOH E .  ? 0.1329 0.1500 0.1476 -0.0091 -0.0247 0.0340  322 HOH B O     
516 O O     . HOH E .  ? 0.3338 0.2622 0.1938 0.1160  -0.1428 -0.0258 323 HOH B O     
517 O O     . HOH E .  ? 0.1290 0.1452 0.2815 0.0308  -0.0421 0.0529  324 HOH B O     
518 O O     . HOH E .  ? 0.1791 0.2122 0.2228 -0.0495 0.0020  0.0149  325 HOH B O     
519 O O     . HOH E .  ? 0.2130 0.2254 0.2111 0.0195  0.0139  0.0495  326 HOH B O     
520 O O     . HOH E .  ? 0.1172 0.2621 0.2819 0.0431  -0.0197 -0.0354 327 HOH B O     
521 O O     . HOH E .  ? 0.2521 0.2725 0.2229 -0.0503 0.0705  0.0410  329 HOH B O     
522 O O     . HOH E .  ? 0.1565 0.1181 0.1334 -0.0209 -0.0006 0.0246  330 HOH B O     
523 O O     . HOH E .  ? 0.6301 0.3012 0.2988 -0.1800 -0.2325 0.1552  335 HOH B O     
524 O O     . HOH E .  ? 0.2244 0.1791 0.2506 -0.0126 0.0408  0.0521  338 HOH B O     
525 O O     . HOH E .  ? 0.1994 0.1906 0.1705 0.0576  0.0394  0.0789  339 HOH B O     
526 O O     . HOH E .  ? 0.1652 0.2040 0.1516 0.0380  0.0398  0.0434  340 HOH B O     
527 O O     . HOH E .  ? 0.3203 0.1966 0.1819 0.0921  0.0113  -0.0050 341 HOH B O     
528 O O     . HOH E .  ? 0.1133 0.0847 0.1011 -0.0110 -0.0132 0.0146  345 HOH B O     
529 O O     . HOH E .  ? 0.1408 0.1431 0.2001 -0.0149 0.0178  0.0287  352 HOH B O     
530 O O     . HOH E .  ? 0.2445 0.1497 0.1774 -0.0536 0.0105  -0.0044 355 HOH B O     
531 O O     . HOH E .  ? 0.2436 0.2490 0.2012 -0.0591 -0.0483 0.0009  358 HOH B O     
532 O O     . HOH E .  ? 0.2068 0.1850 0.2190 -0.0406 0.0904  -0.0019 361 HOH B O     
533 O O     . HOH E .  ? 0.2158 0.3693 0.2276 -0.1658 0.0684  -0.0629 363 HOH B O     
534 O O     . HOH E .  ? 0.2030 0.3748 0.2961 -0.0568 -0.0127 0.1611  364 HOH B O     
535 O O     . HOH E .  ? 0.2597 0.2399 0.2351 -0.0931 -0.0675 0.1054  366 HOH B O     
536 O O     . HOH E .  ? 0.3951 0.2070 0.3346 -0.0152 -0.1191 0.0044  371 HOH B O     
537 O O     . HOH E .  ? 0.3272 0.1148 0.4193 -0.0644 0.1457  -0.0185 372 HOH B O     
538 O O     . HOH E .  ? 0.1635 0.2331 0.2233 -0.0372 -0.0120 0.0434  373 HOH B O     
539 O O     . HOH E .  ? 0.1586 0.3294 0.2771 -0.0630 -0.0082 -0.0057 374 HOH B O     
540 O O     . HOH E .  ? 0.2942 0.0950 0.4146 0.0273  0.1203  0.0775  375 HOH B O     
542 O O     . HOH E .  ? 0.2317 0.1390 0.3606 -0.0098 0.0364  -0.0154 378 HOH B O     
543 O O     . HOH E .  ? 1.1608 0.1346 0.1721 -0.0453 0.0473  0.0171  379 HOH B O     
544 O O     . HOH E .  ? 0.1804 0.4858 0.2210 -0.0695 0.0404  -0.0190 382 HOH B O     
545 O O     . HOH E .  ? 0.3059 0.3569 0.4405 -0.0601 -0.1204 0.1212  383 HOH B O     
546 O O     . HOH E .  ? 0.3347 0.3126 0.1926 0.0244  -0.0629 0.0351  384 HOH B O     
547 O O     . HOH E .  ? 0.1852 0.5753 0.1936 -0.0073 0.0132  -0.1245 390 HOH B O     
548 O O     . HOH E .  ? 0.2108 0.2653 0.3453 -0.0427 -0.0872 0.0602  391 HOH B O     
551 O O     . HOH E .  ? 0.3126 0.1723 0.4885 0.0074  0.0442  0.0140  396 HOH B O     
552 O O     . HOH E .  ? 0.3350 0.1939 0.3231 -0.0130 -0.0797 0.0289  397 HOH B O     
553 O O     . HOH E .  ? 0.5571 0.4054 0.4909 0.0277  0.0130  0.1352  400 HOH B O     
555 O O     . HOH E .  ? 0.5531 0.5455 0.2462 -0.3020 0.0854  0.0465  406 HOH B O     
557 O O     . HOH E .  ? 0.2999 0.2740 0.4636 -0.0846 0.1870  -0.1341 411 HOH B O     
558 O O     . HOH E .  ? 0.2578 0.5541 0.5586 0.0787  -0.0504 -0.1720 415 HOH B O     
559 O O     . HOH E .  ? 0.6061 0.3406 0.4877 -0.0143 0.2306  0.1925  418 HOH B O     
560 O O     . HOH E .  ? 0.2910 0.2714 0.3558 -0.1188 0.2234  -0.0876 421 HOH B O     
561 O O     . HOH E .  ? 0.6210 0.5332 0.2572 -0.0283 0.1182  0.0647  424 HOH B O     
562 O O     . HOH E .  ? 0.0976 0.1493 0.2338 -0.0313 -0.0572 0.0459  426 HOH B O     
563 O O     . HOH E .  ? 0.9772 0.1695 0.6263 -0.0081 0.3265  -0.1309 427 HOH B O     
564 O O     . HOH E .  ? 0.4745 0.4977 0.3605 -0.1684 0.0690  0.1541  428 HOH B O     
565 O O     . HOH E .  ? 0.3744 0.6808 0.4466 -0.0412 -0.0169 0.2130  430 HOH B O     
566 O O     . HOH E .  ? 0.3908 0.2797 0.5353 0.0033  -0.1560 0.0049  431 HOH B O     
567 O O     . HOH E .  ? 0.4380 0.4694 0.4168 0.1306  0.1279  0.0858  432 HOH B O     
# 
loop_
_pdbx_poly_seq_scheme.asym_id 
_pdbx_poly_seq_scheme.entity_id 
_pdbx_poly_seq_scheme.seq_id 
_pdbx_poly_seq_scheme.mon_id 
_pdbx_poly_seq_scheme.ndb_seq_num 
_pdbx_poly_seq_scheme.pdb_seq_num 
_pdbx_poly_seq_scheme.auth_seq_num 
_pdbx_poly_seq_scheme.pdb_mon_id 
_pdbx_poly_seq_scheme.auth_mon_id 
_pdbx_poly_seq_scheme.pdb_strand_id 
_pdbx_poly_seq_scheme.pdb_ins_code 
_pdbx_poly_seq_scheme.hetero 
A 1 1  DG  1  101 101 DG  GUA A . n 
A 1 2  DC  2  102 102 DC  CYT A . n 
A 1 3  DG  3  103 103 DG  GUA A . n 
A 1 4  DT  4  104 104 DT  THY A . n 
A 1 5  DA  5  105 105 DA  ADE A . n 
A 1 6  USM 6  106 106 USM USM A . n 
A 1 7  DA  7  107 107 DA  ADE A . n 
A 1 8  DC  8  108 108 DC  CYT A . n 
A 1 9  DG  9  109 109 DG  GUA A . n 
A 1 10 DC  10 110 110 DC  CYT A . n 
B 1 1  DG  1  201 201 DG  GUA B . n 
B 1 2  DC  2  202 202 DC  CYT B . n 
B 1 3  DG  3  203 203 DG  GUA B . n 
B 1 4  DT  4  204 204 DT  THY B . n 
B 1 5  DA  5  205 205 DA  ADE B . n 
B 1 6  USM 6  206 206 USM USM B . n 
B 1 7  DA  7  207 207 DA  ADE B . n 
B 1 8  DC  8  208 208 DC  CYT B . n 
B 1 9  DG  9  209 209 DG  GUA B . n 
B 1 10 DC  10 210 210 DC  CYT B . n 
# 
loop_
_pdbx_nonpoly_scheme.asym_id 
_pdbx_nonpoly_scheme.entity_id 
_pdbx_nonpoly_scheme.mon_id 
_pdbx_nonpoly_scheme.ndb_seq_num 
_pdbx_nonpoly_scheme.pdb_seq_num 
_pdbx_nonpoly_scheme.auth_seq_num 
_pdbx_nonpoly_scheme.pdb_mon_id 
_pdbx_nonpoly_scheme.auth_mon_id 
_pdbx_nonpoly_scheme.pdb_strand_id 
_pdbx_nonpoly_scheme.pdb_ins_code 
C 2 N3D 1  501 501 N3D N3D B . 
D 3 HOH 1  301 301 HOH HOH A . 
D 3 HOH 2  305 305 HOH HOH A . 
D 3 HOH 3  309 309 HOH HOH A . 
D 3 HOH 4  310 310 HOH HOH A . 
D 3 HOH 5  311 311 HOH HOH A . 
D 3 HOH 6  312 312 HOH HOH A . 
D 3 HOH 7  319 319 HOH HOH A . 
D 3 HOH 8  321 321 HOH HOH A . 
D 3 HOH 9  328 328 HOH HOH A . 
D 3 HOH 10 331 331 HOH HOH A . 
D 3 HOH 11 332 332 HOH HOH A . 
D 3 HOH 12 333 333 HOH HOH A . 
D 3 HOH 13 334 334 HOH HOH A . 
D 3 HOH 14 336 336 HOH HOH A . 
D 3 HOH 15 337 337 HOH HOH A . 
D 3 HOH 16 342 342 HOH HOH A . 
D 3 HOH 17 343 343 HOH HOH A . 
D 3 HOH 18 344 344 HOH HOH A . 
D 3 HOH 19 346 346 HOH HOH A . 
D 3 HOH 20 347 347 HOH HOH A . 
D 3 HOH 21 348 348 HOH HOH A . 
D 3 HOH 22 349 349 HOH HOH A . 
D 3 HOH 23 350 350 HOH HOH A . 
D 3 HOH 24 351 351 HOH HOH A . 
D 3 HOH 25 353 353 HOH HOH A . 
D 3 HOH 26 354 354 HOH HOH A . 
D 3 HOH 27 356 356 HOH HOH A . 
D 3 HOH 28 357 357 HOH HOH A . 
D 3 HOH 29 359 359 HOH HOH A . 
D 3 HOH 30 360 360 HOH HOH A . 
D 3 HOH 31 362 362 HOH HOH A . 
D 3 HOH 32 365 365 HOH HOH A . 
D 3 HOH 33 367 367 HOH HOH A . 
D 3 HOH 34 368 368 HOH HOH A . 
D 3 HOH 35 369 369 HOH HOH A . 
D 3 HOH 36 370 370 HOH HOH A . 
D 3 HOH 37 377 377 HOH HOH A . 
D 3 HOH 38 380 380 HOH HOH A . 
D 3 HOH 39 381 381 HOH HOH A . 
D 3 HOH 40 385 385 HOH HOH A . 
D 3 HOH 41 386 386 HOH HOH A . 
D 3 HOH 42 387 387 HOH HOH A . 
D 3 HOH 43 388 388 HOH HOH A . 
D 3 HOH 44 389 389 HOH HOH A . 
D 3 HOH 45 394 394 HOH HOH A . 
D 3 HOH 46 395 395 HOH HOH A . 
D 3 HOH 47 398 398 HOH HOH A . 
D 3 HOH 48 399 399 HOH HOH A . 
D 3 HOH 49 401 401 HOH HOH A . 
D 3 HOH 50 402 402 HOH HOH A . 
D 3 HOH 51 403 403 HOH HOH A . 
D 3 HOH 52 405 405 HOH HOH A . 
D 3 HOH 53 407 407 HOH HOH A . 
D 3 HOH 54 408 408 HOH HOH A . 
D 3 HOH 55 410 410 HOH HOH A . 
D 3 HOH 56 412 412 HOH HOH A . 
D 3 HOH 57 413 413 HOH HOH A . 
D 3 HOH 58 414 414 HOH HOH A . 
D 3 HOH 59 416 416 HOH HOH A . 
D 3 HOH 60 417 417 HOH HOH A . 
D 3 HOH 61 419 419 HOH HOH A . 
D 3 HOH 62 420 420 HOH HOH A . 
D 3 HOH 63 422 422 HOH HOH A . 
D 3 HOH 64 423 423 HOH HOH A . 
D 3 HOH 65 425 425 HOH HOH A . 
D 3 HOH 66 429 429 HOH HOH A . 
D 3 HOH 67 433 433 HOH HOH A . 
E 3 HOH 1  302 302 HOH HOH B . 
E 3 HOH 2  303 303 HOH HOH B . 
E 3 HOH 3  304 304 HOH HOH B . 
E 3 HOH 4  306 306 HOH HOH B . 
E 3 HOH 5  307 307 HOH HOH B . 
E 3 HOH 6  308 308 HOH HOH B . 
E 3 HOH 7  313 313 HOH HOH B . 
E 3 HOH 8  314 314 HOH HOH B . 
E 3 HOH 9  315 315 HOH HOH B . 
E 3 HOH 10 316 316 HOH HOH B . 
E 3 HOH 11 317 317 HOH HOH B . 
E 3 HOH 12 318 318 HOH HOH B . 
E 3 HOH 13 320 320 HOH HOH B . 
E 3 HOH 14 322 322 HOH HOH B . 
E 3 HOH 15 323 323 HOH HOH B . 
E 3 HOH 16 324 324 HOH HOH B . 
E 3 HOH 17 325 325 HOH HOH B . 
E 3 HOH 18 326 326 HOH HOH B . 
E 3 HOH 19 327 327 HOH HOH B . 
E 3 HOH 20 329 329 HOH HOH B . 
E 3 HOH 21 330 330 HOH HOH B . 
E 3 HOH 22 335 335 HOH HOH B . 
E 3 HOH 23 338 338 HOH HOH B . 
E 3 HOH 24 339 339 HOH HOH B . 
E 3 HOH 25 340 340 HOH HOH B . 
E 3 HOH 26 341 341 HOH HOH B . 
E 3 HOH 27 345 345 HOH HOH B . 
E 3 HOH 28 352 352 HOH HOH B . 
E 3 HOH 29 355 355 HOH HOH B . 
E 3 HOH 30 358 358 HOH HOH B . 
E 3 HOH 31 361 361 HOH HOH B . 
E 3 HOH 32 363 363 HOH HOH B . 
E 3 HOH 33 364 364 HOH HOH B . 
E 3 HOH 34 366 366 HOH HOH B . 
E 3 HOH 35 371 371 HOH HOH B . 
E 3 HOH 36 372 372 HOH HOH B . 
E 3 HOH 37 373 373 HOH HOH B . 
E 3 HOH 38 374 374 HOH HOH B . 
E 3 HOH 39 375 375 HOH HOH B . 
E 3 HOH 40 376 376 HOH HOH B . 
E 3 HOH 41 378 378 HOH HOH B . 
E 3 HOH 42 379 379 HOH HOH B . 
E 3 HOH 43 382 382 HOH HOH B . 
E 3 HOH 44 383 383 HOH HOH B . 
E 3 HOH 45 384 384 HOH HOH B . 
E 3 HOH 46 390 390 HOH HOH B . 
E 3 HOH 47 391 391 HOH HOH B . 
E 3 HOH 48 392 392 HOH HOH B . 
E 3 HOH 49 393 393 HOH HOH B . 
E 3 HOH 50 396 396 HOH HOH B . 
E 3 HOH 51 397 397 HOH HOH B . 
E 3 HOH 52 400 400 HOH HOH B . 
E 3 HOH 53 404 404 HOH HOH B . 
E 3 HOH 54 406 406 HOH HOH B . 
E 3 HOH 55 409 409 HOH HOH B . 
E 3 HOH 56 411 411 HOH HOH B . 
E 3 HOH 57 415 415 HOH HOH B . 
E 3 HOH 58 418 418 HOH HOH B . 
E 3 HOH 59 421 421 HOH HOH B . 
E 3 HOH 60 424 424 HOH HOH B . 
E 3 HOH 61 426 426 HOH HOH B . 
E 3 HOH 62 427 427 HOH HOH B . 
E 3 HOH 63 428 428 HOH HOH B . 
E 3 HOH 64 430 430 HOH HOH B . 
E 3 HOH 65 431 431 HOH HOH B . 
E 3 HOH 66 432 432 HOH HOH B . 
# 
loop_
_pdbx_struct_mod_residue.id 
_pdbx_struct_mod_residue.label_asym_id 
_pdbx_struct_mod_residue.label_comp_id 
_pdbx_struct_mod_residue.label_seq_id 
_pdbx_struct_mod_residue.auth_asym_id 
_pdbx_struct_mod_residue.auth_comp_id 
_pdbx_struct_mod_residue.auth_seq_id 
_pdbx_struct_mod_residue.PDB_ins_code 
_pdbx_struct_mod_residue.parent_comp_id 
_pdbx_struct_mod_residue.details 
1 A USM 6 A USM 106 ? DU ? 
2 B USM 6 B USM 206 ? DU ? 
# 
_pdbx_struct_assembly.id                   1 
_pdbx_struct_assembly.details              author_and_software_defined_assembly 
_pdbx_struct_assembly.method_details       PISA 
_pdbx_struct_assembly.oligomeric_details   dimeric 
_pdbx_struct_assembly.oligomeric_count     2 
# 
_pdbx_struct_assembly_gen.assembly_id       1 
_pdbx_struct_assembly_gen.oper_expression   1 
_pdbx_struct_assembly_gen.asym_id_list      A,B,C,D,E 
# 
loop_
_pdbx_struct_assembly_prop.biol_id 
_pdbx_struct_assembly_prop.type 
_pdbx_struct_assembly_prop.value 
_pdbx_struct_assembly_prop.details 
1 'ABSA (A^2)' 1060 ? 
1 MORE         -3   ? 
1 'SSA (A^2)'  3940 ? 
# 
_pdbx_struct_oper_list.id                   1 
_pdbx_struct_oper_list.type                 'identity operation' 
_pdbx_struct_oper_list.name                 1_555 
_pdbx_struct_oper_list.symmetry_operation   x,y,z 
_pdbx_struct_oper_list.matrix[1][1]         1.0000000000 
_pdbx_struct_oper_list.matrix[1][2]         0.0000000000 
_pdbx_struct_oper_list.matrix[1][3]         0.0000000000 
_pdbx_struct_oper_list.vector[1]            0.0000000000 
_pdbx_struct_oper_list.matrix[2][1]         0.0000000000 
_pdbx_struct_oper_list.matrix[2][2]         1.0000000000 
_pdbx_struct_oper_list.matrix[2][3]         0.0000000000 
_pdbx_struct_oper_list.vector[2]            0.0000000000 
_pdbx_struct_oper_list.matrix[3][1]         0.0000000000 
_pdbx_struct_oper_list.matrix[3][2]         0.0000000000 
_pdbx_struct_oper_list.matrix[3][3]         1.0000000000 
_pdbx_struct_oper_list.vector[3]            0.0000000000 
# 
loop_
_pdbx_audit_revision_history.ordinal 
_pdbx_audit_revision_history.data_content_type 
_pdbx_audit_revision_history.major_revision 
_pdbx_audit_revision_history.minor_revision 
_pdbx_audit_revision_history.revision_date 
1 'Structure model' 1 0 2009-04-28 
2 'Structure model' 1 1 2011-07-13 
3 'Structure model' 1 2 2017-10-25 
4 'Structure model' 1 3 2023-09-06 
# 
_pdbx_audit_revision_details.ordinal             1 
_pdbx_audit_revision_details.revision_ordinal    1 
_pdbx_audit_revision_details.data_content_type   'Structure model' 
_pdbx_audit_revision_details.provider            repository 
_pdbx_audit_revision_details.type                'Initial release' 
_pdbx_audit_revision_details.description         ? 
_pdbx_audit_revision_details.details             ? 
# 
loop_
_pdbx_audit_revision_group.ordinal 
_pdbx_audit_revision_group.revision_ordinal 
_pdbx_audit_revision_group.data_content_type 
_pdbx_audit_revision_group.group 
1 2 'Structure model' 'Version format compliance' 
2 3 'Structure model' 'Refinement description'    
3 4 'Structure model' 'Data collection'           
4 4 'Structure model' 'Database references'       
5 4 'Structure model' 'Derived calculations'      
6 4 'Structure model' 'Refinement description'    
# 
loop_
_pdbx_audit_revision_category.ordinal 
_pdbx_audit_revision_category.revision_ordinal 
_pdbx_audit_revision_category.data_content_type 
_pdbx_audit_revision_category.category 
1 3 'Structure model' software                      
2 4 'Structure model' chem_comp_atom                
3 4 'Structure model' chem_comp_bond                
4 4 'Structure model' database_2                    
5 4 'Structure model' pdbx_initial_refinement_model 
6 4 'Structure model' struct_conn                   
7 4 'Structure model' struct_ref_seq                
8 4 'Structure model' struct_site                   
# 
loop_
_pdbx_audit_revision_item.ordinal 
_pdbx_audit_revision_item.revision_ordinal 
_pdbx_audit_revision_item.data_content_type 
_pdbx_audit_revision_item.item 
1 3 'Structure model' '_software.name'                      
2 4 'Structure model' '_database_2.pdbx_DOI'                
3 4 'Structure model' '_database_2.pdbx_database_accession' 
4 4 'Structure model' '_struct_conn.pdbx_leaving_atom_flag' 
5 4 'Structure model' '_struct_ref_seq.db_align_beg'        
6 4 'Structure model' '_struct_ref_seq.db_align_end'        
7 4 'Structure model' '_struct_site.pdbx_auth_asym_id'      
8 4 'Structure model' '_struct_site.pdbx_auth_comp_id'      
9 4 'Structure model' '_struct_site.pdbx_auth_seq_id'       
# 
loop_
_software.name 
_software.classification 
_software.version 
_software.citation_id 
_software.pdbx_ordinal 
MAR345    'data collection' . ? 1 
MOLREP    phasing           . ? 2 
SHELXL-97 refinement        . ? 3 
XDS       'data reduction'  . ? 4 
XDS       'data scaling'    . ? 5 
# 
_pdbx_validate_rmsd_bond.id                        1 
_pdbx_validate_rmsd_bond.PDB_model_num             1 
_pdbx_validate_rmsd_bond.auth_atom_id_1            "C2'" 
_pdbx_validate_rmsd_bond.auth_asym_id_1            B 
_pdbx_validate_rmsd_bond.auth_comp_id_1            DG 
_pdbx_validate_rmsd_bond.auth_seq_id_1             209 
_pdbx_validate_rmsd_bond.PDB_ins_code_1            ? 
_pdbx_validate_rmsd_bond.label_alt_id_1            ? 
_pdbx_validate_rmsd_bond.auth_atom_id_2            "C1'" 
_pdbx_validate_rmsd_bond.auth_asym_id_2            B 
_pdbx_validate_rmsd_bond.auth_comp_id_2            DG 
_pdbx_validate_rmsd_bond.auth_seq_id_2             209 
_pdbx_validate_rmsd_bond.PDB_ins_code_2            ? 
_pdbx_validate_rmsd_bond.label_alt_id_2            ? 
_pdbx_validate_rmsd_bond.bond_value                1.452 
_pdbx_validate_rmsd_bond.bond_target_value         1.518 
_pdbx_validate_rmsd_bond.bond_deviation            -0.066 
_pdbx_validate_rmsd_bond.bond_standard_deviation   0.010 
_pdbx_validate_rmsd_bond.linker_flag               N 
# 
loop_
_pdbx_validate_rmsd_angle.id 
_pdbx_validate_rmsd_angle.PDB_model_num 
_pdbx_validate_rmsd_angle.auth_atom_id_1 
_pdbx_validate_rmsd_angle.auth_asym_id_1 
_pdbx_validate_rmsd_angle.auth_comp_id_1 
_pdbx_validate_rmsd_angle.auth_seq_id_1 
_pdbx_validate_rmsd_angle.PDB_ins_code_1 
_pdbx_validate_rmsd_angle.label_alt_id_1 
_pdbx_validate_rmsd_angle.auth_atom_id_2 
_pdbx_validate_rmsd_angle.auth_asym_id_2 
_pdbx_validate_rmsd_angle.auth_comp_id_2 
_pdbx_validate_rmsd_angle.auth_seq_id_2 
_pdbx_validate_rmsd_angle.PDB_ins_code_2 
_pdbx_validate_rmsd_angle.label_alt_id_2 
_pdbx_validate_rmsd_angle.auth_atom_id_3 
_pdbx_validate_rmsd_angle.auth_asym_id_3 
_pdbx_validate_rmsd_angle.auth_comp_id_3 
_pdbx_validate_rmsd_angle.auth_seq_id_3 
_pdbx_validate_rmsd_angle.PDB_ins_code_3 
_pdbx_validate_rmsd_angle.label_alt_id_3 
_pdbx_validate_rmsd_angle.angle_value 
_pdbx_validate_rmsd_angle.angle_target_value 
_pdbx_validate_rmsd_angle.angle_deviation 
_pdbx_validate_rmsd_angle.angle_standard_deviation 
_pdbx_validate_rmsd_angle.linker_flag 
1  1 "O4'" A DG 103 ? ? "C1'" A DG 103 ? ? "C2'" A DG 103 ? ? 110.63 106.80 3.83  0.50 N 
2  1 "O4'" A DG 103 ? ? "C1'" A DG 103 ? ? N9    A DG 103 ? ? 103.17 108.00 -4.83 0.70 N 
3  1 "O4'" A DA 107 ? ? "C1'" A DA 107 ? ? N9    A DA 107 ? ? 110.21 108.30 1.91  0.30 N 
4  1 "O4'" A DC 108 ? ? "C1'" A DC 108 ? ? N1    A DC 108 ? ? 110.27 108.30 1.97  0.30 N 
5  1 "O4'" B DG 203 ? ? "C1'" B DG 203 ? ? N9    B DG 203 ? ? 110.87 108.30 2.57  0.30 N 
6  1 "O4'" B DT 204 ? ? "C1'" B DT 204 ? ? N1    B DT 204 ? ? 110.28 108.30 1.98  0.30 N 
7  1 C4    B DT 204 ? ? C5    B DT 204 ? ? C7    B DT 204 ? ? 125.30 119.00 6.30  0.60 N 
8  1 C6    B DT 204 ? ? C5    B DT 204 ? ? C7    B DT 204 ? ? 117.80 122.90 -5.10 0.60 N 
9  1 "O4'" B DG 209 ? ? "C4'" B DG 209 ? A "C3'" B DG 209 ? A 101.97 104.50 -2.53 0.40 N 
10 1 "O4'" B DG 209 ? ? "C1'" B DG 209 ? ? N9    B DG 209 ? ? 103.38 108.00 -4.62 0.70 N 
# 
loop_
_chem_comp_atom.comp_id 
_chem_comp_atom.atom_id 
_chem_comp_atom.type_symbol 
_chem_comp_atom.pdbx_aromatic_flag 
_chem_comp_atom.pdbx_stereo_config 
_chem_comp_atom.pdbx_ordinal 
DA  OP3    O N N 1   
DA  P      P N N 2   
DA  OP1    O N N 3   
DA  OP2    O N N 4   
DA  "O5'"  O N N 5   
DA  "C5'"  C N N 6   
DA  "C4'"  C N R 7   
DA  "O4'"  O N N 8   
DA  "C3'"  C N S 9   
DA  "O3'"  O N N 10  
DA  "C2'"  C N N 11  
DA  "C1'"  C N R 12  
DA  N9     N Y N 13  
DA  C8     C Y N 14  
DA  N7     N Y N 15  
DA  C5     C Y N 16  
DA  C6     C Y N 17  
DA  N6     N N N 18  
DA  N1     N Y N 19  
DA  C2     C Y N 20  
DA  N3     N Y N 21  
DA  C4     C Y N 22  
DA  HOP3   H N N 23  
DA  HOP2   H N N 24  
DA  "H5'"  H N N 25  
DA  "H5''" H N N 26  
DA  "H4'"  H N N 27  
DA  "H3'"  H N N 28  
DA  "HO3'" H N N 29  
DA  "H2'"  H N N 30  
DA  "H2''" H N N 31  
DA  "H1'"  H N N 32  
DA  H8     H N N 33  
DA  H61    H N N 34  
DA  H62    H N N 35  
DA  H2     H N N 36  
DC  OP3    O N N 37  
DC  P      P N N 38  
DC  OP1    O N N 39  
DC  OP2    O N N 40  
DC  "O5'"  O N N 41  
DC  "C5'"  C N N 42  
DC  "C4'"  C N R 43  
DC  "O4'"  O N N 44  
DC  "C3'"  C N S 45  
DC  "O3'"  O N N 46  
DC  "C2'"  C N N 47  
DC  "C1'"  C N R 48  
DC  N1     N N N 49  
DC  C2     C N N 50  
DC  O2     O N N 51  
DC  N3     N N N 52  
DC  C4     C N N 53  
DC  N4     N N N 54  
DC  C5     C N N 55  
DC  C6     C N N 56  
DC  HOP3   H N N 57  
DC  HOP2   H N N 58  
DC  "H5'"  H N N 59  
DC  "H5''" H N N 60  
DC  "H4'"  H N N 61  
DC  "H3'"  H N N 62  
DC  "HO3'" H N N 63  
DC  "H2'"  H N N 64  
DC  "H2''" H N N 65  
DC  "H1'"  H N N 66  
DC  H41    H N N 67  
DC  H42    H N N 68  
DC  H5     H N N 69  
DC  H6     H N N 70  
DG  OP3    O N N 71  
DG  P      P N N 72  
DG  OP1    O N N 73  
DG  OP2    O N N 74  
DG  "O5'"  O N N 75  
DG  "C5'"  C N N 76  
DG  "C4'"  C N R 77  
DG  "O4'"  O N N 78  
DG  "C3'"  C N S 79  
DG  "O3'"  O N N 80  
DG  "C2'"  C N N 81  
DG  "C1'"  C N R 82  
DG  N9     N Y N 83  
DG  C8     C Y N 84  
DG  N7     N Y N 85  
DG  C5     C Y N 86  
DG  C6     C N N 87  
DG  O6     O N N 88  
DG  N1     N N N 89  
DG  C2     C N N 90  
DG  N2     N N N 91  
DG  N3     N N N 92  
DG  C4     C Y N 93  
DG  HOP3   H N N 94  
DG  HOP2   H N N 95  
DG  "H5'"  H N N 96  
DG  "H5''" H N N 97  
DG  "H4'"  H N N 98  
DG  "H3'"  H N N 99  
DG  "HO3'" H N N 100 
DG  "H2'"  H N N 101 
DG  "H2''" H N N 102 
DG  "H1'"  H N N 103 
DG  H8     H N N 104 
DG  H1     H N N 105 
DG  H21    H N N 106 
DG  H22    H N N 107 
DT  OP3    O N N 108 
DT  P      P N N 109 
DT  OP1    O N N 110 
DT  OP2    O N N 111 
DT  "O5'"  O N N 112 
DT  "C5'"  C N N 113 
DT  "C4'"  C N R 114 
DT  "O4'"  O N N 115 
DT  "C3'"  C N S 116 
DT  "O3'"  O N N 117 
DT  "C2'"  C N N 118 
DT  "C1'"  C N R 119 
DT  N1     N N N 120 
DT  C2     C N N 121 
DT  O2     O N N 122 
DT  N3     N N N 123 
DT  C4     C N N 124 
DT  O4     O N N 125 
DT  C5     C N N 126 
DT  C7     C N N 127 
DT  C6     C N N 128 
DT  HOP3   H N N 129 
DT  HOP2   H N N 130 
DT  "H5'"  H N N 131 
DT  "H5''" H N N 132 
DT  "H4'"  H N N 133 
DT  "H3'"  H N N 134 
DT  "HO3'" H N N 135 
DT  "H2'"  H N N 136 
DT  "H2''" H N N 137 
DT  "H1'"  H N N 138 
DT  H3     H N N 139 
DT  H71    H N N 140 
DT  H72    H N N 141 
DT  H73    H N N 142 
DT  H6     H N N 143 
HOH O      O N N 144 
HOH H1     H N N 145 
HOH H2     H N N 146 
N3D N1     N N N 147 
N3D C2     C N N 148 
N3D C3     C N N 149 
N3D C4     C N N 150 
N3D N5     N N N 151 
N3D C6     C N N 152 
N3D HN1    H N N 153 
N3D HN1A   H N N 154 
N3D H2     H N N 155 
N3D H2A    H N N 156 
N3D H3     H N N 157 
N3D H3A    H N N 158 
N3D H4     H N N 159 
N3D H4A    H N N 160 
N3D HN5    H N N 161 
N3D H6     H N N 162 
N3D H6A    H N N 163 
N3D H6B    H N N 164 
USM OP2    O N N 165 
USM P      P N N 166 
USM OP1    O N N 167 
USM OP3    O N N 168 
USM "O5'"  O N N 169 
USM N1     N N N 170 
USM C6     C N N 171 
USM C2     C N N 172 
USM O2     O N N 173 
USM N3     N N N 174 
USM C4     C N N 175 
USM O4     O N N 176 
USM C5     C N N 177 
USM "C2'"  C N R 178 
USM "S2'"  S N N 179 
USM C2A    C N N 180 
USM "C5'"  C N N 181 
USM "C4'"  C N R 182 
USM "O4'"  O N N 183 
USM "C1'"  C N R 184 
USM "C3'"  C N R 185 
USM "O3'"  O N N 186 
USM HOP2   H N N 187 
USM HOP3   H N N 188 
USM H6     H N N 189 
USM H5     H N N 190 
USM "H2'"  H N N 191 
USM H2A    H N N 192 
USM H2AA   H N N 193 
USM H2AB   H N N 194 
USM "H5'"  H N N 195 
USM "H5'A" H N N 196 
USM "H4'"  H N N 197 
USM "H1'"  H N N 198 
USM "H3'"  H N N 199 
USM "HO3'" H N N 200 
USM HN3    H N N 201 
# 
loop_
_chem_comp_bond.comp_id 
_chem_comp_bond.atom_id_1 
_chem_comp_bond.atom_id_2 
_chem_comp_bond.value_order 
_chem_comp_bond.pdbx_aromatic_flag 
_chem_comp_bond.pdbx_stereo_config 
_chem_comp_bond.pdbx_ordinal 
DA  OP3   P      sing N N 1   
DA  OP3   HOP3   sing N N 2   
DA  P     OP1    doub N N 3   
DA  P     OP2    sing N N 4   
DA  P     "O5'"  sing N N 5   
DA  OP2   HOP2   sing N N 6   
DA  "O5'" "C5'"  sing N N 7   
DA  "C5'" "C4'"  sing N N 8   
DA  "C5'" "H5'"  sing N N 9   
DA  "C5'" "H5''" sing N N 10  
DA  "C4'" "O4'"  sing N N 11  
DA  "C4'" "C3'"  sing N N 12  
DA  "C4'" "H4'"  sing N N 13  
DA  "O4'" "C1'"  sing N N 14  
DA  "C3'" "O3'"  sing N N 15  
DA  "C3'" "C2'"  sing N N 16  
DA  "C3'" "H3'"  sing N N 17  
DA  "O3'" "HO3'" sing N N 18  
DA  "C2'" "C1'"  sing N N 19  
DA  "C2'" "H2'"  sing N N 20  
DA  "C2'" "H2''" sing N N 21  
DA  "C1'" N9     sing N N 22  
DA  "C1'" "H1'"  sing N N 23  
DA  N9    C8     sing Y N 24  
DA  N9    C4     sing Y N 25  
DA  C8    N7     doub Y N 26  
DA  C8    H8     sing N N 27  
DA  N7    C5     sing Y N 28  
DA  C5    C6     sing Y N 29  
DA  C5    C4     doub Y N 30  
DA  C6    N6     sing N N 31  
DA  C6    N1     doub Y N 32  
DA  N6    H61    sing N N 33  
DA  N6    H62    sing N N 34  
DA  N1    C2     sing Y N 35  
DA  C2    N3     doub Y N 36  
DA  C2    H2     sing N N 37  
DA  N3    C4     sing Y N 38  
DC  OP3   P      sing N N 39  
DC  OP3   HOP3   sing N N 40  
DC  P     OP1    doub N N 41  
DC  P     OP2    sing N N 42  
DC  P     "O5'"  sing N N 43  
DC  OP2   HOP2   sing N N 44  
DC  "O5'" "C5'"  sing N N 45  
DC  "C5'" "C4'"  sing N N 46  
DC  "C5'" "H5'"  sing N N 47  
DC  "C5'" "H5''" sing N N 48  
DC  "C4'" "O4'"  sing N N 49  
DC  "C4'" "C3'"  sing N N 50  
DC  "C4'" "H4'"  sing N N 51  
DC  "O4'" "C1'"  sing N N 52  
DC  "C3'" "O3'"  sing N N 53  
DC  "C3'" "C2'"  sing N N 54  
DC  "C3'" "H3'"  sing N N 55  
DC  "O3'" "HO3'" sing N N 56  
DC  "C2'" "C1'"  sing N N 57  
DC  "C2'" "H2'"  sing N N 58  
DC  "C2'" "H2''" sing N N 59  
DC  "C1'" N1     sing N N 60  
DC  "C1'" "H1'"  sing N N 61  
DC  N1    C2     sing N N 62  
DC  N1    C6     sing N N 63  
DC  C2    O2     doub N N 64  
DC  C2    N3     sing N N 65  
DC  N3    C4     doub N N 66  
DC  C4    N4     sing N N 67  
DC  C4    C5     sing N N 68  
DC  N4    H41    sing N N 69  
DC  N4    H42    sing N N 70  
DC  C5    C6     doub N N 71  
DC  C5    H5     sing N N 72  
DC  C6    H6     sing N N 73  
DG  OP3   P      sing N N 74  
DG  OP3   HOP3   sing N N 75  
DG  P     OP1    doub N N 76  
DG  P     OP2    sing N N 77  
DG  P     "O5'"  sing N N 78  
DG  OP2   HOP2   sing N N 79  
DG  "O5'" "C5'"  sing N N 80  
DG  "C5'" "C4'"  sing N N 81  
DG  "C5'" "H5'"  sing N N 82  
DG  "C5'" "H5''" sing N N 83  
DG  "C4'" "O4'"  sing N N 84  
DG  "C4'" "C3'"  sing N N 85  
DG  "C4'" "H4'"  sing N N 86  
DG  "O4'" "C1'"  sing N N 87  
DG  "C3'" "O3'"  sing N N 88  
DG  "C3'" "C2'"  sing N N 89  
DG  "C3'" "H3'"  sing N N 90  
DG  "O3'" "HO3'" sing N N 91  
DG  "C2'" "C1'"  sing N N 92  
DG  "C2'" "H2'"  sing N N 93  
DG  "C2'" "H2''" sing N N 94  
DG  "C1'" N9     sing N N 95  
DG  "C1'" "H1'"  sing N N 96  
DG  N9    C8     sing Y N 97  
DG  N9    C4     sing Y N 98  
DG  C8    N7     doub Y N 99  
DG  C8    H8     sing N N 100 
DG  N7    C5     sing Y N 101 
DG  C5    C6     sing N N 102 
DG  C5    C4     doub Y N 103 
DG  C6    O6     doub N N 104 
DG  C6    N1     sing N N 105 
DG  N1    C2     sing N N 106 
DG  N1    H1     sing N N 107 
DG  C2    N2     sing N N 108 
DG  C2    N3     doub N N 109 
DG  N2    H21    sing N N 110 
DG  N2    H22    sing N N 111 
DG  N3    C4     sing N N 112 
DT  OP3   P      sing N N 113 
DT  OP3   HOP3   sing N N 114 
DT  P     OP1    doub N N 115 
DT  P     OP2    sing N N 116 
DT  P     "O5'"  sing N N 117 
DT  OP2   HOP2   sing N N 118 
DT  "O5'" "C5'"  sing N N 119 
DT  "C5'" "C4'"  sing N N 120 
DT  "C5'" "H5'"  sing N N 121 
DT  "C5'" "H5''" sing N N 122 
DT  "C4'" "O4'"  sing N N 123 
DT  "C4'" "C3'"  sing N N 124 
DT  "C4'" "H4'"  sing N N 125 
DT  "O4'" "C1'"  sing N N 126 
DT  "C3'" "O3'"  sing N N 127 
DT  "C3'" "C2'"  sing N N 128 
DT  "C3'" "H3'"  sing N N 129 
DT  "O3'" "HO3'" sing N N 130 
DT  "C2'" "C1'"  sing N N 131 
DT  "C2'" "H2'"  sing N N 132 
DT  "C2'" "H2''" sing N N 133 
DT  "C1'" N1     sing N N 134 
DT  "C1'" "H1'"  sing N N 135 
DT  N1    C2     sing N N 136 
DT  N1    C6     sing N N 137 
DT  C2    O2     doub N N 138 
DT  C2    N3     sing N N 139 
DT  N3    C4     sing N N 140 
DT  N3    H3     sing N N 141 
DT  C4    O4     doub N N 142 
DT  C4    C5     sing N N 143 
DT  C5    C7     sing N N 144 
DT  C5    C6     doub N N 145 
DT  C7    H71    sing N N 146 
DT  C7    H72    sing N N 147 
DT  C7    H73    sing N N 148 
DT  C6    H6     sing N N 149 
HOH O     H1     sing N N 150 
HOH O     H2     sing N N 151 
N3D N1    C2     sing N N 152 
N3D C2    C3     sing N N 153 
N3D C3    C4     sing N N 154 
N3D C4    N5     sing N N 155 
N3D N5    C6     sing N N 156 
N3D N1    HN1    sing N N 157 
N3D N1    HN1A   sing N N 158 
N3D C2    H2     sing N N 159 
N3D C2    H2A    sing N N 160 
N3D C3    H3     sing N N 161 
N3D C3    H3A    sing N N 162 
N3D C4    H4     sing N N 163 
N3D C4    H4A    sing N N 164 
N3D N5    HN5    sing N N 165 
N3D C6    H6     sing N N 166 
N3D C6    H6A    sing N N 167 
N3D C6    H6B    sing N N 168 
USM P     OP2    sing N N 169 
USM OP2   HOP2   sing N N 170 
USM OP1   P      doub N N 171 
USM "O5'" P      sing N N 172 
USM P     OP3    sing N N 173 
USM OP3   HOP3   sing N N 174 
USM "C5'" "O5'"  sing N N 175 
USM C6    N1     sing N N 176 
USM N1    C2     sing N N 177 
USM N1    "C1'"  sing N N 178 
USM C5    C6     doub N N 179 
USM C6    H6     sing N N 180 
USM N3    C2     sing N N 181 
USM C2    O2     doub N N 182 
USM C4    N3     sing N N 183 
USM C5    C4     sing N N 184 
USM O4    C4     doub N N 185 
USM C5    H5     sing N N 186 
USM "C3'" "C2'"  sing N N 187 
USM "C2'" "C1'"  sing N N 188 
USM "C2'" "S2'"  sing N N 189 
USM "C2'" "H2'"  sing N N 190 
USM "S2'" C2A    sing N N 191 
USM C2A   H2A    sing N N 192 
USM C2A   H2AA   sing N N 193 
USM C2A   H2AB   sing N N 194 
USM "C5'" "C4'"  sing N N 195 
USM "C5'" "H5'"  sing N N 196 
USM "C5'" "H5'A" sing N N 197 
USM "C3'" "C4'"  sing N N 198 
USM "C4'" "O4'"  sing N N 199 
USM "C4'" "H4'"  sing N N 200 
USM "O4'" "C1'"  sing N N 201 
USM "C1'" "H1'"  sing N N 202 
USM "O3'" "C3'"  sing N N 203 
USM "C3'" "H3'"  sing N N 204 
USM "O3'" "HO3'" sing N N 205 
USM N3    HN3    sing N N 206 
# 
_ndb_struct_conf_na.entry_id   3EY2 
_ndb_struct_conf_na.feature    'a-form double helix' 
# 
loop_
_ndb_struct_na_base_pair.model_number 
_ndb_struct_na_base_pair.i_label_asym_id 
_ndb_struct_na_base_pair.i_label_comp_id 
_ndb_struct_na_base_pair.i_label_seq_id 
_ndb_struct_na_base_pair.i_symmetry 
_ndb_struct_na_base_pair.j_label_asym_id 
_ndb_struct_na_base_pair.j_label_comp_id 
_ndb_struct_na_base_pair.j_label_seq_id 
_ndb_struct_na_base_pair.j_symmetry 
_ndb_struct_na_base_pair.shear 
_ndb_struct_na_base_pair.stretch 
_ndb_struct_na_base_pair.stagger 
_ndb_struct_na_base_pair.buckle 
_ndb_struct_na_base_pair.propeller 
_ndb_struct_na_base_pair.opening 
_ndb_struct_na_base_pair.pair_number 
_ndb_struct_na_base_pair.pair_name 
_ndb_struct_na_base_pair.i_auth_asym_id 
_ndb_struct_na_base_pair.i_auth_seq_id 
_ndb_struct_na_base_pair.i_PDB_ins_code 
_ndb_struct_na_base_pair.j_auth_asym_id 
_ndb_struct_na_base_pair.j_auth_seq_id 
_ndb_struct_na_base_pair.j_PDB_ins_code 
_ndb_struct_na_base_pair.hbond_type_28 
_ndb_struct_na_base_pair.hbond_type_12 
1 A DG  1  1_555 B DC  10 1_555 -0.307 -0.127 0.210  4.374  -5.268  -1.586 1  A_DG101:DC210_B  A 101 ? B 210 ? 19 1 
1 A DC  2  1_555 B DG  9  1_555 0.103  -0.121 0.202  4.341  -13.352 -0.694 2  A_DC102:DG209_B  A 102 ? B 209 ? 19 1 
1 A DG  3  1_555 B DC  8  1_555 -0.289 -0.102 -0.031 -8.607 -16.022 0.019  3  A_DG103:DC208_B  A 103 ? B 208 ? 19 1 
1 A DT  4  1_555 B DA  7  1_555 -0.167 -0.110 -0.008 -3.974 -17.836 -2.069 4  A_DT104:DA207_B  A 104 ? B 207 ? 20 1 
1 A DA  5  1_555 B USM 6  1_555 0.135  -0.074 0.114  -2.938 -14.904 -4.766 5  A_DA105:USM206_B A 105 ? B 206 ? 20 1 
1 A USM 6  1_555 B DA  5  1_555 -0.073 -0.043 0.283  1.899  -13.595 7.173  6  A_USM106:DA205_B A 106 ? B 205 ? 20 1 
1 A DA  7  1_555 B DT  4  1_555 0.009  -0.102 0.029  5.652  -8.000  3.334  7  A_DA107:DT204_B  A 107 ? B 204 ? 20 1 
1 A DC  8  1_555 B DG  3  1_555 0.225  -0.130 -0.141 9.909  -10.091 0.245  8  A_DC108:DG203_B  A 108 ? B 203 ? 19 1 
1 A DG  9  1_555 B DC  2  1_555 -0.199 -0.165 -0.043 -7.262 -9.348  0.482  9  A_DG109:DC202_B  A 109 ? B 202 ? 19 1 
1 A DC  10 1_555 B DG  1  1_555 0.194  -0.086 0.179  -3.861 5.320   -0.358 10 A_DC110:DG201_B  A 110 ? B 201 ? 19 1 
# 
loop_
_ndb_struct_na_base_pair_step.model_number 
_ndb_struct_na_base_pair_step.i_label_asym_id_1 
_ndb_struct_na_base_pair_step.i_label_comp_id_1 
_ndb_struct_na_base_pair_step.i_label_seq_id_1 
_ndb_struct_na_base_pair_step.i_symmetry_1 
_ndb_struct_na_base_pair_step.j_label_asym_id_1 
_ndb_struct_na_base_pair_step.j_label_comp_id_1 
_ndb_struct_na_base_pair_step.j_label_seq_id_1 
_ndb_struct_na_base_pair_step.j_symmetry_1 
_ndb_struct_na_base_pair_step.i_label_asym_id_2 
_ndb_struct_na_base_pair_step.i_label_comp_id_2 
_ndb_struct_na_base_pair_step.i_label_seq_id_2 
_ndb_struct_na_base_pair_step.i_symmetry_2 
_ndb_struct_na_base_pair_step.j_label_asym_id_2 
_ndb_struct_na_base_pair_step.j_label_comp_id_2 
_ndb_struct_na_base_pair_step.j_label_seq_id_2 
_ndb_struct_na_base_pair_step.j_symmetry_2 
_ndb_struct_na_base_pair_step.shift 
_ndb_struct_na_base_pair_step.slide 
_ndb_struct_na_base_pair_step.rise 
_ndb_struct_na_base_pair_step.tilt 
_ndb_struct_na_base_pair_step.roll 
_ndb_struct_na_base_pair_step.twist 
_ndb_struct_na_base_pair_step.x_displacement 
_ndb_struct_na_base_pair_step.y_displacement 
_ndb_struct_na_base_pair_step.helical_rise 
_ndb_struct_na_base_pair_step.inclination 
_ndb_struct_na_base_pair_step.tip 
_ndb_struct_na_base_pair_step.helical_twist 
_ndb_struct_na_base_pair_step.step_number 
_ndb_struct_na_base_pair_step.step_name 
_ndb_struct_na_base_pair_step.i_auth_asym_id_1 
_ndb_struct_na_base_pair_step.i_auth_seq_id_1 
_ndb_struct_na_base_pair_step.i_PDB_ins_code_1 
_ndb_struct_na_base_pair_step.j_auth_asym_id_1 
_ndb_struct_na_base_pair_step.j_auth_seq_id_1 
_ndb_struct_na_base_pair_step.j_PDB_ins_code_1 
_ndb_struct_na_base_pair_step.i_auth_asym_id_2 
_ndb_struct_na_base_pair_step.i_auth_seq_id_2 
_ndb_struct_na_base_pair_step.i_PDB_ins_code_2 
_ndb_struct_na_base_pair_step.j_auth_asym_id_2 
_ndb_struct_na_base_pair_step.j_auth_seq_id_2 
_ndb_struct_na_base_pair_step.j_PDB_ins_code_2 
1 A DG  1 1_555 B DC  10 1_555 A DC  2  1_555 B DG  9 1_555 0.206  -1.472 3.267 0.726  0.118  40.231 -2.153 -0.217 3.266 0.171  
-1.055 40.238 1 AA_DG101DC102:DG209DC210_BB   A 101 ? B 210 ? A 102 ? B 209 ? 
1 A DC  2 1_555 B DG  9  1_555 A DG  3  1_555 B DC  8 1_555 0.170  -2.118 3.450 1.647  9.624  26.002 -6.608 0.020  2.526 20.492 
-3.507 27.746 2 AA_DC102DG103:DC208DG209_BB   A 102 ? B 209 ? A 103 ? B 208 ? 
1 A DG  3 1_555 B DC  8  1_555 A DT  4  1_555 B DA  7 1_555 -1.055 -1.343 2.993 -2.218 6.019  38.116 -2.693 1.351  2.811 9.137  
3.367  38.633 3 AA_DG103DT104:DA207DC208_BB   A 103 ? B 208 ? A 104 ? B 207 ? 
1 A DT  4 1_555 B DA  7  1_555 A DA  5  1_555 B USM 6 1_555 0.555  -1.460 3.155 1.740  19.414 26.765 -5.321 -0.730 1.756 36.432 
-3.266 33.005 4 AA_DT104DA105:USM206DA207_BB  A 104 ? B 207 ? A 105 ? B 206 ? 
1 A DA  5 1_555 B USM 6  1_555 A USM 6  1_555 B DA  5 1_555 0.960  -1.148 3.089 -0.014 9.251  32.691 -3.300 -1.646 2.673 16.039 
0.024  33.941 5 AA_DA105USM106:DA205USM206_BB A 105 ? B 206 ? A 106 ? B 205 ? 
1 A USM 6 1_555 B DA  5  1_555 A DA  7  1_555 B DT  4 1_555 -0.211 -1.415 2.983 -0.036 13.454 30.973 -4.251 0.358  2.197 23.834 
0.064  33.703 6 AA_USM106DA107:DT204DA205_BB  A 106 ? B 205 ? A 107 ? B 204 ? 
1 A DA  7 1_555 B DT  4  1_555 A DC  8  1_555 B DG  3 1_555 -0.176 -2.057 3.286 -0.487 3.568  28.390 -4.944 0.250  3.013 7.237  
0.988  28.613 7 AA_DA107DC108:DG203DT204_BB   A 107 ? B 204 ? A 108 ? B 203 ? 
1 A DC  8 1_555 B DG  3  1_555 A DG  9  1_555 B DC  2 1_555 -0.411 -2.050 3.583 -1.380 11.451 29.571 -5.835 0.502  2.642 21.436 
2.583  31.694 8 AA_DC108DG109:DC202DG203_BB   A 108 ? B 203 ? A 109 ? B 202 ? 
1 A DG  9 1_555 B DC  2  1_555 A DC  10 1_555 B DG  1 1_555 0.195  -1.821 3.330 0.252  0.707  35.019 -3.134 -0.286 3.295 1.175  
-0.418 35.027 9 AA_DG109DC110:DG201DC202_BB   A 109 ? B 202 ? A 110 ? B 201 ? 
# 
loop_
_pdbx_entity_nonpoly.entity_id 
_pdbx_entity_nonpoly.name 
_pdbx_entity_nonpoly.comp_id 
2 N-methylpropane-1,3-diamine N3D 
3 water                       HOH 
# 
_pdbx_initial_refinement_model.id               1 
_pdbx_initial_refinement_model.entity_id_list   ? 
_pdbx_initial_refinement_model.type             'experimental model' 
_pdbx_initial_refinement_model.source_name      PDB 
_pdbx_initial_refinement_model.accession_code   411D 
_pdbx_initial_refinement_model.details          'PDB Entry 411D' 
# 
